data_5W8Y
#
_entry.id   5W8Y
#
_entity_poly.entity_id   1
_entity_poly.type   'polypeptide(L)'
_entity_poly.pdbx_seq_one_letter_code
;MNAIDIAINKLGSVSALAAALGVNQSAISQWRARGRVPAGRCIDIELYTDGRVECRELRPDVFGALEHHHHHH
;
_entity_poly.pdbx_strand_id   A
#
# COMPACT_ATOMS: atom_id res chain seq x y z
N MET A 1 2.45 8.95 -9.56
CA MET A 1 1.14 8.45 -9.10
C MET A 1 1.19 6.91 -9.00
N ASN A 2 0.84 6.38 -7.82
CA ASN A 2 0.69 4.93 -7.59
C ASN A 2 -0.34 4.71 -6.49
N ALA A 3 -0.78 3.44 -6.36
CA ALA A 3 -1.74 3.00 -5.37
C ALA A 3 -1.37 3.46 -3.94
N ILE A 4 -0.10 3.27 -3.58
CA ILE A 4 0.39 3.55 -2.22
C ILE A 4 0.23 5.06 -1.91
N ASP A 5 0.50 5.89 -2.94
CA ASP A 5 0.43 7.36 -2.87
C ASP A 5 -1.02 7.84 -2.73
N ILE A 6 -1.89 7.31 -3.59
CA ILE A 6 -3.31 7.68 -3.64
C ILE A 6 -4.03 7.27 -2.34
N ALA A 7 -3.52 6.22 -1.69
CA ALA A 7 -4.03 5.77 -0.39
C ALA A 7 -3.58 6.73 0.74
N ILE A 8 -2.40 7.35 0.59
CA ILE A 8 -1.93 8.45 1.49
C ILE A 8 -2.89 9.64 1.38
N ASN A 9 -3.19 10.03 0.12
CA ASN A 9 -4.10 11.15 -0.19
C ASN A 9 -5.51 10.88 0.37
N LYS A 10 -6.00 9.63 0.18
CA LYS A 10 -7.37 9.24 0.54
C LYS A 10 -7.53 9.29 2.06
N LEU A 11 -6.62 8.63 2.80
CA LEU A 11 -6.68 8.57 4.27
C LEU A 11 -6.20 9.89 4.91
N GLY A 12 -5.54 10.74 4.11
CA GLY A 12 -5.14 12.08 4.53
C GLY A 12 -3.69 12.15 5.01
N SER A 13 -3.03 10.99 5.24
CA SER A 13 -1.65 10.95 5.77
C SER A 13 -1.05 9.53 5.69
N VAL A 14 0.27 9.47 5.90
CA VAL A 14 1.06 8.23 5.95
C VAL A 14 0.97 7.58 7.34
N SER A 15 0.76 8.41 8.38
CA SER A 15 0.60 7.91 9.76
C SER A 15 -0.76 7.20 9.89
N ALA A 16 -1.80 7.77 9.26
CA ALA A 16 -3.13 7.12 9.16
C ALA A 16 -3.04 5.84 8.29
N LEU A 17 -2.33 5.96 7.15
CA LEU A 17 -2.19 4.86 6.18
C LEU A 17 -1.47 3.64 6.79
N ALA A 18 -0.35 3.93 7.47
CA ALA A 18 0.52 2.91 8.06
C ALA A 18 -0.12 2.25 9.28
N ALA A 19 -0.92 3.05 10.03
CA ALA A 19 -1.70 2.54 11.17
C ALA A 19 -2.76 1.54 10.69
N ALA A 20 -3.35 1.84 9.52
CA ALA A 20 -4.38 1.00 8.88
C ALA A 20 -3.78 -0.29 8.28
N LEU A 21 -2.59 -0.15 7.68
CA LEU A 21 -1.88 -1.26 7.01
C LEU A 21 -1.08 -2.13 7.99
N GLY A 22 -0.87 -1.60 9.21
CA GLY A 22 -0.13 -2.32 10.26
C GLY A 22 1.38 -2.34 10.02
N VAL A 23 1.89 -1.21 9.49
CA VAL A 23 3.34 -0.97 9.28
C VAL A 23 3.71 0.41 9.84
N ASN A 24 5.00 0.83 9.70
CA ASN A 24 5.45 2.16 10.12
C ASN A 24 5.40 3.14 8.94
N GLN A 25 5.55 4.44 9.28
CA GLN A 25 5.52 5.55 8.30
C GLN A 25 6.60 5.38 7.21
N SER A 26 7.77 4.87 7.62
CA SER A 26 8.90 4.63 6.72
C SER A 26 8.57 3.53 5.69
N ALA A 27 7.91 2.44 6.12
CA ALA A 27 7.54 1.31 5.23
C ALA A 27 6.71 1.79 4.02
N ILE A 28 5.77 2.71 4.31
CA ILE A 28 4.91 3.34 3.28
C ILE A 28 5.75 4.12 2.25
N SER A 29 6.73 4.87 2.77
CA SER A 29 7.64 5.69 1.94
C SER A 29 8.47 4.79 1.01
N GLN A 30 8.95 3.65 1.55
CA GLN A 30 9.67 2.63 0.77
C GLN A 30 8.75 2.06 -0.32
N TRP A 31 7.51 1.69 0.05
CA TRP A 31 6.53 1.04 -0.86
C TRP A 31 6.12 1.96 -2.02
N ARG A 32 6.01 3.27 -1.73
CA ARG A 32 5.59 4.29 -2.70
C ARG A 32 6.72 4.51 -3.70
N ALA A 33 7.96 4.55 -3.19
CA ALA A 33 9.17 4.75 -4.02
C ALA A 33 9.55 3.45 -4.74
N ARG A 34 9.07 2.31 -4.22
CA ARG A 34 9.27 0.98 -4.80
C ARG A 34 8.28 0.76 -5.96
N GLY A 35 7.08 1.35 -5.83
CA GLY A 35 6.02 1.28 -6.84
C GLY A 35 5.13 0.04 -6.67
N ARG A 36 5.38 -0.73 -5.59
CA ARG A 36 4.63 -1.95 -5.28
C ARG A 36 4.72 -2.21 -3.76
N VAL A 37 3.82 -3.06 -3.26
CA VAL A 37 3.82 -3.49 -1.85
C VAL A 37 4.12 -5.00 -1.75
N PRO A 38 4.63 -5.48 -0.57
CA PRO A 38 4.74 -6.93 -0.24
C PRO A 38 3.42 -7.72 -0.38
N ALA A 39 3.55 -9.05 -0.43
CA ALA A 39 2.43 -9.97 -0.63
C ALA A 39 1.40 -9.89 0.53
N GLY A 40 0.14 -9.55 0.18
CA GLY A 40 -0.96 -9.44 1.13
C GLY A 40 -0.98 -8.09 1.84
N ARG A 41 -1.27 -7.02 1.08
CA ARG A 41 -1.41 -5.66 1.63
C ARG A 41 -2.06 -4.69 0.64
N CYS A 42 -1.85 -4.99 -0.65
CA CYS A 42 -2.44 -4.20 -1.76
C CYS A 42 -3.97 -4.20 -1.70
N ILE A 43 -4.54 -5.25 -1.09
CA ILE A 43 -6.00 -5.40 -0.86
C ILE A 43 -6.56 -4.16 -0.14
N ASP A 44 -5.88 -3.76 0.92
CA ASP A 44 -6.30 -2.66 1.78
C ASP A 44 -6.12 -1.33 1.04
N ILE A 45 -4.92 -1.13 0.47
CA ILE A 45 -4.59 0.05 -0.35
C ILE A 45 -5.58 0.19 -1.54
N GLU A 46 -6.03 -0.94 -2.09
CA GLU A 46 -6.92 -0.98 -3.26
C GLU A 46 -8.36 -0.58 -2.88
N LEU A 47 -8.72 -0.76 -1.60
CA LEU A 47 -9.96 -0.19 -1.03
C LEU A 47 -9.92 1.34 -1.18
N TYR A 48 -8.75 1.92 -0.86
CA TYR A 48 -8.57 3.39 -0.77
C TYR A 48 -8.31 3.99 -2.18
N THR A 49 -7.92 3.12 -3.14
CA THR A 49 -7.61 3.53 -4.54
C THR A 49 -8.55 2.86 -5.55
N ASP A 50 -9.72 2.45 -5.03
CA ASP A 50 -10.72 1.57 -5.68
C ASP A 50 -11.01 1.90 -7.17
N GLY A 51 -11.25 3.18 -7.47
CA GLY A 51 -11.53 3.65 -8.84
C GLY A 51 -10.60 4.77 -9.28
N ARG A 52 -9.54 5.00 -8.47
CA ARG A 52 -8.54 6.05 -8.71
C ARG A 52 -7.37 5.48 -9.52
N VAL A 53 -6.81 4.37 -9.03
CA VAL A 53 -5.70 3.64 -9.68
C VAL A 53 -5.75 2.16 -9.26
N GLU A 54 -5.53 1.24 -10.22
CA GLU A 54 -5.46 -0.19 -9.91
C GLU A 54 -4.18 -0.50 -9.11
N CYS A 55 -4.33 -1.26 -8.03
CA CYS A 55 -3.25 -1.59 -7.11
C CYS A 55 -2.66 -2.98 -7.42
N ARG A 56 -1.36 -3.17 -7.11
CA ARG A 56 -0.68 -4.48 -7.28
C ARG A 56 0.31 -4.74 -6.12
N GLU A 57 0.31 -5.99 -5.63
CA GLU A 57 1.25 -6.52 -4.63
C GLU A 57 2.14 -7.57 -5.28
N LEU A 58 3.24 -7.90 -4.59
CA LEU A 58 4.12 -9.01 -4.96
C LEU A 58 3.43 -10.33 -4.62
N ARG A 59 3.79 -11.39 -5.33
CA ARG A 59 3.24 -12.74 -5.07
C ARG A 59 4.10 -13.42 -3.97
N PRO A 60 3.53 -14.40 -3.20
CA PRO A 60 4.22 -15.01 -2.03
C PRO A 60 5.56 -15.65 -2.40
N ASP A 61 6.59 -15.21 -1.70
CA ASP A 61 7.99 -15.67 -1.89
C ASP A 61 8.24 -16.84 -0.94
N VAL A 62 8.34 -16.53 0.37
CA VAL A 62 8.53 -17.54 1.43
C VAL A 62 7.15 -18.08 1.84
N PHE A 63 6.26 -17.15 2.27
CA PHE A 63 4.87 -17.40 2.71
C PHE A 63 4.80 -18.33 3.93
N GLY A 64 4.96 -19.62 3.69
CA GLY A 64 4.83 -20.65 4.72
C GLY A 64 4.68 -22.02 4.07
N ALA A 65 4.34 -23.02 4.90
CA ALA A 65 4.13 -24.42 4.49
C ALA A 65 5.41 -25.04 3.87
N MET A 1 2.50 9.60 -8.44
CA MET A 1 1.19 9.30 -7.82
C MET A 1 0.79 7.85 -8.10
N ASN A 2 1.40 6.92 -7.33
CA ASN A 2 1.06 5.47 -7.38
C ASN A 2 -0.07 5.16 -6.39
N ALA A 3 -0.53 3.90 -6.43
CA ALA A 3 -1.61 3.38 -5.56
C ALA A 3 -1.34 3.70 -4.07
N ILE A 4 -0.09 3.47 -3.64
CA ILE A 4 0.33 3.67 -2.24
C ILE A 4 0.16 5.16 -1.86
N ASP A 5 0.47 6.04 -2.83
CA ASP A 5 0.40 7.51 -2.66
C ASP A 5 -1.06 8.01 -2.63
N ILE A 6 -1.88 7.50 -3.56
CA ILE A 6 -3.29 7.90 -3.68
C ILE A 6 -4.07 7.49 -2.39
N ALA A 7 -3.62 6.39 -1.76
CA ALA A 7 -4.15 5.92 -0.47
C ALA A 7 -3.82 6.90 0.69
N ILE A 8 -2.60 7.49 0.64
CA ILE A 8 -2.16 8.54 1.59
C ILE A 8 -3.12 9.74 1.54
N ASN A 9 -3.42 10.18 0.31
CA ASN A 9 -4.30 11.34 0.05
C ASN A 9 -5.75 11.06 0.46
N LYS A 10 -6.18 9.80 0.32
CA LYS A 10 -7.57 9.40 0.63
C LYS A 10 -7.79 9.43 2.15
N LEU A 11 -6.86 8.84 2.90
CA LEU A 11 -6.96 8.76 4.38
C LEU A 11 -6.59 10.10 5.02
N GLY A 12 -5.77 10.90 4.31
CA GLY A 12 -5.35 12.22 4.78
C GLY A 12 -3.89 12.24 5.23
N SER A 13 -3.37 11.06 5.67
CA SER A 13 -1.99 10.96 6.19
C SER A 13 -1.43 9.53 6.05
N VAL A 14 -0.09 9.43 6.17
CA VAL A 14 0.64 8.16 6.22
C VAL A 14 0.52 7.55 7.62
N SER A 15 0.43 8.41 8.65
CA SER A 15 0.28 7.96 10.04
C SER A 15 -0.99 7.10 10.20
N ALA A 16 -2.05 7.50 9.47
CA ALA A 16 -3.31 6.76 9.38
C ALA A 16 -3.16 5.51 8.48
N LEU A 17 -2.44 5.70 7.34
CA LEU A 17 -2.27 4.64 6.32
C LEU A 17 -1.49 3.43 6.88
N ALA A 18 -0.27 3.70 7.35
CA ALA A 18 0.62 2.72 7.99
C ALA A 18 -0.02 2.04 9.21
N ALA A 19 -0.83 2.81 9.98
CA ALA A 19 -1.59 2.27 11.12
C ALA A 19 -2.60 1.19 10.66
N ALA A 20 -3.21 1.40 9.48
CA ALA A 20 -4.17 0.45 8.86
C ALA A 20 -3.43 -0.71 8.16
N LEU A 21 -2.21 -0.43 7.67
CA LEU A 21 -1.39 -1.40 6.90
C LEU A 21 -0.41 -2.18 7.81
N GLY A 22 -0.40 -1.82 9.11
CA GLY A 22 0.36 -2.55 10.13
C GLY A 22 1.88 -2.41 9.98
N VAL A 23 2.30 -1.26 9.44
CA VAL A 23 3.72 -0.93 9.22
C VAL A 23 4.06 0.43 9.85
N ASN A 24 5.35 0.81 9.72
CA ASN A 24 5.82 2.14 10.08
C ASN A 24 5.68 3.10 8.89
N GLN A 25 5.89 4.38 9.16
CA GLN A 25 5.61 5.48 8.22
C GLN A 25 6.64 5.49 7.07
N SER A 26 7.86 5.02 7.42
CA SER A 26 8.97 4.85 6.50
C SER A 26 8.64 3.79 5.44
N ALA A 27 8.04 2.65 5.88
CA ALA A 27 7.72 1.49 5.00
C ALA A 27 6.76 1.88 3.87
N ILE A 28 5.84 2.81 4.18
CA ILE A 28 4.90 3.37 3.19
C ILE A 28 5.68 4.12 2.10
N SER A 29 6.60 4.97 2.55
CA SER A 29 7.49 5.74 1.68
C SER A 29 8.39 4.81 0.82
N GLN A 30 8.79 3.66 1.40
CA GLN A 30 9.63 2.65 0.71
C GLN A 30 8.81 1.97 -0.39
N TRP A 31 7.53 1.67 -0.09
CA TRP A 31 6.58 1.06 -1.04
C TRP A 31 6.24 2.03 -2.17
N ARG A 32 6.21 3.32 -1.83
CA ARG A 32 5.86 4.40 -2.75
C ARG A 32 7.06 4.72 -3.67
N ALA A 33 8.27 4.45 -3.22
CA ALA A 33 9.48 4.59 -4.05
C ALA A 33 9.71 3.32 -4.88
N ARG A 34 9.23 2.20 -4.34
CA ARG A 34 9.34 0.87 -4.95
C ARG A 34 8.31 0.69 -6.08
N GLY A 35 7.15 1.34 -5.89
CA GLY A 35 5.99 1.21 -6.78
C GLY A 35 5.22 -0.10 -6.54
N ARG A 36 5.72 -0.90 -5.58
CA ARG A 36 5.24 -2.26 -5.29
C ARG A 36 5.13 -2.43 -3.77
N VAL A 37 4.09 -3.13 -3.31
CA VAL A 37 3.91 -3.51 -1.90
C VAL A 37 4.06 -5.05 -1.77
N PRO A 38 4.41 -5.57 -0.57
CA PRO A 38 4.32 -7.02 -0.25
C PRO A 38 2.90 -7.59 -0.36
N ALA A 39 2.81 -8.93 -0.38
CA ALA A 39 1.54 -9.67 -0.50
C ALA A 39 0.49 -9.27 0.59
N GLY A 40 -0.80 -9.38 0.22
CA GLY A 40 -1.92 -9.11 1.12
C GLY A 40 -1.96 -7.68 1.67
N ARG A 41 -1.55 -6.68 0.87
CA ARG A 41 -1.48 -5.27 1.34
C ARG A 41 -2.08 -4.29 0.33
N CYS A 42 -1.92 -4.59 -0.96
CA CYS A 42 -2.59 -3.81 -2.03
C CYS A 42 -4.11 -3.99 -1.97
N ILE A 43 -4.58 -5.05 -1.27
CA ILE A 43 -6.00 -5.25 -0.95
C ILE A 43 -6.55 -4.01 -0.20
N ASP A 44 -5.83 -3.63 0.86
CA ASP A 44 -6.22 -2.49 1.72
C ASP A 44 -6.07 -1.17 0.96
N ILE A 45 -4.92 -1.00 0.31
CA ILE A 45 -4.60 0.20 -0.46
C ILE A 45 -5.61 0.40 -1.64
N GLU A 46 -6.16 -0.71 -2.17
CA GLU A 46 -7.13 -0.68 -3.28
C GLU A 46 -8.55 -0.31 -2.79
N LEU A 47 -8.80 -0.47 -1.48
CA LEU A 47 -9.99 0.12 -0.83
C LEU A 47 -9.91 1.66 -0.96
N TYR A 48 -8.70 2.19 -0.71
CA TYR A 48 -8.46 3.65 -0.67
C TYR A 48 -8.15 4.20 -2.08
N THR A 49 -7.90 3.29 -3.04
CA THR A 49 -7.74 3.64 -4.47
C THR A 49 -8.86 2.93 -5.26
N ASP A 50 -10.09 3.06 -4.71
CA ASP A 50 -11.32 2.33 -5.10
C ASP A 50 -11.52 2.15 -6.63
N GLY A 51 -11.26 3.21 -7.39
CA GLY A 51 -11.34 3.14 -8.87
C GLY A 51 -10.35 4.09 -9.52
N ARG A 52 -9.21 4.28 -8.84
CA ARG A 52 -8.17 5.22 -9.28
C ARG A 52 -7.14 4.51 -10.16
N VAL A 53 -6.60 3.42 -9.62
CA VAL A 53 -5.55 2.63 -10.26
C VAL A 53 -5.60 1.18 -9.72
N GLU A 54 -5.15 0.23 -10.55
CA GLU A 54 -4.90 -1.14 -10.13
C GLU A 54 -3.73 -1.16 -9.12
N CYS A 55 -4.02 -1.50 -7.86
CA CYS A 55 -3.00 -1.76 -6.86
C CYS A 55 -2.50 -3.20 -7.04
N ARG A 56 -1.17 -3.39 -7.07
CA ARG A 56 -0.54 -4.71 -7.31
C ARG A 56 0.51 -5.00 -6.23
N GLU A 57 0.33 -6.16 -5.58
CA GLU A 57 1.19 -6.63 -4.48
C GLU A 57 2.12 -7.76 -4.95
N LEU A 58 3.20 -7.99 -4.20
CA LEU A 58 4.20 -8.99 -4.53
C LEU A 58 3.87 -10.26 -3.77
N ARG A 59 3.49 -11.31 -4.53
CA ARG A 59 3.05 -12.62 -4.00
C ARG A 59 3.98 -13.17 -2.89
N PRO A 60 3.47 -14.08 -1.99
CA PRO A 60 4.22 -14.57 -0.79
C PRO A 60 5.45 -15.45 -1.15
N ASP A 61 5.71 -15.63 -2.47
CA ASP A 61 6.85 -16.39 -2.98
C ASP A 61 8.13 -15.54 -3.00
N VAL A 62 8.54 -15.09 -1.81
CA VAL A 62 9.80 -14.37 -1.58
C VAL A 62 10.77 -15.23 -0.74
N PHE A 63 10.37 -16.51 -0.50
CA PHE A 63 11.08 -17.48 0.34
C PHE A 63 11.73 -18.59 -0.50
N GLY A 64 12.21 -19.67 0.17
CA GLY A 64 12.85 -20.80 -0.49
C GLY A 64 13.06 -21.96 0.48
N ALA A 65 14.32 -22.18 0.91
CA ALA A 65 14.68 -23.22 1.89
C ALA A 65 14.87 -22.58 3.29
N MET A 1 2.52 9.00 -9.67
CA MET A 1 1.35 8.72 -8.84
C MET A 1 1.02 7.22 -8.89
N ASN A 2 1.31 6.50 -7.81
CA ASN A 2 0.99 5.07 -7.67
C ASN A 2 -0.10 4.89 -6.60
N ALA A 3 -0.63 3.67 -6.55
CA ALA A 3 -1.68 3.27 -5.60
C ALA A 3 -1.32 3.57 -4.14
N ILE A 4 -0.06 3.30 -3.77
CA ILE A 4 0.44 3.50 -2.40
C ILE A 4 0.31 4.99 -2.01
N ASP A 5 0.58 5.88 -3.01
CA ASP A 5 0.48 7.33 -2.84
C ASP A 5 -0.98 7.79 -2.74
N ILE A 6 -1.87 7.24 -3.59
CA ILE A 6 -3.30 7.61 -3.59
C ILE A 6 -3.96 7.24 -2.25
N ALA A 7 -3.57 6.09 -1.68
CA ALA A 7 -4.08 5.65 -0.37
C ALA A 7 -3.68 6.61 0.76
N ILE A 8 -2.47 7.23 0.63
CA ILE A 8 -2.04 8.35 1.51
C ILE A 8 -3.07 9.49 1.45
N ASN A 9 -3.36 9.95 0.22
CA ASN A 9 -4.25 11.10 -0.03
C ASN A 9 -5.69 10.80 0.40
N LYS A 10 -6.09 9.53 0.25
CA LYS A 10 -7.47 9.10 0.49
C LYS A 10 -7.77 9.07 1.99
N LEU A 11 -6.85 8.46 2.77
CA LEU A 11 -7.00 8.38 4.24
C LEU A 11 -6.62 9.71 4.90
N GLY A 12 -5.85 10.54 4.17
CA GLY A 12 -5.47 11.87 4.63
C GLY A 12 -3.99 12.00 4.95
N SER A 13 -3.37 10.89 5.40
CA SER A 13 -1.97 10.89 5.84
C SER A 13 -1.36 9.49 5.76
N VAL A 14 -0.01 9.45 5.82
CA VAL A 14 0.77 8.20 5.91
C VAL A 14 0.70 7.64 7.34
N SER A 15 0.48 8.51 8.32
CA SER A 15 0.35 8.11 9.72
C SER A 15 -0.96 7.31 9.93
N ALA A 16 -2.05 7.75 9.25
CA ALA A 16 -3.33 7.02 9.25
C ALA A 16 -3.25 5.78 8.33
N LEU A 17 -2.52 5.91 7.19
CA LEU A 17 -2.38 4.84 6.21
C LEU A 17 -1.62 3.65 6.80
N ALA A 18 -0.44 3.93 7.36
CA ALA A 18 0.46 2.91 7.93
C ALA A 18 -0.17 2.23 9.16
N ALA A 19 -0.94 3.02 9.94
CA ALA A 19 -1.70 2.49 11.09
C ALA A 19 -2.69 1.40 10.64
N ALA A 20 -3.37 1.68 9.52
CA ALA A 20 -4.33 0.74 8.91
C ALA A 20 -3.61 -0.50 8.35
N LEU A 21 -2.47 -0.27 7.70
CA LEU A 21 -1.67 -1.32 7.02
C LEU A 21 -0.81 -2.14 8.01
N GLY A 22 -0.71 -1.67 9.26
CA GLY A 22 0.03 -2.38 10.31
C GLY A 22 1.54 -2.28 10.15
N VAL A 23 2.00 -1.14 9.61
CA VAL A 23 3.43 -0.81 9.40
C VAL A 23 3.73 0.60 9.92
N ASN A 24 4.99 1.03 9.79
CA ASN A 24 5.40 2.41 10.12
C ASN A 24 5.34 3.31 8.87
N GLN A 25 5.48 4.63 9.10
CA GLN A 25 5.38 5.66 8.04
C GLN A 25 6.49 5.49 6.98
N SER A 26 7.68 5.09 7.45
CA SER A 26 8.87 4.87 6.59
C SER A 26 8.61 3.76 5.55
N ALA A 27 7.91 2.68 5.99
CA ALA A 27 7.60 1.51 5.14
C ALA A 27 6.75 1.91 3.92
N ILE A 28 5.81 2.85 4.14
CA ILE A 28 4.89 3.33 3.10
C ILE A 28 5.67 4.04 1.98
N SER A 29 6.62 4.91 2.38
CA SER A 29 7.49 5.64 1.45
C SER A 29 8.41 4.69 0.66
N GLN A 30 8.76 3.55 1.29
CA GLN A 30 9.56 2.47 0.67
C GLN A 30 8.73 1.73 -0.40
N TRP A 31 7.45 1.47 -0.09
CA TRP A 31 6.51 0.77 -1.00
C TRP A 31 6.15 1.67 -2.19
N ARG A 32 6.07 2.97 -1.90
CA ARG A 32 5.76 4.00 -2.89
C ARG A 32 6.98 4.23 -3.79
N ALA A 33 8.19 4.10 -3.22
CA ALA A 33 9.44 4.22 -3.97
C ALA A 33 9.68 2.95 -4.82
N ARG A 34 9.21 1.81 -4.31
CA ARG A 34 9.25 0.52 -4.99
C ARG A 34 8.21 0.48 -6.11
N GLY A 35 7.10 1.21 -5.91
CA GLY A 35 5.96 1.23 -6.83
C GLY A 35 5.02 0.05 -6.61
N ARG A 36 5.31 -0.76 -5.58
CA ARG A 36 4.59 -2.01 -5.30
C ARG A 36 4.81 -2.40 -3.84
N VAL A 37 3.76 -2.93 -3.19
CA VAL A 37 3.82 -3.37 -1.79
C VAL A 37 4.19 -4.88 -1.71
N PRO A 38 4.81 -5.33 -0.58
CA PRO A 38 4.94 -6.77 -0.25
C PRO A 38 3.59 -7.51 -0.24
N ALA A 39 3.68 -8.86 -0.30
CA ALA A 39 2.52 -9.75 -0.46
C ALA A 39 1.47 -9.60 0.68
N GLY A 40 0.18 -9.64 0.31
CA GLY A 40 -0.94 -9.62 1.27
C GLY A 40 -1.15 -8.29 1.97
N ARG A 41 -1.13 -7.18 1.20
CA ARG A 41 -1.29 -5.82 1.79
C ARG A 41 -2.02 -4.87 0.81
N CYS A 42 -1.89 -5.15 -0.49
CA CYS A 42 -2.55 -4.36 -1.55
C CYS A 42 -4.07 -4.46 -1.48
N ILE A 43 -4.57 -5.50 -0.76
CA ILE A 43 -6.00 -5.66 -0.44
C ILE A 43 -6.55 -4.34 0.14
N ASP A 44 -5.84 -3.85 1.16
CA ASP A 44 -6.24 -2.67 1.95
C ASP A 44 -6.03 -1.39 1.13
N ILE A 45 -4.83 -1.24 0.52
CA ILE A 45 -4.52 -0.05 -0.31
C ILE A 45 -5.51 0.09 -1.49
N GLU A 46 -5.95 -1.06 -2.06
CA GLU A 46 -6.88 -1.11 -3.21
C GLU A 46 -8.27 -0.61 -2.82
N LEU A 47 -8.64 -0.82 -1.54
CA LEU A 47 -9.86 -0.23 -0.94
C LEU A 47 -9.82 1.30 -1.07
N TYR A 48 -8.64 1.86 -0.77
CA TYR A 48 -8.44 3.33 -0.73
C TYR A 48 -8.07 3.87 -2.13
N THR A 49 -7.86 2.97 -3.11
CA THR A 49 -7.54 3.35 -4.50
C THR A 49 -8.58 2.72 -5.45
N ASP A 50 -9.82 2.63 -4.96
CA ASP A 50 -10.95 1.99 -5.67
C ASP A 50 -11.59 2.95 -6.72
N GLY A 51 -10.73 3.59 -7.52
CA GLY A 51 -11.18 4.50 -8.55
C GLY A 51 -10.03 5.14 -9.30
N ARG A 52 -9.12 5.76 -8.53
CA ARG A 52 -8.01 6.58 -9.08
C ARG A 52 -7.01 5.73 -9.88
N VAL A 53 -6.47 4.68 -9.24
CA VAL A 53 -5.48 3.78 -9.87
C VAL A 53 -5.58 2.39 -9.21
N GLU A 54 -5.49 1.34 -10.02
CA GLU A 54 -5.55 -0.05 -9.54
C GLU A 54 -4.25 -0.40 -8.79
N CYS A 55 -4.40 -1.05 -7.63
CA CYS A 55 -3.29 -1.42 -6.74
C CYS A 55 -2.73 -2.80 -7.09
N ARG A 56 -1.39 -2.95 -7.05
CA ARG A 56 -0.66 -4.22 -7.32
C ARG A 56 0.30 -4.55 -6.15
N GLU A 57 0.33 -5.84 -5.76
CA GLU A 57 1.27 -6.39 -4.75
C GLU A 57 2.12 -7.49 -5.36
N LEU A 58 3.20 -7.83 -4.64
CA LEU A 58 4.05 -8.97 -4.97
C LEU A 58 3.30 -10.26 -4.64
N ARG A 59 3.10 -11.11 -5.66
CA ARG A 59 2.32 -12.35 -5.49
C ARG A 59 3.09 -13.36 -4.59
N PRO A 60 2.35 -14.23 -3.83
CA PRO A 60 2.94 -15.13 -2.81
C PRO A 60 3.97 -16.10 -3.40
N ASP A 61 5.20 -15.93 -2.96
CA ASP A 61 6.39 -16.61 -3.47
C ASP A 61 6.83 -17.70 -2.46
N VAL A 62 7.47 -17.29 -1.34
CA VAL A 62 7.90 -18.22 -0.27
C VAL A 62 6.67 -18.77 0.47
N PHE A 63 5.64 -17.93 0.60
CA PHE A 63 4.36 -18.28 1.24
C PHE A 63 3.32 -18.61 0.14
N GLY A 64 3.69 -19.56 -0.74
CA GLY A 64 2.80 -20.02 -1.81
C GLY A 64 1.80 -21.04 -1.27
N ALA A 65 0.85 -20.54 -0.45
CA ALA A 65 -0.14 -21.37 0.26
C ALA A 65 -1.19 -21.95 -0.73
N MET A 1 2.88 8.73 -9.47
CA MET A 1 1.55 8.23 -8.98
C MET A 1 1.57 6.69 -8.94
N ASN A 2 1.20 6.14 -7.77
CA ASN A 2 1.05 4.68 -7.54
C ASN A 2 -0.04 4.47 -6.49
N ALA A 3 -0.55 3.24 -6.43
CA ALA A 3 -1.59 2.81 -5.47
C ALA A 3 -1.33 3.31 -4.03
N ILE A 4 -0.07 3.18 -3.59
CA ILE A 4 0.33 3.48 -2.20
C ILE A 4 0.22 5.00 -1.98
N ASP A 5 0.77 5.75 -2.95
CA ASP A 5 0.72 7.22 -3.01
C ASP A 5 -0.73 7.73 -2.93
N ILE A 6 -1.62 7.11 -3.71
CA ILE A 6 -3.03 7.51 -3.81
C ILE A 6 -3.76 7.25 -2.48
N ALA A 7 -3.43 6.12 -1.82
CA ALA A 7 -4.00 5.77 -0.51
C ALA A 7 -3.60 6.78 0.59
N ILE A 8 -2.40 7.37 0.43
CA ILE A 8 -1.88 8.45 1.30
C ILE A 8 -2.73 9.71 1.12
N ASN A 9 -2.94 10.12 -0.14
CA ASN A 9 -3.77 11.28 -0.48
C ASN A 9 -5.23 11.05 -0.08
N LYS A 10 -5.67 9.77 -0.10
CA LYS A 10 -7.07 9.38 0.15
C LYS A 10 -7.38 9.47 1.65
N LEU A 11 -6.47 8.92 2.49
CA LEU A 11 -6.63 8.96 3.97
C LEU A 11 -6.17 10.31 4.53
N GLY A 12 -5.38 11.06 3.74
CA GLY A 12 -4.86 12.36 4.14
C GLY A 12 -3.42 12.31 4.61
N SER A 13 -3.02 11.18 5.22
CA SER A 13 -1.68 11.03 5.82
C SER A 13 -1.19 9.57 5.80
N VAL A 14 0.15 9.44 5.92
CA VAL A 14 0.84 8.15 6.02
C VAL A 14 0.73 7.58 7.43
N SER A 15 0.60 8.45 8.44
CA SER A 15 0.47 8.04 9.84
C SER A 15 -0.81 7.20 10.05
N ALA A 16 -1.92 7.66 9.43
CA ALA A 16 -3.18 6.91 9.40
C ALA A 16 -3.06 5.64 8.54
N LEU A 17 -2.42 5.78 7.36
CA LEU A 17 -2.28 4.69 6.38
C LEU A 17 -1.47 3.50 6.97
N ALA A 18 -0.35 3.84 7.61
CA ALA A 18 0.60 2.87 8.17
C ALA A 18 -0.02 2.14 9.36
N ALA A 19 -0.82 2.88 10.16
CA ALA A 19 -1.57 2.32 11.29
C ALA A 19 -2.64 1.33 10.79
N ALA A 20 -3.22 1.63 9.61
CA ALA A 20 -4.26 0.80 8.96
C ALA A 20 -3.62 -0.45 8.30
N LEU A 21 -2.36 -0.31 7.87
CA LEU A 21 -1.61 -1.37 7.16
C LEU A 21 -0.68 -2.15 8.11
N GLY A 22 -0.65 -1.75 9.39
CA GLY A 22 0.09 -2.48 10.44
C GLY A 22 1.61 -2.44 10.25
N VAL A 23 2.10 -1.31 9.71
CA VAL A 23 3.53 -1.07 9.39
C VAL A 23 3.97 0.32 9.88
N ASN A 24 5.26 0.64 9.69
CA ASN A 24 5.82 1.98 9.94
C ASN A 24 5.49 2.93 8.79
N GLN A 25 5.74 4.22 9.06
CA GLN A 25 5.57 5.33 8.11
C GLN A 25 6.74 5.32 7.11
N SER A 26 7.88 4.77 7.57
CA SER A 26 9.08 4.54 6.74
C SER A 26 8.84 3.39 5.75
N ALA A 27 8.01 2.40 6.16
CA ALA A 27 7.62 1.27 5.30
C ALA A 27 6.75 1.75 4.14
N ILE A 28 5.80 2.64 4.45
CA ILE A 28 4.93 3.25 3.44
C ILE A 28 5.72 4.14 2.47
N SER A 29 6.67 4.91 3.04
CA SER A 29 7.59 5.77 2.28
C SER A 29 8.38 4.96 1.24
N GLN A 30 8.80 3.75 1.67
CA GLN A 30 9.50 2.79 0.82
C GLN A 30 8.56 2.28 -0.29
N TRP A 31 7.34 1.85 0.10
CA TRP A 31 6.33 1.27 -0.83
C TRP A 31 5.87 2.30 -1.88
N ARG A 32 5.87 3.58 -1.49
CA ARG A 32 5.45 4.70 -2.33
C ARG A 32 6.50 4.93 -3.42
N ALA A 33 7.77 4.87 -3.01
CA ALA A 33 8.91 5.03 -3.92
C ALA A 33 9.16 3.73 -4.72
N ARG A 34 8.66 2.61 -4.20
CA ARG A 34 8.74 1.28 -4.82
C ARG A 34 7.68 1.13 -5.92
N GLY A 35 6.53 1.81 -5.69
CA GLY A 35 5.38 1.78 -6.59
C GLY A 35 4.58 0.48 -6.51
N ARG A 36 4.90 -0.35 -5.49
CA ARG A 36 4.29 -1.67 -5.29
C ARG A 36 4.47 -2.09 -3.82
N VAL A 37 3.45 -2.75 -3.26
CA VAL A 37 3.49 -3.31 -1.90
C VAL A 37 3.93 -4.79 -1.93
N PRO A 38 4.41 -5.34 -0.77
CA PRO A 38 4.50 -6.79 -0.53
C PRO A 38 3.14 -7.50 -0.67
N ALA A 39 3.17 -8.84 -0.70
CA ALA A 39 1.98 -9.67 -0.91
C ALA A 39 0.91 -9.45 0.19
N GLY A 40 -0.38 -9.49 -0.19
CA GLY A 40 -1.50 -9.43 0.76
C GLY A 40 -1.97 -8.02 1.08
N ARG A 41 -1.03 -7.08 1.19
CA ARG A 41 -1.31 -5.71 1.70
C ARG A 41 -2.05 -4.83 0.67
N CYS A 42 -2.03 -5.27 -0.60
CA CYS A 42 -2.71 -4.57 -1.70
C CYS A 42 -4.22 -4.45 -1.49
N ILE A 43 -4.79 -5.46 -0.81
CA ILE A 43 -6.22 -5.56 -0.50
C ILE A 43 -6.75 -4.27 0.16
N ASP A 44 -5.99 -3.78 1.15
CA ASP A 44 -6.39 -2.63 1.98
C ASP A 44 -6.18 -1.33 1.21
N ILE A 45 -5.03 -1.21 0.54
CA ILE A 45 -4.72 -0.05 -0.32
C ILE A 45 -5.69 0.01 -1.52
N GLU A 46 -6.24 -1.14 -1.93
CA GLU A 46 -7.21 -1.26 -3.04
C GLU A 46 -8.57 -0.64 -2.65
N LEU A 47 -8.90 -0.75 -1.34
CA LEU A 47 -10.04 -0.04 -0.74
C LEU A 47 -9.90 1.47 -0.96
N TYR A 48 -8.65 1.97 -0.75
CA TYR A 48 -8.35 3.42 -0.82
C TYR A 48 -8.04 3.86 -2.27
N THR A 49 -7.85 2.88 -3.17
CA THR A 49 -7.66 3.14 -4.61
C THR A 49 -8.82 2.51 -5.40
N ASP A 50 -10.03 2.63 -4.78
CA ASP A 50 -11.33 2.04 -5.25
C ASP A 50 -11.44 1.92 -6.79
N GLY A 51 -11.21 3.05 -7.47
CA GLY A 51 -11.18 3.11 -8.93
C GLY A 51 -10.32 4.26 -9.42
N ARG A 52 -9.22 4.54 -8.66
CA ARG A 52 -8.28 5.63 -8.98
C ARG A 52 -7.15 5.08 -9.86
N VAL A 53 -6.50 4.03 -9.38
CA VAL A 53 -5.39 3.33 -10.03
C VAL A 53 -5.41 1.88 -9.56
N GLU A 54 -5.00 0.93 -10.42
CA GLU A 54 -4.92 -0.48 -10.06
C GLU A 54 -3.87 -0.64 -8.96
N CYS A 55 -4.24 -1.32 -7.88
CA CYS A 55 -3.32 -1.65 -6.80
C CYS A 55 -2.56 -2.93 -7.16
N ARG A 56 -1.22 -2.86 -7.12
CA ARG A 56 -0.36 -4.03 -7.42
C ARG A 56 0.42 -4.42 -6.17
N GLU A 57 0.52 -5.74 -5.95
CA GLU A 57 1.32 -6.34 -4.88
C GLU A 57 2.38 -7.28 -5.47
N LEU A 58 3.34 -7.62 -4.62
CA LEU A 58 4.34 -8.64 -4.91
C LEU A 58 3.75 -10.01 -4.62
N ARG A 59 4.35 -11.06 -5.17
CA ARG A 59 3.96 -12.44 -4.88
C ARG A 59 4.59 -12.89 -3.55
N PRO A 60 3.96 -13.87 -2.84
CA PRO A 60 4.46 -14.34 -1.52
C PRO A 60 5.73 -15.19 -1.66
N ASP A 61 6.55 -15.20 -0.63
CA ASP A 61 7.72 -16.07 -0.52
C ASP A 61 7.26 -17.41 0.07
N VAL A 62 7.80 -18.55 -0.42
CA VAL A 62 7.35 -19.91 -0.03
C VAL A 62 7.46 -20.12 1.50
N PHE A 63 6.34 -19.89 2.21
CA PHE A 63 6.22 -20.10 3.68
C PHE A 63 5.46 -21.42 3.97
N GLY A 64 5.50 -22.33 2.98
CA GLY A 64 4.78 -23.60 3.05
C GLY A 64 3.48 -23.57 2.27
N ALA A 65 3.21 -24.66 1.53
CA ALA A 65 2.02 -24.82 0.67
C ALA A 65 1.99 -23.73 -0.45
N MET A 1 1.76 8.47 -10.09
CA MET A 1 1.03 8.41 -8.80
C MET A 1 0.49 6.98 -8.58
N ASN A 2 1.25 6.19 -7.81
CA ASN A 2 0.97 4.75 -7.59
C ASN A 2 -0.11 4.56 -6.53
N ALA A 3 -0.60 3.31 -6.46
CA ALA A 3 -1.65 2.88 -5.53
C ALA A 3 -1.36 3.30 -4.09
N ILE A 4 -0.09 3.15 -3.69
CA ILE A 4 0.36 3.43 -2.32
C ILE A 4 0.20 4.92 -2.01
N ASP A 5 0.64 5.74 -2.99
CA ASP A 5 0.66 7.20 -2.89
C ASP A 5 -0.76 7.77 -2.88
N ILE A 6 -1.64 7.22 -3.75
CA ILE A 6 -3.05 7.60 -3.80
C ILE A 6 -3.72 7.33 -2.44
N ALA A 7 -3.37 6.19 -1.82
CA ALA A 7 -3.88 5.81 -0.49
C ALA A 7 -3.38 6.76 0.63
N ILE A 8 -2.16 7.29 0.45
CA ILE A 8 -1.58 8.33 1.35
C ILE A 8 -2.46 9.59 1.32
N ASN A 9 -2.76 10.07 0.10
CA ASN A 9 -3.58 11.28 -0.10
C ASN A 9 -5.06 11.02 0.26
N LYS A 10 -5.51 9.77 0.05
CA LYS A 10 -6.93 9.38 0.21
C LYS A 10 -7.33 9.37 1.68
N LEU A 11 -6.41 8.87 2.54
CA LEU A 11 -6.60 8.90 3.99
C LEU A 11 -6.18 10.27 4.55
N GLY A 12 -5.24 10.95 3.85
CA GLY A 12 -4.78 12.28 4.25
C GLY A 12 -3.33 12.28 4.70
N SER A 13 -2.91 11.19 5.39
CA SER A 13 -1.53 11.07 5.94
C SER A 13 -1.00 9.63 5.84
N VAL A 14 0.33 9.52 5.92
CA VAL A 14 1.06 8.25 5.98
C VAL A 14 0.96 7.64 7.38
N SER A 15 0.77 8.51 8.39
CA SER A 15 0.63 8.09 9.79
C SER A 15 -0.68 7.28 9.98
N ALA A 16 -1.79 7.81 9.40
CA ALA A 16 -3.10 7.13 9.41
C ALA A 16 -3.09 5.90 8.48
N LEU A 17 -2.36 6.03 7.35
CA LEU A 17 -2.27 4.95 6.34
C LEU A 17 -1.54 3.72 6.91
N ALA A 18 -0.39 3.97 7.54
CA ALA A 18 0.48 2.91 8.10
C ALA A 18 -0.23 2.15 9.23
N ALA A 19 -1.05 2.88 10.01
CA ALA A 19 -1.91 2.28 11.04
C ALA A 19 -2.93 1.32 10.43
N ALA A 20 -3.55 1.77 9.32
CA ALA A 20 -4.58 1.00 8.58
C ALA A 20 -3.98 -0.22 7.86
N LEU A 21 -2.68 -0.14 7.52
CA LEU A 21 -1.96 -1.22 6.82
C LEU A 21 -1.17 -2.12 7.79
N GLY A 22 -1.07 -1.67 9.06
CA GLY A 22 -0.40 -2.43 10.12
C GLY A 22 1.13 -2.43 10.00
N VAL A 23 1.66 -1.41 9.33
CA VAL A 23 3.12 -1.20 9.16
C VAL A 23 3.55 0.12 9.80
N ASN A 24 4.85 0.43 9.75
CA ASN A 24 5.37 1.74 10.19
C ASN A 24 5.34 2.72 9.00
N GLN A 25 5.49 4.01 9.33
CA GLN A 25 5.47 5.11 8.35
C GLN A 25 6.65 4.98 7.37
N SER A 26 7.80 4.52 7.90
CA SER A 26 9.03 4.30 7.11
C SER A 26 8.82 3.23 6.01
N ALA A 27 7.92 2.25 6.26
CA ALA A 27 7.55 1.23 5.25
C ALA A 27 6.79 1.86 4.08
N ILE A 28 5.87 2.78 4.40
CA ILE A 28 5.00 3.45 3.40
C ILE A 28 5.83 4.32 2.44
N SER A 29 6.80 5.05 2.99
CA SER A 29 7.70 5.90 2.21
C SER A 29 8.60 5.07 1.27
N GLN A 30 8.93 3.84 1.70
CA GLN A 30 9.62 2.85 0.86
C GLN A 30 8.68 2.37 -0.26
N TRP A 31 7.40 2.11 0.09
CA TRP A 31 6.39 1.57 -0.84
C TRP A 31 6.02 2.58 -1.95
N ARG A 32 6.02 3.87 -1.60
CA ARG A 32 5.78 4.98 -2.54
C ARG A 32 6.95 5.04 -3.53
N ALA A 33 8.16 4.91 -3.00
CA ALA A 33 9.39 5.01 -3.80
C ALA A 33 9.68 3.70 -4.56
N ARG A 34 9.02 2.60 -4.15
CA ARG A 34 9.13 1.28 -4.78
C ARG A 34 8.13 1.17 -5.94
N GLY A 35 6.98 1.81 -5.75
CA GLY A 35 5.88 1.76 -6.71
C GLY A 35 4.99 0.52 -6.56
N ARG A 36 5.22 -0.25 -5.47
CA ARG A 36 4.54 -1.54 -5.24
C ARG A 36 4.69 -1.97 -3.77
N VAL A 37 3.71 -2.74 -3.27
CA VAL A 37 3.74 -3.31 -1.90
C VAL A 37 4.15 -4.79 -1.91
N PRO A 38 4.73 -5.31 -0.79
CA PRO A 38 4.91 -6.76 -0.55
C PRO A 38 3.58 -7.55 -0.57
N ALA A 39 3.70 -8.88 -0.60
CA ALA A 39 2.56 -9.79 -0.71
C ALA A 39 1.58 -9.68 0.49
N GLY A 40 0.28 -9.57 0.19
CA GLY A 40 -0.79 -9.55 1.21
C GLY A 40 -0.94 -8.18 1.88
N ARG A 41 -1.25 -7.15 1.07
CA ARG A 41 -1.49 -5.78 1.58
C ARG A 41 -2.28 -4.91 0.59
N CYS A 42 -2.23 -5.28 -0.70
CA CYS A 42 -2.87 -4.53 -1.79
C CYS A 42 -4.39 -4.42 -1.62
N ILE A 43 -5.02 -5.42 -0.96
CA ILE A 43 -6.47 -5.41 -0.62
C ILE A 43 -6.87 -4.10 0.10
N ASP A 44 -6.04 -3.71 1.08
CA ASP A 44 -6.31 -2.57 1.97
C ASP A 44 -6.08 -1.24 1.21
N ILE A 45 -4.95 -1.15 0.51
CA ILE A 45 -4.64 0.01 -0.35
C ILE A 45 -5.66 0.11 -1.51
N GLU A 46 -6.24 -1.04 -1.92
CA GLU A 46 -7.27 -1.10 -2.99
C GLU A 46 -8.58 -0.50 -2.49
N LEU A 47 -8.84 -0.62 -1.17
CA LEU A 47 -9.95 0.10 -0.51
C LEU A 47 -9.81 1.62 -0.75
N TYR A 48 -8.55 2.09 -0.60
CA TYR A 48 -8.21 3.53 -0.70
C TYR A 48 -7.80 3.92 -2.14
N THR A 49 -7.93 2.99 -3.10
CA THR A 49 -7.75 3.25 -4.54
C THR A 49 -8.89 2.58 -5.33
N ASP A 50 -10.10 2.57 -4.71
CA ASP A 50 -11.24 1.70 -5.10
C ASP A 50 -11.65 1.85 -6.58
N GLY A 51 -11.41 3.05 -7.15
CA GLY A 51 -11.64 3.32 -8.58
C GLY A 51 -10.66 4.33 -9.13
N ARG A 52 -9.49 4.44 -8.47
CA ARG A 52 -8.42 5.38 -8.84
C ARG A 52 -7.40 4.73 -9.77
N VAL A 53 -6.90 3.56 -9.33
CA VAL A 53 -5.90 2.78 -10.06
C VAL A 53 -6.08 1.29 -9.70
N GLU A 54 -5.67 0.39 -10.60
CA GLU A 54 -5.58 -1.02 -10.29
C GLU A 54 -4.39 -1.24 -9.35
N CYS A 55 -4.72 -1.46 -8.06
CA CYS A 55 -3.71 -1.72 -7.01
C CYS A 55 -2.93 -3.01 -7.31
N ARG A 56 -1.61 -3.01 -7.02
CA ARG A 56 -0.69 -4.09 -7.42
C ARG A 56 0.27 -4.43 -6.27
N GLU A 57 0.49 -5.74 -6.06
CA GLU A 57 1.40 -6.26 -5.03
C GLU A 57 2.27 -7.37 -5.59
N LEU A 58 3.32 -7.70 -4.85
CA LEU A 58 4.17 -8.85 -5.15
C LEU A 58 3.47 -10.12 -4.67
N ARG A 59 3.65 -11.23 -5.39
CA ARG A 59 3.08 -12.51 -4.97
C ARG A 59 4.08 -13.27 -4.06
N PRO A 60 3.57 -14.17 -3.17
CA PRO A 60 4.40 -14.88 -2.17
C PRO A 60 5.31 -15.96 -2.81
N ASP A 61 6.54 -16.01 -2.33
CA ASP A 61 7.61 -16.86 -2.90
C ASP A 61 7.44 -18.33 -2.46
N VAL A 62 7.15 -18.54 -1.16
CA VAL A 62 6.99 -19.88 -0.58
C VAL A 62 5.80 -19.90 0.41
N PHE A 63 5.03 -18.81 0.44
CA PHE A 63 3.83 -18.67 1.29
C PHE A 63 2.56 -18.76 0.43
N GLY A 64 1.39 -18.91 1.07
CA GLY A 64 0.10 -19.01 0.35
C GLY A 64 -0.34 -20.45 0.16
N ALA A 65 -1.62 -20.72 0.49
CA ALA A 65 -2.18 -22.08 0.51
C ALA A 65 -3.53 -22.11 -0.23
N MET A 1 2.10 9.29 -9.38
CA MET A 1 1.18 8.66 -8.41
C MET A 1 1.18 7.13 -8.60
N ASN A 2 1.25 6.39 -7.48
CA ASN A 2 1.05 4.93 -7.43
C ASN A 2 -0.06 4.62 -6.42
N ALA A 3 -0.45 3.35 -6.33
CA ALA A 3 -1.53 2.88 -5.42
C ALA A 3 -1.31 3.33 -3.97
N ILE A 4 -0.05 3.23 -3.53
CA ILE A 4 0.36 3.54 -2.15
C ILE A 4 0.14 5.05 -1.90
N ASP A 5 0.53 5.85 -2.90
CA ASP A 5 0.46 7.33 -2.87
C ASP A 5 -1.00 7.81 -2.85
N ILE A 6 -1.85 7.13 -3.64
CA ILE A 6 -3.28 7.44 -3.72
C ILE A 6 -3.96 7.20 -2.36
N ALA A 7 -3.55 6.11 -1.69
CA ALA A 7 -4.07 5.74 -0.37
C ALA A 7 -3.63 6.72 0.74
N ILE A 8 -2.49 7.41 0.52
CA ILE A 8 -2.02 8.53 1.38
C ILE A 8 -3.02 9.69 1.30
N ASN A 9 -3.41 10.05 0.06
CA ASN A 9 -4.35 11.16 -0.20
C ASN A 9 -5.79 10.79 0.25
N LYS A 10 -6.13 9.48 0.15
CA LYS A 10 -7.47 8.98 0.47
C LYS A 10 -7.71 9.01 1.98
N LEU A 11 -6.74 8.48 2.75
CA LEU A 11 -6.83 8.48 4.23
C LEU A 11 -6.42 9.84 4.82
N GLY A 12 -5.71 10.66 4.02
CA GLY A 12 -5.32 12.02 4.43
C GLY A 12 -3.87 12.10 4.90
N SER A 13 -3.25 10.94 5.25
CA SER A 13 -1.86 10.91 5.76
C SER A 13 -1.24 9.50 5.64
N VAL A 14 0.10 9.47 5.72
CA VAL A 14 0.90 8.24 5.77
C VAL A 14 0.83 7.61 7.16
N SER A 15 0.71 8.46 8.19
CA SER A 15 0.66 8.02 9.59
C SER A 15 -0.62 7.18 9.86
N ALA A 16 -1.75 7.64 9.27
CA ALA A 16 -3.02 6.89 9.31
C ALA A 16 -2.97 5.65 8.39
N LEU A 17 -2.30 5.82 7.22
CA LEU A 17 -2.16 4.74 6.22
C LEU A 17 -1.34 3.57 6.79
N ALA A 18 -0.29 3.91 7.54
CA ALA A 18 0.67 2.97 8.09
C ALA A 18 0.05 2.16 9.22
N ALA A 19 -0.74 2.85 10.08
CA ALA A 19 -1.51 2.22 11.16
C ALA A 19 -2.52 1.20 10.58
N ALA A 20 -3.12 1.57 9.44
CA ALA A 20 -4.10 0.75 8.70
C ALA A 20 -3.44 -0.48 8.05
N LEU A 21 -2.17 -0.33 7.64
CA LEU A 21 -1.40 -1.40 6.95
C LEU A 21 -0.47 -2.17 7.92
N GLY A 22 -0.54 -1.79 9.22
CA GLY A 22 0.17 -2.50 10.30
C GLY A 22 1.69 -2.28 10.30
N VAL A 23 2.12 -1.24 9.57
CA VAL A 23 3.54 -0.88 9.39
C VAL A 23 3.80 0.55 9.88
N ASN A 24 5.07 1.02 9.78
CA ASN A 24 5.43 2.40 10.12
C ASN A 24 5.46 3.29 8.85
N GLN A 25 5.68 4.61 9.07
CA GLN A 25 5.66 5.62 8.00
C GLN A 25 6.81 5.41 7.00
N SER A 26 7.93 4.84 7.50
CA SER A 26 9.13 4.55 6.69
C SER A 26 8.84 3.44 5.66
N ALA A 27 8.07 2.43 6.09
CA ALA A 27 7.68 1.29 5.24
C ALA A 27 6.77 1.75 4.10
N ILE A 28 5.81 2.63 4.43
CA ILE A 28 4.89 3.24 3.43
C ILE A 28 5.66 4.05 2.39
N SER A 29 6.56 4.91 2.90
CA SER A 29 7.40 5.79 2.09
C SER A 29 8.27 4.98 1.13
N GLN A 30 8.72 3.80 1.62
CA GLN A 30 9.55 2.86 0.85
C GLN A 30 8.74 2.17 -0.25
N TRP A 31 7.49 1.77 0.08
CA TRP A 31 6.57 1.12 -0.90
C TRP A 31 6.15 2.12 -1.98
N ARG A 32 6.05 3.40 -1.58
CA ARG A 32 5.73 4.52 -2.45
C ARG A 32 6.93 4.83 -3.36
N ALA A 33 8.13 4.68 -2.80
CA ALA A 33 9.39 4.87 -3.55
C ALA A 33 9.70 3.64 -4.41
N ARG A 34 9.01 2.53 -4.13
CA ARG A 34 9.18 1.24 -4.82
C ARG A 34 8.19 1.13 -6.00
N GLY A 35 7.01 1.74 -5.81
CA GLY A 35 5.92 1.67 -6.78
C GLY A 35 5.03 0.44 -6.58
N ARG A 36 5.41 -0.45 -5.63
CA ARG A 36 4.66 -1.69 -5.33
C ARG A 36 4.81 -2.09 -3.85
N VAL A 37 3.80 -2.82 -3.36
CA VAL A 37 3.75 -3.34 -1.97
C VAL A 37 4.06 -4.86 -1.94
N PRO A 38 4.42 -5.43 -0.73
CA PRO A 38 4.57 -6.89 -0.55
C PRO A 38 3.21 -7.61 -0.58
N ALA A 39 3.26 -8.95 -0.61
CA ALA A 39 2.08 -9.81 -0.66
C ALA A 39 1.13 -9.56 0.57
N GLY A 40 -0.19 -9.64 0.31
CA GLY A 40 -1.23 -9.46 1.33
C GLY A 40 -1.27 -8.07 1.95
N ARG A 41 -1.20 -7.02 1.11
CA ARG A 41 -1.17 -5.62 1.61
C ARG A 41 -1.88 -4.64 0.65
N CYS A 42 -1.87 -4.97 -0.65
CA CYS A 42 -2.63 -4.22 -1.66
C CYS A 42 -4.13 -4.35 -1.41
N ILE A 43 -4.54 -5.41 -0.71
CA ILE A 43 -5.95 -5.64 -0.27
C ILE A 43 -6.54 -4.37 0.34
N ASP A 44 -5.80 -3.80 1.30
CA ASP A 44 -6.24 -2.62 2.07
C ASP A 44 -6.12 -1.36 1.20
N ILE A 45 -4.97 -1.22 0.53
CA ILE A 45 -4.70 -0.08 -0.36
C ILE A 45 -5.71 -0.04 -1.55
N GLU A 46 -6.28 -1.20 -1.92
CA GLU A 46 -7.26 -1.33 -3.02
C GLU A 46 -8.59 -0.71 -2.58
N LEU A 47 -8.95 -0.93 -1.29
CA LEU A 47 -10.08 -0.23 -0.62
C LEU A 47 -9.94 1.30 -0.76
N TYR A 48 -8.68 1.78 -0.77
CA TYR A 48 -8.36 3.22 -0.79
C TYR A 48 -8.08 3.75 -2.22
N THR A 49 -8.00 2.84 -3.23
CA THR A 49 -7.70 3.20 -4.64
C THR A 49 -8.87 2.85 -5.58
N ASP A 50 -10.10 3.04 -5.06
CA ASP A 50 -11.42 2.65 -5.67
C ASP A 50 -11.42 2.67 -7.21
N GLY A 51 -11.10 3.84 -7.79
CA GLY A 51 -11.06 4.00 -9.24
C GLY A 51 -10.05 5.03 -9.69
N ARG A 52 -8.95 5.18 -8.93
CA ARG A 52 -7.85 6.09 -9.30
C ARG A 52 -6.81 5.32 -10.11
N VAL A 53 -6.36 4.19 -9.55
CA VAL A 53 -5.30 3.35 -10.13
C VAL A 53 -5.54 1.89 -9.72
N GLU A 54 -5.10 0.96 -10.58
CA GLU A 54 -5.11 -0.47 -10.30
C GLU A 54 -4.05 -0.77 -9.22
N CYS A 55 -4.49 -1.09 -8.00
CA CYS A 55 -3.59 -1.53 -6.94
C CYS A 55 -3.11 -2.96 -7.21
N ARG A 56 -1.82 -3.22 -6.98
CA ARG A 56 -1.24 -4.57 -7.11
C ARG A 56 -0.15 -4.80 -6.05
N GLU A 57 -0.12 -6.05 -5.55
CA GLU A 57 0.88 -6.54 -4.58
C GLU A 57 1.75 -7.60 -5.23
N LEU A 58 2.88 -7.91 -4.58
CA LEU A 58 3.74 -9.01 -5.00
C LEU A 58 3.09 -10.36 -4.66
N ARG A 59 3.38 -11.38 -5.47
CA ARG A 59 2.81 -12.73 -5.31
C ARG A 59 3.36 -13.40 -4.04
N PRO A 60 2.61 -14.38 -3.45
CA PRO A 60 3.04 -15.08 -2.23
C PRO A 60 4.26 -15.99 -2.50
N ASP A 61 5.36 -15.63 -1.84
CA ASP A 61 6.67 -16.32 -1.97
C ASP A 61 6.61 -17.68 -1.25
N VAL A 62 6.37 -17.62 0.06
CA VAL A 62 6.02 -18.80 0.90
C VAL A 62 4.73 -18.43 1.65
N PHE A 63 3.63 -19.11 1.30
CA PHE A 63 2.31 -18.86 1.90
C PHE A 63 1.41 -20.10 1.70
N GLY A 64 0.55 -20.35 2.68
CA GLY A 64 -0.37 -21.48 2.66
C GLY A 64 -0.85 -21.82 4.05
N ALA A 65 -2.00 -22.49 4.13
CA ALA A 65 -2.59 -22.95 5.39
C ALA A 65 -2.87 -24.47 5.29
N MET A 1 2.78 9.27 -8.58
CA MET A 1 1.45 8.74 -8.18
C MET A 1 1.38 7.22 -8.42
N ASN A 2 0.91 6.49 -7.40
CA ASN A 2 0.67 5.03 -7.44
C ASN A 2 -0.38 4.70 -6.38
N ALA A 3 -0.81 3.44 -6.33
CA ALA A 3 -1.81 2.95 -5.36
C ALA A 3 -1.50 3.39 -3.93
N ILE A 4 -0.23 3.26 -3.54
CA ILE A 4 0.24 3.54 -2.18
C ILE A 4 0.07 5.05 -1.91
N ASP A 5 0.49 5.86 -2.91
CA ASP A 5 0.42 7.32 -2.88
C ASP A 5 -1.03 7.81 -2.74
N ILE A 6 -1.90 7.28 -3.58
CA ILE A 6 -3.30 7.70 -3.64
C ILE A 6 -4.02 7.35 -2.33
N ALA A 7 -3.60 6.23 -1.70
CA ALA A 7 -4.11 5.82 -0.37
C ALA A 7 -3.57 6.72 0.76
N ILE A 8 -2.36 7.30 0.56
CA ILE A 8 -1.82 8.36 1.46
C ILE A 8 -2.77 9.57 1.42
N ASN A 9 -3.03 10.05 0.18
CA ASN A 9 -3.88 11.22 -0.08
C ASN A 9 -5.35 10.93 0.30
N LYS A 10 -5.76 9.64 0.28
CA LYS A 10 -7.14 9.20 0.59
C LYS A 10 -7.35 9.20 2.11
N LEU A 11 -6.34 8.72 2.87
CA LEU A 11 -6.38 8.75 4.35
C LEU A 11 -5.74 10.06 4.88
N GLY A 12 -5.37 10.97 3.96
CA GLY A 12 -4.85 12.30 4.30
C GLY A 12 -3.40 12.31 4.78
N SER A 13 -2.79 11.13 5.04
CA SER A 13 -1.45 11.04 5.62
C SER A 13 -0.90 9.60 5.55
N VAL A 14 0.43 9.51 5.68
CA VAL A 14 1.15 8.24 5.81
C VAL A 14 1.02 7.69 7.23
N SER A 15 0.81 8.59 8.21
CA SER A 15 0.61 8.21 9.61
C SER A 15 -0.71 7.42 9.76
N ALA A 16 -1.80 7.97 9.21
CA ALA A 16 -3.11 7.28 9.16
C ALA A 16 -3.04 6.01 8.29
N LEU A 17 -2.33 6.11 7.15
CA LEU A 17 -2.21 4.97 6.20
C LEU A 17 -1.48 3.77 6.83
N ALA A 18 -0.36 4.06 7.49
CA ALA A 18 0.51 3.04 8.11
C ALA A 18 -0.18 2.35 9.28
N ALA A 19 -0.96 3.14 10.04
CA ALA A 19 -1.77 2.62 11.16
C ALA A 19 -2.90 1.70 10.64
N ALA A 20 -3.46 2.06 9.47
CA ALA A 20 -4.55 1.31 8.82
C ALA A 20 -4.02 0.06 8.07
N LEU A 21 -2.73 0.07 7.73
CA LEU A 21 -2.07 -1.07 7.05
C LEU A 21 -1.31 -1.95 8.05
N GLY A 22 -1.18 -1.44 9.30
CA GLY A 22 -0.54 -2.18 10.39
C GLY A 22 0.97 -2.35 10.18
N VAL A 23 1.61 -1.28 9.70
CA VAL A 23 3.05 -1.21 9.42
C VAL A 23 3.61 0.14 9.93
N ASN A 24 4.90 0.37 9.68
CA ASN A 24 5.56 1.67 9.95
C ASN A 24 5.38 2.63 8.78
N GLN A 25 5.69 3.89 9.07
CA GLN A 25 5.49 5.03 8.15
C GLN A 25 6.62 5.05 7.11
N SER A 26 7.81 4.63 7.56
CA SER A 26 9.01 4.51 6.71
C SER A 26 8.80 3.39 5.65
N ALA A 27 8.04 2.35 6.03
CA ALA A 27 7.66 1.24 5.12
C ALA A 27 6.77 1.74 3.99
N ILE A 28 5.78 2.59 4.34
CA ILE A 28 4.84 3.19 3.36
C ILE A 28 5.56 4.05 2.33
N SER A 29 6.51 4.86 2.84
CA SER A 29 7.36 5.72 2.02
C SER A 29 8.16 4.87 1.00
N GLN A 30 8.63 3.71 1.50
CA GLN A 30 9.40 2.73 0.72
C GLN A 30 8.52 2.02 -0.32
N TRP A 31 7.24 1.73 0.04
CA TRP A 31 6.29 1.03 -0.85
C TRP A 31 5.88 1.93 -2.02
N ARG A 32 5.76 3.24 -1.76
CA ARG A 32 5.47 4.25 -2.78
C ARG A 32 6.70 4.43 -3.67
N ALA A 33 7.88 4.43 -3.05
CA ALA A 33 9.16 4.56 -3.77
C ALA A 33 9.49 3.28 -4.55
N ARG A 34 8.82 2.17 -4.20
CA ARG A 34 8.89 0.89 -4.92
C ARG A 34 7.85 0.87 -6.07
N GLY A 35 6.71 1.54 -5.84
CA GLY A 35 5.61 1.61 -6.80
C GLY A 35 4.68 0.39 -6.71
N ARG A 36 4.96 -0.49 -5.74
CA ARG A 36 4.26 -1.78 -5.56
C ARG A 36 4.49 -2.25 -4.11
N VAL A 37 3.45 -2.81 -3.47
CA VAL A 37 3.55 -3.30 -2.08
C VAL A 37 4.02 -4.77 -2.06
N PRO A 38 4.60 -5.26 -0.92
CA PRO A 38 4.83 -6.71 -0.67
C PRO A 38 3.55 -7.55 -0.69
N ALA A 39 3.73 -8.87 -0.67
CA ALA A 39 2.64 -9.85 -0.68
C ALA A 39 1.64 -9.63 0.49
N GLY A 40 0.34 -9.58 0.17
CA GLY A 40 -0.73 -9.52 1.18
C GLY A 40 -0.90 -8.16 1.86
N ARG A 41 -1.18 -7.12 1.07
CA ARG A 41 -1.46 -5.76 1.59
C ARG A 41 -2.18 -4.88 0.55
N CYS A 42 -2.03 -5.24 -0.74
CA CYS A 42 -2.62 -4.49 -1.86
C CYS A 42 -4.15 -4.39 -1.75
N ILE A 43 -4.79 -5.40 -1.13
CA ILE A 43 -6.25 -5.43 -0.89
C ILE A 43 -6.72 -4.18 -0.11
N ASP A 44 -5.96 -3.83 0.94
CA ASP A 44 -6.30 -2.74 1.87
C ASP A 44 -6.11 -1.38 1.19
N ILE A 45 -4.96 -1.23 0.52
CA ILE A 45 -4.64 -0.02 -0.26
C ILE A 45 -5.64 0.14 -1.43
N GLU A 46 -6.14 -0.98 -1.96
CA GLU A 46 -7.13 -1.01 -3.06
C GLU A 46 -8.54 -0.62 -2.54
N LEU A 47 -8.77 -0.89 -1.26
CA LEU A 47 -9.97 -0.41 -0.54
C LEU A 47 -10.00 1.14 -0.56
N TYR A 48 -8.81 1.76 -0.44
CA TYR A 48 -8.65 3.23 -0.45
C TYR A 48 -8.51 3.74 -1.90
N THR A 49 -8.01 2.88 -2.80
CA THR A 49 -7.91 3.19 -4.23
C THR A 49 -9.01 2.44 -5.00
N ASP A 50 -10.24 2.83 -4.65
CA ASP A 50 -11.53 2.25 -5.13
C ASP A 50 -11.52 1.93 -6.64
N GLY A 51 -11.19 2.95 -7.44
CA GLY A 51 -10.98 2.81 -8.87
C GLY A 51 -10.14 3.96 -9.38
N ARG A 52 -9.22 4.39 -8.51
CA ARG A 52 -8.40 5.59 -8.73
C ARG A 52 -7.24 5.24 -9.66
N VAL A 53 -6.52 4.18 -9.25
CA VAL A 53 -5.35 3.66 -9.95
C VAL A 53 -5.24 2.16 -9.65
N GLU A 54 -4.53 1.43 -10.52
CA GLU A 54 -4.25 0.00 -10.35
C GLU A 54 -3.38 -0.23 -9.09
N CYS A 55 -3.86 -1.11 -8.20
CA CYS A 55 -3.08 -1.58 -7.06
C CYS A 55 -2.33 -2.85 -7.45
N ARG A 56 -1.06 -2.98 -7.02
CA ARG A 56 -0.22 -4.15 -7.31
C ARG A 56 0.49 -4.62 -6.03
N GLU A 57 0.62 -5.95 -5.89
CA GLU A 57 1.38 -6.60 -4.80
C GLU A 57 2.56 -7.41 -5.38
N LEU A 58 3.50 -7.75 -4.50
CA LEU A 58 4.61 -8.64 -4.80
C LEU A 58 4.28 -10.07 -4.37
N ARG A 59 4.99 -11.06 -4.90
CA ARG A 59 4.94 -12.45 -4.40
C ARG A 59 5.99 -12.62 -3.28
N PRO A 60 5.97 -13.73 -2.47
CA PRO A 60 6.98 -13.97 -1.38
C PRO A 60 8.43 -14.24 -1.89
N ASP A 61 8.76 -13.81 -3.12
CA ASP A 61 10.12 -13.83 -3.68
C ASP A 61 10.79 -12.46 -3.44
N VAL A 62 9.97 -11.39 -3.55
CA VAL A 62 10.37 -10.01 -3.26
C VAL A 62 9.46 -9.46 -2.13
N PHE A 63 10.06 -9.16 -0.96
CA PHE A 63 9.30 -8.72 0.22
C PHE A 63 10.00 -7.49 0.83
N GLY A 64 9.54 -6.29 0.43
CA GLY A 64 10.11 -5.02 0.91
C GLY A 64 9.29 -4.41 2.03
N ALA A 65 9.28 -5.08 3.20
CA ALA A 65 8.61 -4.56 4.41
C ALA A 65 9.43 -4.99 5.66
N MET A 1 2.29 9.64 -7.93
CA MET A 1 0.96 9.00 -8.03
C MET A 1 1.12 7.51 -8.40
N ASN A 2 1.07 6.66 -7.36
CA ASN A 2 0.99 5.20 -7.46
C ASN A 2 -0.02 4.73 -6.42
N ALA A 3 -0.38 3.44 -6.48
CA ALA A 3 -1.36 2.80 -5.55
C ALA A 3 -1.17 3.23 -4.08
N ILE A 4 0.08 3.22 -3.63
CA ILE A 4 0.46 3.46 -2.23
C ILE A 4 0.24 4.95 -1.90
N ASP A 5 0.64 5.80 -2.87
CA ASP A 5 0.56 7.27 -2.79
C ASP A 5 -0.90 7.75 -2.80
N ILE A 6 -1.74 7.05 -3.57
CA ILE A 6 -3.18 7.37 -3.71
C ILE A 6 -3.92 7.02 -2.41
N ALA A 7 -3.46 5.96 -1.72
CA ALA A 7 -3.98 5.59 -0.39
C ALA A 7 -3.60 6.65 0.67
N ILE A 8 -2.42 7.28 0.51
CA ILE A 8 -1.98 8.44 1.32
C ILE A 8 -2.93 9.63 1.07
N ASN A 9 -3.27 9.85 -0.21
CA ASN A 9 -4.15 10.94 -0.66
C ASN A 9 -5.60 10.71 -0.20
N LYS A 10 -6.00 9.43 -0.11
CA LYS A 10 -7.39 9.03 0.21
C LYS A 10 -7.64 9.14 1.73
N LEU A 11 -6.68 8.65 2.55
CA LEU A 11 -6.79 8.71 4.02
C LEU A 11 -6.32 10.09 4.56
N GLY A 12 -5.55 10.82 3.73
CA GLY A 12 -5.08 12.17 4.06
C GLY A 12 -3.65 12.18 4.60
N SER A 13 -3.17 11.04 5.15
CA SER A 13 -1.84 10.96 5.78
C SER A 13 -1.27 9.53 5.69
N VAL A 14 0.06 9.46 5.87
CA VAL A 14 0.83 8.21 5.98
C VAL A 14 0.75 7.65 7.40
N SER A 15 0.54 8.54 8.37
CA SER A 15 0.42 8.16 9.79
C SER A 15 -0.87 7.34 10.02
N ALA A 16 -1.98 7.78 9.39
CA ALA A 16 -3.27 7.06 9.39
C ALA A 16 -3.21 5.84 8.46
N LEU A 17 -2.47 5.98 7.32
CA LEU A 17 -2.33 4.90 6.33
C LEU A 17 -1.63 3.67 6.92
N ALA A 18 -0.45 3.92 7.50
CA ALA A 18 0.41 2.87 8.07
C ALA A 18 -0.23 2.21 9.30
N ALA A 19 -0.98 3.01 10.08
CA ALA A 19 -1.76 2.51 11.24
C ALA A 19 -2.83 1.49 10.76
N ALA A 20 -3.48 1.83 9.62
CA ALA A 20 -4.49 0.98 8.99
C ALA A 20 -3.86 -0.30 8.39
N LEU A 21 -2.63 -0.15 7.87
CA LEU A 21 -1.88 -1.23 7.19
C LEU A 21 -1.05 -2.08 8.17
N GLY A 22 -0.98 -1.64 9.44
CA GLY A 22 -0.23 -2.37 10.49
C GLY A 22 1.28 -2.38 10.24
N VAL A 23 1.77 -1.27 9.65
CA VAL A 23 3.18 -1.04 9.32
C VAL A 23 3.64 0.33 9.84
N ASN A 24 4.92 0.64 9.63
CA ASN A 24 5.50 1.95 9.93
C ASN A 24 5.28 2.90 8.75
N GLN A 25 5.50 4.18 9.04
CA GLN A 25 5.44 5.28 8.07
C GLN A 25 6.69 5.23 7.16
N SER A 26 7.77 4.63 7.71
CA SER A 26 9.01 4.35 6.97
C SER A 26 8.78 3.30 5.86
N ALA A 27 7.95 2.28 6.18
CA ALA A 27 7.60 1.19 5.23
C ALA A 27 6.84 1.73 4.01
N ILE A 28 5.85 2.60 4.28
CA ILE A 28 4.99 3.23 3.26
C ILE A 28 5.83 4.03 2.24
N SER A 29 6.79 4.79 2.78
CA SER A 29 7.71 5.61 1.97
C SER A 29 8.49 4.77 0.95
N GLN A 30 8.91 3.56 1.37
CA GLN A 30 9.70 2.65 0.52
C GLN A 30 8.80 1.90 -0.49
N TRP A 31 7.55 1.62 -0.12
CA TRP A 31 6.55 0.96 -1.01
C TRP A 31 6.16 1.89 -2.17
N ARG A 32 5.95 3.16 -1.82
CA ARG A 32 5.65 4.23 -2.77
C ARG A 32 6.85 4.46 -3.68
N ALA A 33 8.04 4.52 -3.08
CA ALA A 33 9.28 4.74 -3.81
C ALA A 33 9.55 3.61 -4.82
N ARG A 34 9.16 2.38 -4.42
CA ARG A 34 9.26 1.18 -5.26
C ARG A 34 8.17 1.18 -6.36
N GLY A 35 7.00 1.73 -6.01
CA GLY A 35 5.83 1.75 -6.88
C GLY A 35 4.97 0.50 -6.74
N ARG A 36 5.26 -0.31 -5.69
CA ARG A 36 4.57 -1.60 -5.44
C ARG A 36 4.77 -2.05 -3.98
N VAL A 37 3.74 -2.71 -3.43
CA VAL A 37 3.73 -3.24 -2.05
C VAL A 37 4.11 -4.75 -2.02
N PRO A 38 4.48 -5.30 -0.81
CA PRO A 38 4.58 -6.76 -0.59
C PRO A 38 3.18 -7.43 -0.65
N ALA A 39 3.18 -8.76 -0.66
CA ALA A 39 1.98 -9.60 -0.81
C ALA A 39 0.91 -9.32 0.26
N GLY A 40 -0.38 -9.50 -0.12
CA GLY A 40 -1.52 -9.38 0.79
C GLY A 40 -1.98 -7.95 1.03
N ARG A 41 -1.02 -7.08 1.38
CA ARG A 41 -1.28 -5.70 1.87
C ARG A 41 -1.96 -4.80 0.81
N CYS A 42 -1.86 -5.21 -0.47
CA CYS A 42 -2.49 -4.49 -1.59
C CYS A 42 -4.01 -4.34 -1.41
N ILE A 43 -4.63 -5.36 -0.79
CA ILE A 43 -6.10 -5.42 -0.52
C ILE A 43 -6.62 -4.16 0.19
N ASP A 44 -5.87 -3.72 1.19
CA ASP A 44 -6.24 -2.58 2.05
C ASP A 44 -6.03 -1.27 1.29
N ILE A 45 -4.84 -1.15 0.67
CA ILE A 45 -4.50 -0.01 -0.20
C ILE A 45 -5.48 0.06 -1.40
N GLU A 46 -6.05 -1.10 -1.77
CA GLU A 46 -7.03 -1.23 -2.89
C GLU A 46 -8.37 -0.59 -2.48
N LEU A 47 -8.77 -0.79 -1.20
CA LEU A 47 -9.93 -0.10 -0.59
C LEU A 47 -9.79 1.43 -0.80
N TYR A 48 -8.55 1.91 -0.65
CA TYR A 48 -8.23 3.35 -0.68
C TYR A 48 -7.86 3.81 -2.11
N THR A 49 -7.69 2.85 -3.04
CA THR A 49 -7.58 3.09 -4.49
C THR A 49 -8.89 2.60 -5.13
N ASP A 50 -9.99 3.22 -4.68
CA ASP A 50 -11.40 2.85 -5.00
C ASP A 50 -11.83 3.26 -6.46
N GLY A 51 -10.98 2.95 -7.45
CA GLY A 51 -11.22 3.26 -8.86
C GLY A 51 -10.17 4.21 -9.42
N ARG A 52 -9.47 4.90 -8.51
CA ARG A 52 -8.46 5.93 -8.86
C ARG A 52 -7.28 5.29 -9.65
N VAL A 53 -6.73 4.18 -9.12
CA VAL A 53 -5.64 3.42 -9.77
C VAL A 53 -5.75 1.93 -9.36
N GLU A 54 -5.19 1.02 -10.17
CA GLU A 54 -5.12 -0.41 -9.81
C GLU A 54 -3.94 -0.66 -8.86
N CYS A 55 -4.26 -1.10 -7.63
CA CYS A 55 -3.26 -1.52 -6.65
C CYS A 55 -2.64 -2.87 -7.06
N ARG A 56 -1.31 -3.00 -6.85
CA ARG A 56 -0.55 -4.20 -7.24
C ARG A 56 0.50 -4.54 -6.17
N GLU A 57 0.73 -5.85 -5.99
CA GLU A 57 1.58 -6.41 -4.92
C GLU A 57 2.62 -7.38 -5.48
N LEU A 58 3.61 -7.71 -4.65
CA LEU A 58 4.59 -8.76 -4.94
C LEU A 58 4.09 -10.04 -4.28
N ARG A 59 3.67 -11.04 -5.11
CA ARG A 59 2.95 -12.26 -4.64
C ARG A 59 3.74 -13.00 -3.53
N PRO A 60 3.06 -13.82 -2.65
CA PRO A 60 3.71 -14.46 -1.48
C PRO A 60 4.87 -15.39 -1.89
N ASP A 61 6.03 -15.11 -1.31
CA ASP A 61 7.26 -15.86 -1.54
C ASP A 61 7.25 -17.13 -0.66
N VAL A 62 6.82 -16.92 0.60
CA VAL A 62 6.62 -18.00 1.59
C VAL A 62 5.09 -18.14 1.81
N PHE A 63 4.51 -19.22 1.27
CA PHE A 63 3.06 -19.46 1.27
C PHE A 63 2.75 -20.79 1.96
N GLY A 64 1.97 -20.75 3.05
CA GLY A 64 1.59 -21.93 3.83
C GLY A 64 0.21 -21.75 4.46
N ALA A 65 -0.68 -22.73 4.22
CA ALA A 65 -2.08 -22.70 4.68
C ALA A 65 -2.51 -24.12 5.12
N MET A 1 1.67 9.03 -9.64
CA MET A 1 0.87 8.76 -8.44
C MET A 1 0.59 7.25 -8.36
N ASN A 2 1.37 6.56 -7.51
CA ASN A 2 1.18 5.11 -7.23
C ASN A 2 -0.09 4.90 -6.41
N ALA A 3 -0.55 3.65 -6.33
CA ALA A 3 -1.65 3.22 -5.46
C ALA A 3 -1.38 3.59 -3.99
N ILE A 4 -0.14 3.32 -3.56
CA ILE A 4 0.32 3.60 -2.19
C ILE A 4 0.20 5.12 -1.91
N ASP A 5 0.56 5.91 -2.94
CA ASP A 5 0.55 7.39 -2.91
C ASP A 5 -0.90 7.92 -2.80
N ILE A 6 -1.81 7.35 -3.61
CA ILE A 6 -3.23 7.77 -3.66
C ILE A 6 -3.95 7.41 -2.34
N ALA A 7 -3.51 6.32 -1.68
CA ALA A 7 -4.05 5.91 -0.37
C ALA A 7 -3.59 6.84 0.77
N ILE A 8 -2.40 7.47 0.60
CA ILE A 8 -1.91 8.54 1.50
C ILE A 8 -2.93 9.69 1.53
N ASN A 9 -3.31 10.13 0.31
CA ASN A 9 -4.26 11.22 0.10
C ASN A 9 -5.66 10.83 0.61
N LYS A 10 -6.02 9.54 0.46
CA LYS A 10 -7.35 9.02 0.83
C LYS A 10 -7.55 9.02 2.35
N LEU A 11 -6.50 8.64 3.09
CA LEU A 11 -6.54 8.62 4.56
C LEU A 11 -5.97 9.92 5.16
N GLY A 12 -5.49 10.83 4.29
CA GLY A 12 -5.02 12.15 4.68
C GLY A 12 -3.52 12.19 4.97
N SER A 13 -2.94 11.09 5.46
CA SER A 13 -1.52 11.03 5.85
C SER A 13 -0.97 9.59 5.76
N VAL A 14 0.37 9.50 5.79
CA VAL A 14 1.08 8.22 5.86
C VAL A 14 0.97 7.64 7.28
N SER A 15 0.84 8.52 8.27
CA SER A 15 0.69 8.11 9.67
C SER A 15 -0.65 7.37 9.86
N ALA A 16 -1.70 7.85 9.19
CA ALA A 16 -3.02 7.20 9.17
C ALA A 16 -3.04 5.96 8.26
N LEU A 17 -2.24 6.02 7.17
CA LEU A 17 -2.15 4.94 6.17
C LEU A 17 -1.49 3.69 6.78
N ALA A 18 -0.27 3.87 7.28
CA ALA A 18 0.54 2.83 7.89
C ALA A 18 -0.14 2.23 9.14
N ALA A 19 -0.89 3.07 9.87
CA ALA A 19 -1.72 2.61 11.00
C ALA A 19 -2.77 1.58 10.53
N ALA A 20 -3.46 1.92 9.44
CA ALA A 20 -4.52 1.08 8.83
C ALA A 20 -3.93 -0.18 8.15
N LEU A 21 -2.64 -0.10 7.78
CA LEU A 21 -1.90 -1.21 7.15
C LEU A 21 -1.06 -1.99 8.17
N GLY A 22 -1.03 -1.50 9.42
CA GLY A 22 -0.31 -2.15 10.53
C GLY A 22 1.20 -2.16 10.36
N VAL A 23 1.70 -1.28 9.46
CA VAL A 23 3.15 -1.16 9.15
C VAL A 23 3.69 0.17 9.66
N ASN A 24 4.99 0.41 9.40
CA ASN A 24 5.67 1.64 9.78
C ASN A 24 5.48 2.71 8.71
N GLN A 25 5.74 3.96 9.10
CA GLN A 25 5.51 5.15 8.24
C GLN A 25 6.60 5.21 7.17
N SER A 26 7.82 4.83 7.58
CA SER A 26 8.99 4.71 6.68
C SER A 26 8.81 3.53 5.70
N ALA A 27 8.02 2.52 6.10
CA ALA A 27 7.69 1.36 5.24
C ALA A 27 6.85 1.82 4.04
N ILE A 28 5.92 2.75 4.30
CA ILE A 28 5.07 3.36 3.27
C ILE A 28 5.91 4.22 2.31
N SER A 29 6.88 4.94 2.87
CA SER A 29 7.83 5.77 2.08
C SER A 29 8.64 4.88 1.11
N GLN A 30 8.91 3.64 1.54
CA GLN A 30 9.61 2.64 0.70
C GLN A 30 8.67 2.09 -0.38
N TRP A 31 7.41 1.81 -0.01
CA TRP A 31 6.40 1.24 -0.94
C TRP A 31 6.03 2.25 -2.05
N ARG A 32 6.03 3.53 -1.67
CA ARG A 32 5.74 4.66 -2.55
C ARG A 32 6.90 4.87 -3.54
N ALA A 33 8.13 4.57 -3.07
CA ALA A 33 9.35 4.66 -3.89
C ALA A 33 9.56 3.38 -4.71
N ARG A 34 8.96 2.27 -4.23
CA ARG A 34 9.01 0.95 -4.90
C ARG A 34 7.99 0.90 -6.05
N GLY A 35 6.87 1.61 -5.86
CA GLY A 35 5.72 1.56 -6.77
C GLY A 35 4.92 0.27 -6.63
N ARG A 36 5.18 -0.46 -5.53
CA ARG A 36 4.62 -1.80 -5.23
C ARG A 36 4.58 -2.02 -3.72
N VAL A 37 3.79 -3.02 -3.31
CA VAL A 37 3.69 -3.46 -1.90
C VAL A 37 4.03 -4.96 -1.78
N PRO A 38 4.48 -5.42 -0.57
CA PRO A 38 4.52 -6.86 -0.21
C PRO A 38 3.15 -7.57 -0.38
N ALA A 39 3.21 -8.91 -0.43
CA ALA A 39 2.03 -9.75 -0.71
C ALA A 39 0.91 -9.55 0.32
N GLY A 40 -0.30 -9.31 -0.18
CA GLY A 40 -1.53 -9.30 0.63
C GLY A 40 -1.98 -7.90 1.04
N ARG A 41 -1.04 -6.96 1.18
CA ARG A 41 -1.34 -5.62 1.73
C ARG A 41 -2.02 -4.69 0.70
N CYS A 42 -1.96 -5.10 -0.58
CA CYS A 42 -2.58 -4.36 -1.68
C CYS A 42 -4.11 -4.32 -1.56
N ILE A 43 -4.66 -5.33 -0.87
CA ILE A 43 -6.11 -5.46 -0.64
C ILE A 43 -6.68 -4.17 0.01
N ASP A 44 -5.96 -3.69 1.02
CA ASP A 44 -6.38 -2.55 1.84
C ASP A 44 -6.13 -1.23 1.10
N ILE A 45 -4.92 -1.11 0.51
CA ILE A 45 -4.53 0.07 -0.28
C ILE A 45 -5.48 0.27 -1.49
N GLU A 46 -5.95 -0.85 -2.07
CA GLU A 46 -6.88 -0.83 -3.21
C GLU A 46 -8.30 -0.46 -2.75
N LEU A 47 -8.64 -0.84 -1.51
CA LEU A 47 -9.87 -0.40 -0.83
C LEU A 47 -9.88 1.15 -0.68
N TYR A 48 -8.69 1.77 -0.69
CA TYR A 48 -8.53 3.23 -0.64
C TYR A 48 -8.45 3.84 -2.07
N THR A 49 -7.96 3.04 -3.03
CA THR A 49 -7.74 3.51 -4.43
C THR A 49 -8.71 2.82 -5.40
N ASP A 50 -9.99 2.69 -4.96
CA ASP A 50 -11.02 1.75 -5.49
C ASP A 50 -10.85 1.39 -6.99
N GLY A 51 -11.03 2.38 -7.86
CA GLY A 51 -10.86 2.21 -9.31
C GLY A 51 -10.26 3.46 -9.95
N ARG A 52 -9.49 4.20 -9.15
CA ARG A 52 -8.78 5.41 -9.61
C ARG A 52 -7.37 5.05 -10.08
N VAL A 53 -6.73 4.15 -9.34
CA VAL A 53 -5.49 3.46 -9.73
C VAL A 53 -5.57 2.02 -9.21
N GLU A 54 -5.33 1.06 -10.11
CA GLU A 54 -5.38 -0.36 -9.80
C GLU A 54 -4.08 -0.77 -9.09
N CYS A 55 -4.22 -1.12 -7.81
CA CYS A 55 -3.10 -1.52 -6.96
C CYS A 55 -2.59 -2.92 -7.31
N ARG A 56 -1.26 -3.11 -7.34
CA ARG A 56 -0.63 -4.44 -7.50
C ARG A 56 0.28 -4.74 -6.30
N GLU A 57 0.11 -5.95 -5.73
CA GLU A 57 1.02 -6.51 -4.73
C GLU A 57 2.06 -7.41 -5.40
N LEU A 58 3.11 -7.70 -4.65
CA LEU A 58 4.17 -8.63 -5.05
C LEU A 58 3.83 -10.03 -4.57
N ARG A 59 4.47 -11.05 -5.16
CA ARG A 59 4.16 -12.45 -4.85
C ARG A 59 4.42 -12.80 -3.38
N PRO A 60 3.74 -13.86 -2.86
CA PRO A 60 4.06 -14.45 -1.55
C PRO A 60 5.39 -15.21 -1.60
N ASP A 61 6.02 -15.38 -0.43
CA ASP A 61 7.26 -16.16 -0.28
C ASP A 61 6.94 -17.47 0.43
N VAL A 62 6.69 -17.40 1.75
CA VAL A 62 6.26 -18.55 2.57
C VAL A 62 4.73 -18.69 2.61
N PHE A 63 4.03 -17.64 2.11
CA PHE A 63 2.56 -17.60 2.05
C PHE A 63 2.06 -18.26 0.75
N GLY A 64 0.75 -18.15 0.45
CA GLY A 64 0.16 -18.77 -0.73
C GLY A 64 0.07 -20.29 -0.61
N ALA A 65 0.15 -20.78 0.63
CA ALA A 65 0.19 -22.21 0.92
C ALA A 65 -0.31 -22.44 2.36
N MET A 1 2.08 9.32 -9.24
CA MET A 1 1.05 9.03 -8.22
C MET A 1 0.73 7.53 -8.22
N ASN A 2 1.38 6.78 -7.31
CA ASN A 2 1.13 5.33 -7.12
C ASN A 2 -0.21 5.12 -6.42
N ALA A 3 -0.71 3.88 -6.43
CA ALA A 3 -1.87 3.50 -5.61
C ALA A 3 -1.60 3.68 -4.12
N ILE A 4 -0.39 3.30 -3.69
CA ILE A 4 0.06 3.49 -2.30
C ILE A 4 -0.03 4.99 -1.96
N ASP A 5 0.41 5.82 -2.93
CA ASP A 5 0.41 7.30 -2.83
C ASP A 5 -1.01 7.89 -2.79
N ILE A 6 -1.93 7.32 -3.61
CA ILE A 6 -3.34 7.78 -3.67
C ILE A 6 -4.07 7.43 -2.36
N ALA A 7 -3.66 6.30 -1.73
CA ALA A 7 -4.19 5.86 -0.42
C ALA A 7 -3.67 6.76 0.73
N ILE A 8 -2.42 7.26 0.58
CA ILE A 8 -1.83 8.28 1.47
C ILE A 8 -2.74 9.53 1.51
N ASN A 9 -3.10 10.02 0.31
CA ASN A 9 -3.96 11.20 0.15
C ASN A 9 -5.41 10.91 0.57
N LYS A 10 -5.88 9.67 0.32
CA LYS A 10 -7.29 9.26 0.59
C LYS A 10 -7.59 9.31 2.09
N LEU A 11 -6.68 8.78 2.90
CA LEU A 11 -6.80 8.80 4.36
C LEU A 11 -6.36 10.16 4.90
N GLY A 12 -5.45 10.83 4.18
CA GLY A 12 -4.99 12.19 4.53
C GLY A 12 -3.59 12.21 5.14
N SER A 13 -2.99 11.01 5.36
CA SER A 13 -1.61 10.91 5.89
C SER A 13 -1.03 9.48 5.76
N VAL A 14 0.30 9.39 5.88
CA VAL A 14 1.04 8.12 5.89
C VAL A 14 0.98 7.47 7.27
N SER A 15 0.85 8.29 8.32
CA SER A 15 0.72 7.79 9.71
C SER A 15 -0.61 7.04 9.89
N ALA A 16 -1.69 7.55 9.27
CA ALA A 16 -3.00 6.89 9.25
C ALA A 16 -2.96 5.64 8.34
N LEU A 17 -2.28 5.78 7.18
CA LEU A 17 -2.19 4.69 6.19
C LEU A 17 -1.47 3.46 6.76
N ALA A 18 -0.32 3.73 7.37
CA ALA A 18 0.57 2.71 7.95
C ALA A 18 -0.07 2.03 9.16
N ALA A 19 -0.90 2.80 9.90
CA ALA A 19 -1.66 2.28 11.05
C ALA A 19 -2.67 1.20 10.61
N ALA A 20 -3.34 1.46 9.48
CA ALA A 20 -4.33 0.52 8.88
C ALA A 20 -3.63 -0.67 8.20
N LEU A 21 -2.44 -0.41 7.61
CA LEU A 21 -1.64 -1.43 6.89
C LEU A 21 -0.74 -2.25 7.84
N GLY A 22 -0.66 -1.80 9.11
CA GLY A 22 0.05 -2.52 10.18
C GLY A 22 1.57 -2.41 10.08
N VAL A 23 2.05 -1.38 9.38
CA VAL A 23 3.49 -1.10 9.20
C VAL A 23 3.84 0.28 9.79
N ASN A 24 5.12 0.70 9.65
CA ASN A 24 5.56 2.05 10.04
C ASN A 24 5.51 3.02 8.85
N GLN A 25 5.67 4.31 9.14
CA GLN A 25 5.63 5.38 8.13
C GLN A 25 6.74 5.22 7.08
N SER A 26 7.92 4.74 7.53
CA SER A 26 9.09 4.50 6.68
C SER A 26 8.78 3.48 5.58
N ALA A 27 8.04 2.41 5.96
CA ALA A 27 7.65 1.32 5.01
C ALA A 27 6.83 1.87 3.85
N ILE A 28 5.88 2.77 4.16
CA ILE A 28 4.98 3.39 3.16
C ILE A 28 5.76 4.25 2.16
N SER A 29 6.72 5.03 2.69
CA SER A 29 7.60 5.90 1.89
C SER A 29 8.42 5.07 0.89
N GLN A 30 8.87 3.89 1.37
CA GLN A 30 9.61 2.92 0.56
C GLN A 30 8.69 2.25 -0.47
N TRP A 31 7.42 1.96 -0.09
CA TRP A 31 6.44 1.30 -0.98
C TRP A 31 6.01 2.22 -2.13
N ARG A 32 5.98 3.54 -1.85
CA ARG A 32 5.71 4.58 -2.85
C ARG A 32 6.88 4.62 -3.85
N ALA A 33 8.10 4.60 -3.32
CA ALA A 33 9.33 4.65 -4.13
C ALA A 33 9.65 3.29 -4.81
N ARG A 34 8.99 2.21 -4.34
CA ARG A 34 9.15 0.85 -4.89
C ARG A 34 8.19 0.64 -6.06
N GLY A 35 7.00 1.26 -5.97
CA GLY A 35 5.92 1.07 -6.93
C GLY A 35 5.06 -0.14 -6.62
N ARG A 36 5.36 -0.80 -5.48
CA ARG A 36 4.73 -2.08 -5.11
C ARG A 36 4.86 -2.33 -3.59
N VAL A 37 3.89 -3.07 -3.04
CA VAL A 37 3.86 -3.50 -1.64
C VAL A 37 4.12 -5.02 -1.55
N PRO A 38 4.53 -5.55 -0.35
CA PRO A 38 4.58 -7.01 -0.07
C PRO A 38 3.20 -7.70 -0.22
N ALA A 39 3.22 -9.03 -0.20
CA ALA A 39 2.04 -9.88 -0.45
C ALA A 39 0.90 -9.63 0.55
N GLY A 40 -0.32 -9.38 0.01
CA GLY A 40 -1.53 -9.23 0.80
C GLY A 40 -1.60 -7.89 1.54
N ARG A 41 -1.55 -6.78 0.78
CA ARG A 41 -1.58 -5.43 1.36
C ARG A 41 -2.34 -4.45 0.45
N CYS A 42 -2.29 -4.73 -0.87
CA CYS A 42 -3.06 -3.97 -1.88
C CYS A 42 -4.57 -4.16 -1.72
N ILE A 43 -5.00 -5.15 -0.93
CA ILE A 43 -6.40 -5.30 -0.49
C ILE A 43 -6.93 -3.98 0.12
N ASP A 44 -6.22 -3.49 1.15
CA ASP A 44 -6.63 -2.29 1.91
C ASP A 44 -6.46 -1.06 1.03
N ILE A 45 -5.29 -0.99 0.35
CA ILE A 45 -4.91 0.14 -0.51
C ILE A 45 -5.90 0.30 -1.70
N GLU A 46 -6.39 -0.83 -2.25
CA GLU A 46 -7.36 -0.82 -3.37
C GLU A 46 -8.73 -0.29 -2.92
N LEU A 47 -9.07 -0.54 -1.64
CA LEU A 47 -10.28 -0.04 -1.00
C LEU A 47 -10.20 1.51 -0.88
N TYR A 48 -8.97 2.04 -0.74
CA TYR A 48 -8.73 3.49 -0.71
C TYR A 48 -8.58 4.05 -2.14
N THR A 49 -8.12 3.21 -3.08
CA THR A 49 -7.88 3.59 -4.50
C THR A 49 -8.93 2.95 -5.41
N ASP A 50 -10.18 2.97 -4.87
CA ASP A 50 -11.44 2.30 -5.34
C ASP A 50 -11.70 2.32 -6.88
N GLY A 51 -10.76 1.78 -7.68
CA GLY A 51 -10.83 1.82 -9.14
C GLY A 51 -10.13 3.04 -9.74
N ARG A 52 -9.65 3.95 -8.88
CA ARG A 52 -8.94 5.17 -9.28
C ARG A 52 -7.59 4.82 -9.92
N VAL A 53 -6.91 3.84 -9.30
CA VAL A 53 -5.63 3.29 -9.79
C VAL A 53 -5.50 1.84 -9.27
N GLU A 54 -4.83 0.99 -10.07
CA GLU A 54 -4.51 -0.39 -9.70
C GLU A 54 -3.40 -0.41 -8.63
N CYS A 55 -3.69 -1.03 -7.47
CA CYS A 55 -2.66 -1.30 -6.47
C CYS A 55 -1.87 -2.54 -6.88
N ARG A 56 -0.56 -2.50 -6.63
CA ARG A 56 0.38 -3.52 -7.10
C ARG A 56 1.06 -4.15 -5.89
N GLU A 57 0.83 -5.48 -5.66
CA GLU A 57 1.47 -6.22 -4.56
C GLU A 57 2.30 -7.39 -5.08
N LEU A 58 3.20 -7.89 -4.23
CA LEU A 58 4.09 -9.04 -4.52
C LEU A 58 3.36 -10.36 -4.23
N ARG A 59 3.86 -11.45 -4.82
CA ARG A 59 3.31 -12.80 -4.54
C ARG A 59 3.75 -13.31 -3.16
N PRO A 60 2.97 -14.28 -2.55
CA PRO A 60 3.34 -14.92 -1.26
C PRO A 60 4.62 -15.78 -1.36
N ASP A 61 4.94 -16.23 -2.59
CA ASP A 61 6.20 -16.91 -2.93
C ASP A 61 7.39 -15.92 -2.87
N VAL A 62 8.62 -16.45 -2.74
CA VAL A 62 9.86 -15.66 -2.71
C VAL A 62 10.02 -14.88 -4.03
N PHE A 63 9.65 -13.61 -3.99
CA PHE A 63 9.80 -12.68 -5.13
C PHE A 63 11.31 -12.44 -5.42
N GLY A 64 11.68 -12.61 -6.68
CA GLY A 64 13.08 -12.49 -7.13
C GLY A 64 13.54 -13.73 -7.88
N ALA A 65 14.79 -13.70 -8.38
CA ALA A 65 15.41 -14.79 -9.15
C ALA A 65 16.95 -14.70 -8.98
N MET A 1 2.55 8.48 -9.35
CA MET A 1 1.53 8.50 -8.29
C MET A 1 0.77 7.15 -8.28
N ASN A 2 1.37 6.15 -7.61
CA ASN A 2 0.79 4.79 -7.49
C ASN A 2 -0.25 4.73 -6.38
N ALA A 3 -0.89 3.55 -6.27
CA ALA A 3 -1.99 3.31 -5.34
C ALA A 3 -1.62 3.60 -3.88
N ILE A 4 -0.36 3.33 -3.54
CA ILE A 4 0.16 3.49 -2.17
C ILE A 4 0.18 4.99 -1.81
N ASP A 5 0.62 5.79 -2.80
CA ASP A 5 0.76 7.25 -2.67
C ASP A 5 -0.63 7.95 -2.64
N ILE A 6 -1.57 7.40 -3.41
CA ILE A 6 -2.96 7.90 -3.47
C ILE A 6 -3.70 7.56 -2.15
N ALA A 7 -3.40 6.37 -1.61
CA ALA A 7 -4.00 5.92 -0.32
C ALA A 7 -3.53 6.78 0.87
N ILE A 8 -2.33 7.38 0.74
CA ILE A 8 -1.82 8.39 1.70
C ILE A 8 -2.80 9.57 1.76
N ASN A 9 -3.04 10.16 0.58
CA ASN A 9 -3.92 11.33 0.44
C ASN A 9 -5.36 10.98 0.84
N LYS A 10 -5.76 9.72 0.58
CA LYS A 10 -7.13 9.23 0.81
C LYS A 10 -7.44 9.16 2.31
N LEU A 11 -6.46 8.73 3.12
CA LEU A 11 -6.59 8.73 4.61
C LEU A 11 -6.04 10.04 5.20
N GLY A 12 -5.46 10.90 4.32
CA GLY A 12 -4.97 12.23 4.71
C GLY A 12 -3.48 12.25 4.99
N SER A 13 -2.94 11.18 5.61
CA SER A 13 -1.53 11.11 6.02
C SER A 13 -1.00 9.67 5.97
N VAL A 14 0.35 9.55 6.09
CA VAL A 14 1.05 8.27 6.14
C VAL A 14 0.95 7.66 7.54
N SER A 15 0.86 8.51 8.56
CA SER A 15 0.72 8.08 9.96
C SER A 15 -0.63 7.34 10.16
N ALA A 16 -1.68 7.87 9.50
CA ALA A 16 -3.03 7.26 9.47
C ALA A 16 -3.04 6.01 8.58
N LEU A 17 -2.37 6.10 7.42
CA LEU A 17 -2.33 5.00 6.43
C LEU A 17 -1.63 3.75 7.00
N ALA A 18 -0.45 3.99 7.57
CA ALA A 18 0.42 2.93 8.10
C ALA A 18 -0.21 2.25 9.33
N ALA A 19 -0.89 3.04 10.16
CA ALA A 19 -1.63 2.53 11.33
C ALA A 19 -2.74 1.56 10.87
N ALA A 20 -3.46 1.96 9.81
CA ALA A 20 -4.57 1.18 9.22
C ALA A 20 -4.05 -0.13 8.56
N LEU A 21 -2.91 -0.03 7.88
CA LEU A 21 -2.26 -1.18 7.19
C LEU A 21 -1.51 -2.08 8.19
N GLY A 22 -1.28 -1.56 9.42
CA GLY A 22 -0.57 -2.29 10.47
C GLY A 22 0.94 -2.34 10.26
N VAL A 23 1.46 -1.36 9.50
CA VAL A 23 2.88 -1.25 9.13
C VAL A 23 3.48 0.08 9.62
N ASN A 24 4.77 0.34 9.31
CA ASN A 24 5.48 1.58 9.70
C ASN A 24 5.29 2.68 8.65
N GLN A 25 5.58 3.93 9.06
CA GLN A 25 5.41 5.13 8.23
C GLN A 25 6.40 5.17 7.05
N SER A 26 7.68 4.86 7.35
CA SER A 26 8.76 4.86 6.34
C SER A 26 8.54 3.73 5.31
N ALA A 27 7.84 2.67 5.74
CA ALA A 27 7.45 1.53 4.86
C ALA A 27 6.53 2.00 3.72
N ILE A 28 5.63 2.93 4.04
CA ILE A 28 4.65 3.48 3.08
C ILE A 28 5.35 4.31 2.00
N SER A 29 6.18 5.25 2.45
CA SER A 29 6.97 6.12 1.56
C SER A 29 7.96 5.29 0.70
N GLN A 30 8.31 4.11 1.22
CA GLN A 30 9.21 3.15 0.56
C GLN A 30 8.45 2.34 -0.52
N TRP A 31 7.19 1.98 -0.22
CA TRP A 31 6.33 1.21 -1.15
C TRP A 31 5.89 2.06 -2.34
N ARG A 32 5.64 3.33 -2.07
CA ARG A 32 5.21 4.29 -3.10
C ARG A 32 6.41 4.66 -3.99
N ALA A 33 7.61 4.53 -3.42
CA ALA A 33 8.86 4.65 -4.18
C ALA A 33 9.16 3.36 -4.97
N ARG A 34 8.78 2.21 -4.37
CA ARG A 34 8.99 0.86 -4.94
C ARG A 34 8.06 0.61 -6.13
N GLY A 35 6.90 1.30 -6.11
CA GLY A 35 5.86 1.11 -7.11
C GLY A 35 4.89 -0.02 -6.80
N ARG A 36 5.21 -0.79 -5.75
CA ARG A 36 4.54 -2.06 -5.41
C ARG A 36 4.81 -2.43 -3.95
N VAL A 37 3.91 -3.24 -3.36
CA VAL A 37 4.00 -3.66 -1.95
C VAL A 37 4.26 -5.18 -1.86
N PRO A 38 4.77 -5.69 -0.70
CA PRO A 38 4.82 -7.16 -0.40
C PRO A 38 3.41 -7.83 -0.39
N ALA A 39 3.41 -9.18 -0.38
CA ALA A 39 2.21 -10.00 -0.54
C ALA A 39 1.14 -9.76 0.55
N GLY A 40 -0.10 -9.49 0.12
CA GLY A 40 -1.25 -9.33 1.03
C GLY A 40 -1.29 -7.96 1.70
N ARG A 41 -1.33 -6.90 0.88
CA ARG A 41 -1.33 -5.52 1.38
C ARG A 41 -2.03 -4.56 0.42
N CYS A 42 -1.76 -4.72 -0.89
CA CYS A 42 -2.39 -3.89 -1.94
C CYS A 42 -3.90 -4.06 -1.98
N ILE A 43 -4.41 -5.14 -1.38
CA ILE A 43 -5.86 -5.33 -1.16
C ILE A 43 -6.47 -4.07 -0.49
N ASP A 44 -5.90 -3.69 0.65
CA ASP A 44 -6.45 -2.62 1.51
C ASP A 44 -6.03 -1.22 0.98
N ILE A 45 -4.84 -1.14 0.37
CA ILE A 45 -4.37 0.09 -0.30
C ILE A 45 -5.26 0.41 -1.53
N GLU A 46 -5.70 -0.64 -2.25
CA GLU A 46 -6.60 -0.50 -3.41
C GLU A 46 -8.03 -0.21 -2.95
N LEU A 47 -8.36 -0.70 -1.74
CA LEU A 47 -9.61 -0.38 -1.04
C LEU A 47 -9.71 1.15 -0.81
N TYR A 48 -8.55 1.83 -0.74
CA TYR A 48 -8.51 3.30 -0.62
C TYR A 48 -8.47 3.97 -2.00
N THR A 49 -7.93 3.29 -3.01
CA THR A 49 -7.98 3.80 -4.40
C THR A 49 -9.26 3.28 -5.08
N ASP A 50 -10.41 3.77 -4.53
CA ASP A 50 -11.81 3.41 -4.90
C ASP A 50 -11.95 3.02 -6.38
N GLY A 51 -11.52 3.94 -7.25
CA GLY A 51 -11.51 3.71 -8.69
C GLY A 51 -10.45 4.54 -9.38
N ARG A 52 -9.28 4.70 -8.71
CA ARG A 52 -8.18 5.52 -9.22
C ARG A 52 -7.16 4.67 -10.01
N VAL A 53 -6.62 3.63 -9.35
CA VAL A 53 -5.55 2.78 -9.93
C VAL A 53 -5.55 1.38 -9.27
N GLU A 54 -4.98 0.40 -9.98
CA GLU A 54 -4.83 -0.98 -9.49
C GLU A 54 -3.55 -1.03 -8.63
N CYS A 55 -3.62 -1.58 -7.40
CA CYS A 55 -2.44 -1.73 -6.54
C CYS A 55 -1.82 -3.11 -6.78
N ARG A 56 -0.57 -3.14 -7.22
CA ARG A 56 0.15 -4.40 -7.50
C ARG A 56 0.93 -4.82 -6.24
N GLU A 57 0.53 -5.95 -5.64
CA GLU A 57 1.29 -6.61 -4.56
C GLU A 57 2.11 -7.75 -5.15
N LEU A 58 3.18 -8.10 -4.44
CA LEU A 58 4.10 -9.15 -4.83
C LEU A 58 3.54 -10.52 -4.42
N ARG A 59 4.00 -11.58 -5.06
CA ARG A 59 3.48 -12.95 -4.81
C ARG A 59 4.03 -13.51 -3.47
N PRO A 60 3.35 -14.56 -2.87
CA PRO A 60 3.70 -15.10 -1.52
C PRO A 60 4.92 -16.07 -1.54
N ASP A 61 6.03 -15.58 -2.09
CA ASP A 61 7.36 -16.25 -2.15
C ASP A 61 7.71 -16.93 -0.80
N VAL A 62 7.66 -16.14 0.27
CA VAL A 62 7.74 -16.64 1.65
C VAL A 62 6.45 -16.25 2.38
N PHE A 63 5.42 -17.09 2.23
CA PHE A 63 4.12 -16.93 2.92
C PHE A 63 4.16 -17.60 4.30
N GLY A 64 4.82 -18.77 4.34
CA GLY A 64 4.95 -19.55 5.56
C GLY A 64 5.81 -20.77 5.34
N ALA A 65 5.36 -21.65 4.44
CA ALA A 65 6.03 -22.91 4.09
C ALA A 65 5.44 -23.45 2.77
N MET A 1 2.67 9.60 -7.73
CA MET A 1 1.30 9.07 -7.94
C MET A 1 1.36 7.57 -8.28
N ASN A 2 1.10 6.75 -7.25
CA ASN A 2 0.98 5.29 -7.34
C ASN A 2 -0.08 4.84 -6.32
N ALA A 3 -0.43 3.55 -6.35
CA ALA A 3 -1.42 2.94 -5.45
C ALA A 3 -1.23 3.38 -3.97
N ILE A 4 0.01 3.36 -3.52
CA ILE A 4 0.37 3.63 -2.12
C ILE A 4 0.13 5.13 -1.84
N ASP A 5 0.54 5.97 -2.81
CA ASP A 5 0.46 7.45 -2.75
C ASP A 5 -0.99 7.94 -2.75
N ILE A 6 -1.84 7.23 -3.48
CA ILE A 6 -3.27 7.57 -3.61
C ILE A 6 -4.03 7.12 -2.35
N ALA A 7 -3.52 6.08 -1.67
CA ALA A 7 -4.08 5.65 -0.37
C ALA A 7 -3.65 6.61 0.76
N ILE A 8 -2.45 7.21 0.61
CA ILE A 8 -1.97 8.33 1.46
C ILE A 8 -2.93 9.51 1.32
N ASN A 9 -3.22 9.84 0.06
CA ASN A 9 -4.10 10.95 -0.33
C ASN A 9 -5.53 10.70 0.21
N LYS A 10 -6.01 9.45 0.08
CA LYS A 10 -7.39 9.05 0.44
C LYS A 10 -7.57 9.06 1.98
N LEU A 11 -6.50 8.69 2.72
CA LEU A 11 -6.51 8.71 4.19
C LEU A 11 -5.92 10.04 4.75
N GLY A 12 -5.56 10.96 3.83
CA GLY A 12 -5.05 12.30 4.18
C GLY A 12 -3.55 12.33 4.54
N SER A 13 -2.99 11.17 4.94
CA SER A 13 -1.63 11.12 5.53
C SER A 13 -1.04 9.69 5.53
N VAL A 14 0.29 9.62 5.74
CA VAL A 14 1.06 8.37 5.87
C VAL A 14 0.94 7.81 7.30
N SER A 15 0.76 8.71 8.27
CA SER A 15 0.54 8.34 9.68
C SER A 15 -0.73 7.50 9.81
N ALA A 16 -1.81 7.97 9.14
CA ALA A 16 -3.09 7.28 9.07
C ALA A 16 -2.97 5.98 8.25
N LEU A 17 -2.28 6.06 7.09
CA LEU A 17 -2.13 4.92 6.16
C LEU A 17 -1.40 3.74 6.84
N ALA A 18 -0.28 4.05 7.49
CA ALA A 18 0.59 3.07 8.13
C ALA A 18 -0.10 2.39 9.33
N ALA A 19 -0.87 3.18 10.09
CA ALA A 19 -1.66 2.68 11.22
C ALA A 19 -2.73 1.67 10.74
N ALA A 20 -3.38 2.02 9.62
CA ALA A 20 -4.43 1.19 8.99
C ALA A 20 -3.85 -0.11 8.43
N LEU A 21 -2.62 -0.03 7.89
CA LEU A 21 -1.90 -1.17 7.28
C LEU A 21 -1.10 -1.97 8.33
N GLY A 22 -1.00 -1.43 9.56
CA GLY A 22 -0.30 -2.10 10.68
C GLY A 22 1.21 -2.20 10.47
N VAL A 23 1.77 -1.15 9.83
CA VAL A 23 3.20 -1.04 9.51
C VAL A 23 3.78 0.30 10.01
N ASN A 24 5.08 0.53 9.74
CA ASN A 24 5.74 1.83 9.94
C ASN A 24 5.39 2.79 8.82
N GLN A 25 5.61 4.07 9.14
CA GLN A 25 5.42 5.20 8.22
C GLN A 25 6.60 5.25 7.23
N SER A 26 7.75 4.74 7.73
CA SER A 26 8.97 4.50 6.95
C SER A 26 8.73 3.41 5.88
N ALA A 27 7.94 2.37 6.25
CA ALA A 27 7.59 1.25 5.35
C ALA A 27 6.77 1.74 4.15
N ILE A 28 5.80 2.62 4.44
CA ILE A 28 4.95 3.28 3.42
C ILE A 28 5.79 4.08 2.44
N SER A 29 6.74 4.85 3.00
CA SER A 29 7.66 5.69 2.22
C SER A 29 8.52 4.84 1.25
N GLN A 30 8.86 3.60 1.67
CA GLN A 30 9.61 2.64 0.84
C GLN A 30 8.72 2.05 -0.26
N TRP A 31 7.48 1.68 0.10
CA TRP A 31 6.51 1.05 -0.83
C TRP A 31 6.14 1.99 -1.98
N ARG A 32 6.02 3.29 -1.63
CA ARG A 32 5.69 4.34 -2.60
C ARG A 32 6.92 4.66 -3.48
N ALA A 33 8.11 4.60 -2.88
CA ALA A 33 9.36 4.84 -3.62
C ALA A 33 9.66 3.65 -4.57
N ARG A 34 9.10 2.48 -4.22
CA ARG A 34 9.24 1.24 -4.99
C ARG A 34 8.15 1.14 -6.08
N GLY A 35 6.98 1.72 -5.80
CA GLY A 35 5.82 1.67 -6.70
C GLY A 35 4.98 0.39 -6.57
N ARG A 36 5.45 -0.55 -5.71
CA ARG A 36 4.79 -1.85 -5.46
C ARG A 36 4.94 -2.24 -3.98
N VAL A 37 3.97 -3.02 -3.48
CA VAL A 37 3.89 -3.42 -2.05
C VAL A 37 4.05 -4.94 -1.90
N PRO A 38 4.40 -5.44 -0.66
CA PRO A 38 4.37 -6.89 -0.31
C PRO A 38 3.02 -7.55 -0.64
N ALA A 39 3.07 -8.84 -0.99
CA ALA A 39 1.88 -9.64 -1.36
C ALA A 39 0.78 -9.59 -0.26
N GLY A 40 -0.48 -9.41 -0.70
CA GLY A 40 -1.63 -9.35 0.21
C GLY A 40 -1.97 -7.95 0.71
N ARG A 41 -0.96 -7.11 1.00
CA ARG A 41 -1.18 -5.77 1.65
C ARG A 41 -1.91 -4.78 0.70
N CYS A 42 -1.79 -5.00 -0.61
CA CYS A 42 -2.47 -4.17 -1.63
C CYS A 42 -4.00 -4.30 -1.57
N ILE A 43 -4.52 -5.38 -0.95
CA ILE A 43 -5.98 -5.54 -0.72
C ILE A 43 -6.54 -4.29 0.00
N ASP A 44 -5.80 -3.88 1.02
CA ASP A 44 -6.14 -2.75 1.88
C ASP A 44 -5.96 -1.41 1.15
N ILE A 45 -4.81 -1.28 0.48
CA ILE A 45 -4.45 -0.08 -0.29
C ILE A 45 -5.44 0.12 -1.49
N GLU A 46 -6.01 -0.99 -2.00
CA GLU A 46 -6.96 -0.97 -3.15
C GLU A 46 -8.40 -0.64 -2.64
N LEU A 47 -8.62 -0.85 -1.34
CA LEU A 47 -9.82 -0.37 -0.64
C LEU A 47 -9.82 1.17 -0.62
N TYR A 48 -8.59 1.74 -0.57
CA TYR A 48 -8.39 3.21 -0.58
C TYR A 48 -8.19 3.74 -2.02
N THR A 49 -7.81 2.85 -2.95
CA THR A 49 -7.72 3.17 -4.40
C THR A 49 -8.81 2.37 -5.15
N ASP A 50 -10.08 2.62 -4.74
CA ASP A 50 -11.27 1.84 -5.17
C ASP A 50 -11.79 2.29 -6.58
N GLY A 51 -10.87 2.50 -7.53
CA GLY A 51 -11.20 2.92 -8.89
C GLY A 51 -10.20 3.92 -9.46
N ARG A 52 -9.44 4.59 -8.57
CA ARG A 52 -8.49 5.65 -8.95
C ARG A 52 -7.30 5.04 -9.72
N VAL A 53 -6.66 4.01 -9.14
CA VAL A 53 -5.52 3.31 -9.75
C VAL A 53 -5.59 1.83 -9.37
N GLU A 54 -5.37 0.94 -10.36
CA GLU A 54 -5.35 -0.51 -10.15
C GLU A 54 -4.12 -0.88 -9.31
N CYS A 55 -4.33 -1.01 -8.00
CA CYS A 55 -3.29 -1.40 -7.04
C CYS A 55 -2.88 -2.86 -7.28
N ARG A 56 -1.59 -3.16 -7.10
CA ARG A 56 -1.03 -4.49 -7.37
C ARG A 56 0.10 -4.78 -6.36
N GLU A 57 0.14 -6.04 -5.90
CA GLU A 57 1.14 -6.51 -4.93
C GLU A 57 2.08 -7.54 -5.55
N LEU A 58 3.18 -7.78 -4.85
CA LEU A 58 4.19 -8.79 -5.21
C LEU A 58 3.60 -10.22 -5.12
N ARG A 59 4.29 -11.21 -5.69
CA ARG A 59 3.78 -12.59 -5.79
C ARG A 59 3.56 -13.23 -4.39
N PRO A 60 2.60 -14.19 -4.27
CA PRO A 60 2.33 -14.94 -3.02
C PRO A 60 3.40 -16.03 -2.82
N ASP A 61 4.57 -15.58 -2.40
CA ASP A 61 5.82 -16.37 -2.36
C ASP A 61 5.93 -17.30 -1.11
N VAL A 62 4.79 -17.87 -0.68
CA VAL A 62 4.71 -18.87 0.41
C VAL A 62 5.16 -18.27 1.76
N PHE A 63 4.23 -17.55 2.39
CA PHE A 63 4.42 -16.89 3.69
C PHE A 63 3.01 -16.62 4.28
N GLY A 64 2.95 -16.32 5.59
CA GLY A 64 1.67 -15.96 6.23
C GLY A 64 1.63 -16.39 7.69
N ALA A 65 2.30 -17.51 7.99
CA ALA A 65 2.34 -18.11 9.33
C ALA A 65 3.44 -19.20 9.37
N MET A 1 2.92 8.25 -9.81
CA MET A 1 1.60 8.23 -9.16
C MET A 1 1.10 6.77 -9.02
N ASN A 2 1.45 6.16 -7.88
CA ASN A 2 1.08 4.77 -7.56
C ASN A 2 -0.07 4.72 -6.55
N ALA A 3 -0.64 3.52 -6.42
CA ALA A 3 -1.71 3.19 -5.47
C ALA A 3 -1.35 3.59 -4.03
N ILE A 4 -0.09 3.33 -3.64
CA ILE A 4 0.38 3.58 -2.25
C ILE A 4 0.22 5.08 -1.91
N ASP A 5 0.52 5.93 -2.91
CA ASP A 5 0.44 7.41 -2.81
C ASP A 5 -1.02 7.87 -2.73
N ILE A 6 -1.86 7.32 -3.62
CA ILE A 6 -3.29 7.69 -3.72
C ILE A 6 -4.04 7.33 -2.42
N ALA A 7 -3.57 6.28 -1.74
CA ALA A 7 -4.10 5.87 -0.42
C ALA A 7 -3.70 6.87 0.69
N ILE A 8 -2.48 7.44 0.57
CA ILE A 8 -2.00 8.52 1.47
C ILE A 8 -2.89 9.76 1.32
N ASN A 9 -3.22 10.10 0.06
CA ASN A 9 -4.09 11.25 -0.27
C ASN A 9 -5.51 11.03 0.28
N LYS A 10 -6.05 9.80 0.10
CA LYS A 10 -7.44 9.49 0.49
C LYS A 10 -7.60 9.51 2.02
N LEU A 11 -6.64 8.89 2.74
CA LEU A 11 -6.68 8.82 4.21
C LEU A 11 -6.17 10.14 4.84
N GLY A 12 -5.51 10.99 4.02
CA GLY A 12 -5.02 12.29 4.45
C GLY A 12 -3.54 12.29 4.83
N SER A 13 -3.02 11.12 5.29
CA SER A 13 -1.63 11.02 5.81
C SER A 13 -1.11 9.57 5.78
N VAL A 14 0.23 9.44 5.95
CA VAL A 14 0.93 8.15 6.04
C VAL A 14 0.79 7.59 7.47
N SER A 15 0.70 8.49 8.46
CA SER A 15 0.44 8.09 9.86
C SER A 15 -0.90 7.35 9.95
N ALA A 16 -1.90 7.85 9.18
CA ALA A 16 -3.23 7.21 9.05
C ALA A 16 -3.14 5.91 8.22
N LEU A 17 -2.37 5.96 7.11
CA LEU A 17 -2.26 4.83 6.17
C LEU A 17 -1.59 3.62 6.83
N ALA A 18 -0.35 3.84 7.29
CA ALA A 18 0.48 2.82 7.96
C ALA A 18 -0.20 2.24 9.22
N ALA A 19 -0.99 3.08 9.93
CA ALA A 19 -1.80 2.62 11.07
C ALA A 19 -2.84 1.56 10.62
N ALA A 20 -3.53 1.88 9.51
CA ALA A 20 -4.57 1.01 8.89
C ALA A 20 -3.94 -0.22 8.20
N LEU A 21 -2.64 -0.12 7.84
CA LEU A 21 -1.88 -1.22 7.21
C LEU A 21 -1.09 -2.02 8.26
N GLY A 22 -1.05 -1.50 9.50
CA GLY A 22 -0.39 -2.17 10.64
C GLY A 22 1.13 -2.22 10.50
N VAL A 23 1.68 -1.27 9.71
CA VAL A 23 3.12 -1.20 9.40
C VAL A 23 3.72 0.13 9.89
N ASN A 24 5.04 0.29 9.65
CA ASN A 24 5.74 1.54 9.94
C ASN A 24 5.46 2.55 8.82
N GLN A 25 5.62 3.82 9.17
CA GLN A 25 5.34 4.96 8.29
C GLN A 25 6.44 5.08 7.20
N SER A 26 7.67 4.70 7.58
CA SER A 26 8.82 4.63 6.68
C SER A 26 8.71 3.43 5.72
N ALA A 27 7.96 2.38 6.13
CA ALA A 27 7.66 1.23 5.25
C ALA A 27 6.84 1.68 4.04
N ILE A 28 5.88 2.59 4.31
CA ILE A 28 5.03 3.20 3.28
C ILE A 28 5.85 4.03 2.30
N SER A 29 6.81 4.79 2.85
CA SER A 29 7.75 5.61 2.08
C SER A 29 8.57 4.73 1.10
N GLN A 30 8.94 3.53 1.58
CA GLN A 30 9.68 2.52 0.81
C GLN A 30 8.79 1.91 -0.30
N TRP A 31 7.54 1.58 0.06
CA TRP A 31 6.57 0.90 -0.83
C TRP A 31 6.17 1.81 -2.00
N ARG A 32 6.04 3.10 -1.70
CA ARG A 32 5.72 4.13 -2.68
C ARG A 32 6.93 4.38 -3.58
N ALA A 33 8.11 4.43 -2.97
CA ALA A 33 9.37 4.62 -3.70
C ALA A 33 9.70 3.39 -4.57
N ARG A 34 9.13 2.24 -4.21
CA ARG A 34 9.22 0.99 -4.98
C ARG A 34 8.17 0.98 -6.11
N GLY A 35 7.00 1.59 -5.82
CA GLY A 35 5.88 1.65 -6.77
C GLY A 35 4.92 0.47 -6.64
N ARG A 36 5.30 -0.50 -5.79
CA ARG A 36 4.55 -1.75 -5.60
C ARG A 36 4.82 -2.27 -4.18
N VAL A 37 3.77 -2.72 -3.49
CA VAL A 37 3.90 -3.28 -2.12
C VAL A 37 4.27 -4.77 -2.19
N PRO A 38 4.88 -5.34 -1.10
CA PRO A 38 4.98 -6.81 -0.90
C PRO A 38 3.59 -7.48 -0.74
N ALA A 39 3.58 -8.81 -0.78
CA ALA A 39 2.35 -9.62 -0.77
C ALA A 39 1.48 -9.36 0.49
N GLY A 40 0.14 -9.43 0.30
CA GLY A 40 -0.84 -9.32 1.38
C GLY A 40 -0.92 -7.93 1.99
N ARG A 41 -1.19 -6.91 1.14
CA ARG A 41 -1.37 -5.52 1.63
C ARG A 41 -2.07 -4.61 0.60
N CYS A 42 -1.93 -4.94 -0.69
CA CYS A 42 -2.59 -4.17 -1.78
C CYS A 42 -4.11 -4.22 -1.66
N ILE A 43 -4.62 -5.28 -1.02
CA ILE A 43 -6.06 -5.43 -0.70
C ILE A 43 -6.59 -4.19 0.03
N ASP A 44 -5.81 -3.74 1.02
CA ASP A 44 -6.16 -2.61 1.88
C ASP A 44 -5.97 -1.28 1.14
N ILE A 45 -4.81 -1.13 0.49
CA ILE A 45 -4.48 0.07 -0.29
C ILE A 45 -5.50 0.26 -1.45
N GLU A 46 -6.04 -0.86 -1.98
CA GLU A 46 -7.02 -0.86 -3.08
C GLU A 46 -8.42 -0.49 -2.57
N LEU A 47 -8.68 -0.64 -1.25
CA LEU A 47 -9.87 -0.05 -0.62
C LEU A 47 -9.82 1.48 -0.83
N TYR A 48 -8.63 2.05 -0.59
CA TYR A 48 -8.42 3.52 -0.64
C TYR A 48 -8.06 4.01 -2.06
N THR A 49 -7.90 3.06 -3.00
CA THR A 49 -7.63 3.36 -4.43
C THR A 49 -8.65 2.64 -5.32
N ASP A 50 -9.89 2.53 -4.76
CA ASP A 50 -11.02 1.68 -5.27
C ASP A 50 -11.07 1.55 -6.81
N GLY A 51 -11.41 2.65 -7.47
CA GLY A 51 -11.38 2.77 -8.93
C GLY A 51 -10.60 3.99 -9.34
N ARG A 52 -9.59 4.33 -8.51
CA ARG A 52 -8.68 5.47 -8.75
C ARG A 52 -7.52 5.01 -9.63
N VAL A 53 -6.89 3.92 -9.18
CA VAL A 53 -5.70 3.32 -9.81
C VAL A 53 -5.69 1.81 -9.49
N GLU A 54 -5.31 0.99 -10.49
CA GLU A 54 -5.19 -0.46 -10.33
C GLU A 54 -3.99 -0.78 -9.42
N CYS A 55 -4.28 -1.19 -8.19
CA CYS A 55 -3.26 -1.48 -7.17
C CYS A 55 -2.62 -2.86 -7.41
N ARG A 56 -1.29 -2.96 -7.23
CA ARG A 56 -0.56 -4.25 -7.33
C ARG A 56 0.27 -4.50 -6.06
N GLU A 57 0.14 -5.73 -5.52
CA GLU A 57 1.09 -6.31 -4.55
C GLU A 57 1.97 -7.31 -5.27
N LEU A 58 3.10 -7.65 -4.64
CA LEU A 58 3.99 -8.72 -5.07
C LEU A 58 3.36 -10.05 -4.65
N ARG A 59 3.79 -11.13 -5.28
CA ARG A 59 3.28 -12.47 -4.98
C ARG A 59 4.08 -13.11 -3.83
N PRO A 60 3.51 -14.14 -3.11
CA PRO A 60 4.14 -14.75 -1.90
C PRO A 60 5.33 -15.69 -2.21
N ASP A 61 5.95 -15.56 -3.42
CA ASP A 61 7.07 -16.41 -3.89
C ASP A 61 6.66 -17.90 -3.88
N VAL A 62 7.65 -18.81 -3.98
CA VAL A 62 7.42 -20.25 -3.83
C VAL A 62 8.14 -20.71 -2.55
N PHE A 63 7.48 -20.47 -1.38
CA PHE A 63 7.98 -20.89 -0.06
C PHE A 63 7.37 -22.25 0.35
N GLY A 64 7.90 -22.81 1.44
CA GLY A 64 7.42 -24.05 2.01
C GLY A 64 7.73 -24.10 3.50
N ALA A 65 8.52 -25.09 3.94
CA ALA A 65 8.92 -25.23 5.35
C ALA A 65 10.17 -26.15 5.44
N MET A 1 0.00 7.49 -11.33
CA MET A 1 0.75 7.26 -10.07
C MET A 1 0.30 5.94 -9.44
N ASN A 2 1.14 5.37 -8.54
CA ASN A 2 0.80 4.13 -7.82
C ASN A 2 -0.29 4.38 -6.77
N ALA A 3 -1.01 3.31 -6.45
CA ALA A 3 -2.10 3.32 -5.47
C ALA A 3 -1.61 3.55 -4.04
N ILE A 4 -0.34 3.22 -3.73
CA ILE A 4 0.22 3.46 -2.37
C ILE A 4 0.21 4.97 -2.08
N ASP A 5 0.57 5.72 -3.14
CA ASP A 5 0.54 7.20 -3.20
C ASP A 5 -0.90 7.74 -2.96
N ILE A 6 -1.88 7.20 -3.70
CA ILE A 6 -3.29 7.65 -3.62
C ILE A 6 -3.96 7.17 -2.31
N ALA A 7 -3.42 6.11 -1.70
CA ALA A 7 -3.91 5.61 -0.39
C ALA A 7 -3.52 6.60 0.72
N ILE A 8 -2.35 7.25 0.56
CA ILE A 8 -1.91 8.37 1.41
C ILE A 8 -2.86 9.56 1.24
N ASN A 9 -3.24 9.81 -0.02
CA ASN A 9 -4.15 10.90 -0.40
C ASN A 9 -5.57 10.68 0.19
N LYS A 10 -6.00 9.40 0.25
CA LYS A 10 -7.36 9.05 0.72
C LYS A 10 -7.42 9.19 2.25
N LEU A 11 -6.44 8.57 2.94
CA LEU A 11 -6.28 8.67 4.40
C LEU A 11 -5.93 10.12 4.82
N GLY A 12 -5.29 10.87 3.91
CA GLY A 12 -4.84 12.24 4.16
C GLY A 12 -3.45 12.30 4.78
N SER A 13 -2.91 11.13 5.22
CA SER A 13 -1.60 11.03 5.89
C SER A 13 -1.06 9.60 5.82
N VAL A 14 0.28 9.49 5.95
CA VAL A 14 1.00 8.21 6.01
C VAL A 14 0.91 7.61 7.42
N SER A 15 0.78 8.47 8.43
CA SER A 15 0.63 8.06 9.83
C SER A 15 -0.67 7.25 10.03
N ALA A 16 -1.76 7.72 9.38
CA ALA A 16 -3.08 7.04 9.40
C ALA A 16 -3.05 5.79 8.49
N LEU A 17 -2.37 5.92 7.34
CA LEU A 17 -2.29 4.83 6.33
C LEU A 17 -1.53 3.61 6.89
N ALA A 18 -0.35 3.87 7.44
CA ALA A 18 0.53 2.86 8.04
C ALA A 18 -0.16 2.15 9.22
N ALA A 19 -0.92 2.92 10.00
CA ALA A 19 -1.74 2.40 11.12
C ALA A 19 -2.84 1.45 10.60
N ALA A 20 -3.39 1.78 9.42
CA ALA A 20 -4.45 0.98 8.76
C ALA A 20 -3.87 -0.26 8.03
N LEU A 21 -2.56 -0.21 7.74
CA LEU A 21 -1.83 -1.29 7.03
C LEU A 21 -0.95 -2.11 8.01
N GLY A 22 -0.96 -1.71 9.30
CA GLY A 22 -0.26 -2.42 10.37
C GLY A 22 1.26 -2.32 10.31
N VAL A 23 1.76 -1.35 9.53
CA VAL A 23 3.22 -1.13 9.29
C VAL A 23 3.64 0.25 9.83
N ASN A 24 4.97 0.51 9.78
CA ASN A 24 5.53 1.82 10.11
C ASN A 24 5.41 2.77 8.90
N GLN A 25 5.68 4.05 9.17
CA GLN A 25 5.49 5.15 8.20
C GLN A 25 6.57 5.11 7.10
N SER A 26 7.75 4.58 7.47
CA SER A 26 8.90 4.44 6.56
C SER A 26 8.61 3.36 5.49
N ALA A 27 7.82 2.32 5.87
CA ALA A 27 7.40 1.25 4.94
C ALA A 27 6.57 1.81 3.80
N ILE A 28 5.67 2.76 4.13
CA ILE A 28 4.74 3.36 3.17
C ILE A 28 5.50 4.19 2.12
N SER A 29 6.36 5.09 2.59
CA SER A 29 7.17 5.98 1.73
C SER A 29 8.14 5.14 0.84
N GLN A 30 8.54 3.97 1.35
CA GLN A 30 9.36 2.99 0.60
C GLN A 30 8.49 2.38 -0.51
N TRP A 31 7.29 1.89 -0.13
CA TRP A 31 6.34 1.21 -1.04
C TRP A 31 5.82 2.17 -2.14
N ARG A 32 5.81 3.46 -1.83
CA ARG A 32 5.32 4.53 -2.71
C ARG A 32 6.33 4.71 -3.85
N ALA A 33 7.61 4.87 -3.45
CA ALA A 33 8.73 5.00 -4.39
C ALA A 33 8.97 3.68 -5.15
N ARG A 34 8.59 2.56 -4.51
CA ARG A 34 8.74 1.21 -5.05
C ARG A 34 7.59 0.87 -6.02
N GLY A 35 6.41 1.45 -5.78
CA GLY A 35 5.18 1.15 -6.56
C GLY A 35 4.67 -0.28 -6.33
N ARG A 36 5.21 -0.91 -5.27
CA ARG A 36 5.00 -2.34 -4.95
C ARG A 36 5.10 -2.55 -3.44
N VAL A 37 4.22 -3.42 -2.92
CA VAL A 37 4.17 -3.79 -1.49
C VAL A 37 4.38 -5.32 -1.35
N PRO A 38 4.78 -5.82 -0.14
CA PRO A 38 4.70 -7.26 0.22
C PRO A 38 3.28 -7.86 0.01
N ALA A 39 3.24 -9.19 -0.19
CA ALA A 39 2.00 -9.95 -0.51
C ALA A 39 0.85 -9.69 0.50
N GLY A 40 -0.34 -9.39 -0.03
CA GLY A 40 -1.55 -9.19 0.78
C GLY A 40 -1.54 -7.88 1.55
N ARG A 41 -1.42 -6.76 0.81
CA ARG A 41 -1.45 -5.41 1.40
C ARG A 41 -2.03 -4.39 0.42
N CYS A 42 -1.76 -4.60 -0.88
CA CYS A 42 -2.37 -3.80 -1.95
C CYS A 42 -3.88 -4.04 -2.05
N ILE A 43 -4.36 -5.13 -1.45
CA ILE A 43 -5.81 -5.37 -1.24
C ILE A 43 -6.43 -4.19 -0.47
N ASP A 44 -5.75 -3.80 0.64
CA ASP A 44 -6.21 -2.72 1.53
C ASP A 44 -6.00 -1.36 0.87
N ILE A 45 -4.82 -1.20 0.27
CA ILE A 45 -4.40 0.04 -0.42
C ILE A 45 -5.35 0.33 -1.62
N GLU A 46 -5.80 -0.73 -2.31
CA GLU A 46 -6.71 -0.61 -3.47
C GLU A 46 -8.15 -0.34 -2.99
N LEU A 47 -8.47 -0.84 -1.78
CA LEU A 47 -9.71 -0.50 -1.05
C LEU A 47 -9.79 1.04 -0.83
N TYR A 48 -8.62 1.69 -0.70
CA TYR A 48 -8.51 3.15 -0.50
C TYR A 48 -8.45 3.88 -1.86
N THR A 49 -8.05 3.14 -2.92
CA THR A 49 -7.99 3.66 -4.28
C THR A 49 -9.09 2.99 -5.12
N ASP A 50 -10.32 3.24 -4.64
CA ASP A 50 -11.58 2.61 -5.13
C ASP A 50 -12.07 3.20 -6.49
N GLY A 51 -11.14 3.33 -7.46
CA GLY A 51 -11.49 3.80 -8.81
C GLY A 51 -10.40 4.66 -9.45
N ARG A 52 -9.38 5.04 -8.67
CA ARG A 52 -8.31 5.93 -9.17
C ARG A 52 -7.25 5.09 -9.92
N VAL A 53 -6.67 4.12 -9.21
CA VAL A 53 -5.61 3.23 -9.75
C VAL A 53 -5.61 1.92 -8.95
N GLU A 54 -5.14 0.83 -9.57
CA GLU A 54 -4.99 -0.48 -8.90
C GLU A 54 -3.59 -0.60 -8.27
N CYS A 55 -3.51 -1.31 -7.13
CA CYS A 55 -2.25 -1.44 -6.36
C CYS A 55 -1.55 -2.76 -6.71
N ARG A 56 -0.24 -2.69 -6.98
CA ARG A 56 0.57 -3.89 -7.31
C ARG A 56 1.30 -4.40 -6.05
N GLU A 57 0.90 -5.60 -5.59
CA GLU A 57 1.61 -6.33 -4.51
C GLU A 57 2.42 -7.47 -5.10
N LEU A 58 3.40 -7.93 -4.35
CA LEU A 58 4.33 -8.98 -4.78
C LEU A 58 3.84 -10.30 -4.23
N ARG A 59 3.38 -11.18 -5.14
CA ARG A 59 2.70 -12.44 -4.82
C ARG A 59 3.53 -13.33 -3.86
N PRO A 60 2.86 -14.27 -3.10
CA PRO A 60 3.54 -15.11 -2.08
C PRO A 60 4.56 -16.09 -2.69
N ASP A 61 4.35 -16.47 -3.97
CA ASP A 61 5.13 -17.51 -4.68
C ASP A 61 5.16 -18.81 -3.86
N VAL A 62 3.95 -19.22 -3.39
CA VAL A 62 3.74 -20.33 -2.44
C VAL A 62 4.20 -19.93 -1.02
N PHE A 63 3.23 -19.81 -0.09
CA PHE A 63 3.44 -19.41 1.31
C PHE A 63 2.41 -20.11 2.21
N GLY A 64 2.74 -20.29 3.49
CA GLY A 64 1.86 -20.94 4.45
C GLY A 64 1.82 -22.46 4.28
N ALA A 65 3.01 -23.07 4.13
CA ALA A 65 3.17 -24.53 4.01
C ALA A 65 2.96 -25.20 5.39
N MET A 1 3.12 8.76 -9.67
CA MET A 1 1.84 8.32 -9.05
C MET A 1 1.77 6.78 -9.03
N ASN A 2 1.48 6.24 -7.83
CA ASN A 2 1.17 4.81 -7.61
C ASN A 2 -0.02 4.71 -6.66
N ALA A 3 -0.58 3.51 -6.52
CA ALA A 3 -1.76 3.28 -5.67
C ALA A 3 -1.49 3.54 -4.19
N ILE A 4 -0.24 3.27 -3.76
CA ILE A 4 0.18 3.51 -2.37
C ILE A 4 0.08 5.02 -2.09
N ASP A 5 0.61 5.81 -3.05
CA ASP A 5 0.58 7.30 -3.05
C ASP A 5 -0.85 7.83 -2.92
N ILE A 6 -1.75 7.27 -3.74
CA ILE A 6 -3.17 7.67 -3.80
C ILE A 6 -3.93 7.29 -2.50
N ALA A 7 -3.52 6.19 -1.84
CA ALA A 7 -4.13 5.76 -0.56
C ALA A 7 -3.67 6.66 0.61
N ILE A 8 -2.44 7.17 0.51
CA ILE A 8 -1.91 8.21 1.42
C ILE A 8 -2.78 9.48 1.32
N ASN A 9 -3.03 9.88 0.06
CA ASN A 9 -3.84 11.06 -0.27
C ASN A 9 -5.31 10.87 0.15
N LYS A 10 -5.77 9.60 0.11
CA LYS A 10 -7.16 9.24 0.44
C LYS A 10 -7.37 9.33 1.95
N LEU A 11 -6.45 8.74 2.74
CA LEU A 11 -6.58 8.70 4.21
C LEU A 11 -6.04 10.00 4.86
N GLY A 12 -5.41 10.87 4.06
CA GLY A 12 -4.92 12.17 4.52
C GLY A 12 -3.42 12.15 4.82
N SER A 13 -2.87 11.02 5.33
CA SER A 13 -1.46 10.90 5.71
C SER A 13 -0.96 9.45 5.67
N VAL A 14 0.37 9.30 5.83
CA VAL A 14 1.07 8.01 5.92
C VAL A 14 0.97 7.45 7.34
N SER A 15 0.87 8.34 8.33
CA SER A 15 0.65 7.94 9.72
C SER A 15 -0.73 7.26 9.85
N ALA A 16 -1.72 7.76 9.08
CA ALA A 16 -3.07 7.18 9.01
C ALA A 16 -3.05 5.87 8.19
N LEU A 17 -2.32 5.88 7.05
CA LEU A 17 -2.27 4.74 6.11
C LEU A 17 -1.57 3.51 6.74
N ALA A 18 -0.37 3.74 7.28
CA ALA A 18 0.47 2.70 7.90
C ALA A 18 -0.20 2.09 9.14
N ALA A 19 -0.93 2.94 9.90
CA ALA A 19 -1.74 2.48 11.04
C ALA A 19 -2.81 1.46 10.58
N ALA A 20 -3.36 1.68 9.38
CA ALA A 20 -4.39 0.81 8.78
C ALA A 20 -3.76 -0.43 8.12
N LEU A 21 -2.53 -0.27 7.60
CA LEU A 21 -1.80 -1.33 6.86
C LEU A 21 -0.92 -2.18 7.80
N GLY A 22 -0.85 -1.79 9.09
CA GLY A 22 -0.15 -2.56 10.12
C GLY A 22 1.37 -2.53 9.97
N VAL A 23 1.89 -1.43 9.40
CA VAL A 23 3.33 -1.22 9.15
C VAL A 23 3.75 0.16 9.69
N ASN A 24 5.04 0.51 9.51
CA ASN A 24 5.58 1.82 9.93
C ASN A 24 5.47 2.85 8.80
N GLN A 25 5.63 4.13 9.16
CA GLN A 25 5.59 5.27 8.22
C GLN A 25 6.71 5.16 7.16
N SER A 26 7.90 4.71 7.61
CA SER A 26 9.08 4.48 6.73
C SER A 26 8.83 3.35 5.71
N ALA A 27 8.01 2.34 6.09
CA ALA A 27 7.61 1.25 5.19
C ALA A 27 6.82 1.79 3.99
N ILE A 28 5.85 2.67 4.28
CA ILE A 28 4.98 3.29 3.24
C ILE A 28 5.80 4.21 2.32
N SER A 29 6.75 4.94 2.91
CA SER A 29 7.67 5.82 2.18
C SER A 29 8.48 5.01 1.16
N GLN A 30 8.93 3.82 1.59
CA GLN A 30 9.65 2.86 0.74
C GLN A 30 8.70 2.35 -0.37
N TRP A 31 7.49 1.96 0.01
CA TRP A 31 6.47 1.36 -0.89
C TRP A 31 6.02 2.35 -1.97
N ARG A 32 5.99 3.65 -1.65
CA ARG A 32 5.58 4.70 -2.60
C ARG A 32 6.65 4.84 -3.67
N ALA A 33 7.91 5.01 -3.20
CA ALA A 33 9.09 5.18 -4.08
C ALA A 33 9.41 3.89 -4.85
N ARG A 34 8.94 2.76 -4.34
CA ARG A 34 9.05 1.44 -4.98
C ARG A 34 7.96 1.27 -6.07
N GLY A 35 6.79 1.86 -5.78
CA GLY A 35 5.60 1.73 -6.61
C GLY A 35 4.96 0.35 -6.49
N ARG A 36 5.31 -0.37 -5.42
CA ARG A 36 4.97 -1.80 -5.24
C ARG A 36 5.04 -2.14 -3.73
N VAL A 37 4.10 -2.97 -3.24
CA VAL A 37 4.09 -3.43 -1.83
C VAL A 37 4.32 -4.96 -1.76
N PRO A 38 4.73 -5.50 -0.57
CA PRO A 38 4.67 -6.96 -0.24
C PRO A 38 3.25 -7.57 -0.33
N ALA A 39 3.17 -8.91 -0.24
CA ALA A 39 1.93 -9.70 -0.42
C ALA A 39 0.81 -9.37 0.59
N GLY A 40 -0.46 -9.57 0.16
CA GLY A 40 -1.65 -9.45 1.00
C GLY A 40 -1.86 -8.07 1.62
N ARG A 41 -1.49 -7.01 0.88
CA ARG A 41 -1.49 -5.63 1.42
C ARG A 41 -2.15 -4.62 0.47
N CYS A 42 -2.03 -4.85 -0.84
CA CYS A 42 -2.73 -4.03 -1.85
C CYS A 42 -4.23 -4.19 -1.75
N ILE A 43 -4.69 -5.30 -1.14
CA ILE A 43 -6.13 -5.54 -0.85
C ILE A 43 -6.73 -4.32 -0.10
N ASP A 44 -5.99 -3.84 0.92
CA ASP A 44 -6.43 -2.72 1.77
C ASP A 44 -6.25 -1.38 1.02
N ILE A 45 -5.11 -1.25 0.33
CA ILE A 45 -4.80 -0.06 -0.48
C ILE A 45 -5.87 0.12 -1.59
N GLU A 46 -6.43 -1.00 -2.09
CA GLU A 46 -7.50 -1.00 -3.12
C GLU A 46 -8.85 -0.59 -2.52
N LEU A 47 -9.05 -0.84 -1.21
CA LEU A 47 -10.20 -0.31 -0.44
C LEU A 47 -10.17 1.23 -0.53
N TYR A 48 -8.96 1.81 -0.52
CA TYR A 48 -8.75 3.27 -0.55
C TYR A 48 -8.62 3.77 -2.00
N THR A 49 -8.13 2.90 -2.91
CA THR A 49 -7.93 3.24 -4.33
C THR A 49 -8.98 2.49 -5.17
N ASP A 50 -10.25 2.78 -4.84
CA ASP A 50 -11.43 2.07 -5.37
C ASP A 50 -11.89 2.67 -6.75
N GLY A 51 -10.92 2.95 -7.63
CA GLY A 51 -11.22 3.50 -8.96
C GLY A 51 -10.00 4.04 -9.69
N ARG A 52 -9.35 5.07 -9.10
CA ARG A 52 -8.27 5.87 -9.74
C ARG A 52 -7.12 5.00 -10.25
N VAL A 53 -6.66 4.05 -9.42
CA VAL A 53 -5.58 3.12 -9.75
C VAL A 53 -5.75 1.83 -8.93
N GLU A 54 -5.42 0.67 -9.52
CA GLU A 54 -5.47 -0.63 -8.80
C GLU A 54 -4.06 -0.97 -8.29
N CYS A 55 -3.99 -1.33 -6.99
CA CYS A 55 -2.71 -1.54 -6.29
C CYS A 55 -2.05 -2.85 -6.70
N ARG A 56 -0.70 -2.83 -6.76
CA ARG A 56 0.11 -4.00 -7.18
C ARG A 56 0.96 -4.49 -6.01
N GLU A 57 0.66 -5.70 -5.50
CA GLU A 57 1.41 -6.35 -4.42
C GLU A 57 2.27 -7.47 -4.98
N LEU A 58 3.33 -7.83 -4.25
CA LEU A 58 4.23 -8.91 -4.63
C LEU A 58 3.58 -10.21 -4.20
N ARG A 59 3.08 -10.97 -5.17
CA ARG A 59 2.24 -12.14 -4.93
C ARG A 59 3.02 -13.23 -4.17
N PRO A 60 2.32 -14.08 -3.35
CA PRO A 60 2.99 -15.10 -2.51
C PRO A 60 3.70 -16.17 -3.37
N ASP A 61 4.97 -15.91 -3.59
CA ASP A 61 5.87 -16.73 -4.41
C ASP A 61 6.13 -18.09 -3.74
N VAL A 62 6.07 -19.16 -4.56
CA VAL A 62 6.19 -20.57 -4.12
C VAL A 62 5.07 -20.90 -3.09
N PHE A 63 3.93 -20.19 -3.23
CA PHE A 63 2.78 -20.30 -2.31
C PHE A 63 1.49 -20.00 -3.10
N GLY A 64 0.34 -20.56 -2.66
CA GLY A 64 -0.94 -20.40 -3.37
C GLY A 64 -1.76 -21.67 -3.38
N ALA A 65 -1.11 -22.79 -3.02
CA ALA A 65 -1.78 -24.08 -2.87
C ALA A 65 -2.59 -24.10 -1.55
N MET A 1 1.51 8.45 -10.62
CA MET A 1 1.27 8.14 -9.18
C MET A 1 1.09 6.64 -8.96
N ASN A 2 1.42 6.17 -7.74
CA ASN A 2 1.24 4.77 -7.33
C ASN A 2 0.10 4.65 -6.31
N ALA A 3 -0.47 3.43 -6.24
CA ALA A 3 -1.59 3.09 -5.36
C ALA A 3 -1.34 3.45 -3.89
N ILE A 4 -0.10 3.25 -3.43
CA ILE A 4 0.28 3.49 -2.04
C ILE A 4 0.11 4.99 -1.71
N ASP A 5 0.50 5.84 -2.69
CA ASP A 5 0.39 7.30 -2.59
C ASP A 5 -1.08 7.77 -2.66
N ILE A 6 -1.88 7.09 -3.47
CA ILE A 6 -3.31 7.41 -3.65
C ILE A 6 -4.07 7.10 -2.34
N ALA A 7 -3.60 6.09 -1.60
CA ALA A 7 -4.14 5.73 -0.28
C ALA A 7 -3.70 6.73 0.81
N ILE A 8 -2.51 7.34 0.64
CA ILE A 8 -2.04 8.46 1.49
C ILE A 8 -2.99 9.65 1.35
N ASN A 9 -3.31 9.97 0.10
CA ASN A 9 -4.14 11.12 -0.26
C ASN A 9 -5.62 10.88 0.13
N LYS A 10 -6.04 9.61 0.11
CA LYS A 10 -7.41 9.19 0.46
C LYS A 10 -7.63 9.26 1.99
N LEU A 11 -6.68 8.68 2.75
CA LEU A 11 -6.77 8.65 4.23
C LEU A 11 -6.30 9.99 4.85
N GLY A 12 -5.63 10.84 4.06
CA GLY A 12 -5.19 12.16 4.50
C GLY A 12 -3.68 12.22 4.77
N SER A 13 -3.10 11.13 5.33
CA SER A 13 -1.68 11.11 5.73
C SER A 13 -1.07 9.68 5.68
N VAL A 14 0.26 9.63 5.86
CA VAL A 14 1.05 8.38 5.93
C VAL A 14 0.98 7.79 7.34
N SER A 15 0.83 8.65 8.36
CA SER A 15 0.67 8.20 9.75
C SER A 15 -0.69 7.50 9.93
N ALA A 16 -1.72 7.98 9.19
CA ALA A 16 -3.05 7.35 9.15
C ALA A 16 -3.04 6.08 8.28
N LEU A 17 -2.30 6.14 7.15
CA LEU A 17 -2.20 5.01 6.22
C LEU A 17 -1.48 3.81 6.85
N ALA A 18 -0.35 4.11 7.49
CA ALA A 18 0.52 3.11 8.13
C ALA A 18 -0.18 2.48 9.35
N ALA A 19 -0.95 3.31 10.07
CA ALA A 19 -1.77 2.83 11.20
C ALA A 19 -2.84 1.83 10.72
N ALA A 20 -3.43 2.13 9.55
CA ALA A 20 -4.47 1.30 8.92
C ALA A 20 -3.89 -0.01 8.34
N LEU A 21 -2.66 0.08 7.81
CA LEU A 21 -1.95 -1.06 7.18
C LEU A 21 -1.19 -1.91 8.22
N GLY A 22 -1.04 -1.35 9.44
CA GLY A 22 -0.33 -2.02 10.54
C GLY A 22 1.16 -2.16 10.27
N VAL A 23 1.76 -1.05 9.78
CA VAL A 23 3.18 -0.94 9.41
C VAL A 23 3.72 0.43 9.85
N ASN A 24 5.03 0.65 9.65
CA ASN A 24 5.68 1.94 9.91
C ASN A 24 5.41 2.92 8.77
N GLN A 25 5.71 4.20 9.06
CA GLN A 25 5.60 5.30 8.07
C GLN A 25 6.74 5.19 7.04
N SER A 26 7.88 4.58 7.46
CA SER A 26 9.03 4.32 6.58
C SER A 26 8.72 3.19 5.59
N ALA A 27 7.84 2.24 6.01
CA ALA A 27 7.37 1.13 5.16
C ALA A 27 6.52 1.67 4.00
N ILE A 28 5.69 2.68 4.31
CA ILE A 28 4.84 3.36 3.32
C ILE A 28 5.70 4.12 2.30
N SER A 29 6.70 4.85 2.82
CA SER A 29 7.65 5.60 2.00
C SER A 29 8.43 4.67 1.05
N GLN A 30 8.75 3.46 1.55
CA GLN A 30 9.48 2.42 0.81
C GLN A 30 8.61 1.89 -0.34
N TRP A 31 7.38 1.48 -0.01
CA TRP A 31 6.42 0.89 -0.98
C TRP A 31 6.01 1.89 -2.05
N ARG A 32 5.87 3.15 -1.63
CA ARG A 32 5.47 4.26 -2.51
C ARG A 32 6.60 4.53 -3.52
N ALA A 33 7.84 4.50 -3.02
CA ALA A 33 9.02 4.76 -3.85
C ALA A 33 9.24 3.63 -4.86
N ARG A 34 8.78 2.42 -4.52
CA ARG A 34 8.83 1.26 -5.41
C ARG A 34 7.65 1.27 -6.40
N GLY A 35 6.51 1.79 -5.91
CA GLY A 35 5.24 1.75 -6.62
C GLY A 35 4.61 0.36 -6.54
N ARG A 36 4.92 -0.37 -5.45
CA ARG A 36 4.57 -1.79 -5.29
C ARG A 36 4.68 -2.18 -3.81
N VAL A 37 3.82 -3.10 -3.36
CA VAL A 37 3.79 -3.61 -1.97
C VAL A 37 4.09 -5.14 -1.92
N PRO A 38 4.47 -5.69 -0.73
CA PRO A 38 4.56 -7.16 -0.48
C PRO A 38 3.20 -7.88 -0.67
N ALA A 39 3.27 -9.22 -0.68
CA ALA A 39 2.10 -10.06 -0.96
C ALA A 39 1.00 -9.90 0.11
N GLY A 40 -0.19 -9.42 -0.32
CA GLY A 40 -1.39 -9.36 0.52
C GLY A 40 -1.78 -7.96 0.98
N ARG A 41 -0.84 -7.01 0.90
CA ARG A 41 -1.04 -5.65 1.45
C ARG A 41 -1.84 -4.74 0.49
N CYS A 42 -1.79 -5.05 -0.82
CA CYS A 42 -2.52 -4.28 -1.86
C CYS A 42 -4.03 -4.32 -1.63
N ILE A 43 -4.52 -5.40 -1.00
CA ILE A 43 -5.95 -5.59 -0.66
C ILE A 43 -6.51 -4.38 0.14
N ASP A 44 -5.73 -3.95 1.13
CA ASP A 44 -6.12 -2.85 2.05
C ASP A 44 -6.02 -1.50 1.30
N ILE A 45 -4.90 -1.31 0.61
CA ILE A 45 -4.65 -0.12 -0.20
C ILE A 45 -5.71 0.00 -1.34
N GLU A 46 -6.26 -1.16 -1.79
CA GLU A 46 -7.27 -1.25 -2.86
C GLU A 46 -8.62 -0.69 -2.36
N LEU A 47 -8.89 -0.85 -1.04
CA LEU A 47 -10.02 -0.16 -0.36
C LEU A 47 -9.91 1.36 -0.58
N TYR A 48 -8.69 1.88 -0.39
CA TYR A 48 -8.44 3.34 -0.40
C TYR A 48 -8.17 3.85 -1.85
N THR A 49 -7.96 2.92 -2.80
CA THR A 49 -7.76 3.25 -4.22
C THR A 49 -8.93 2.72 -5.05
N ASP A 50 -10.15 3.03 -4.56
CA ASP A 50 -11.46 2.48 -5.01
C ASP A 50 -11.53 2.08 -6.50
N GLY A 51 -11.13 2.99 -7.40
CA GLY A 51 -10.99 2.70 -8.83
C GLY A 51 -10.17 3.77 -9.55
N ARG A 52 -9.22 4.37 -8.80
CA ARG A 52 -8.45 5.54 -9.23
C ARG A 52 -7.14 5.15 -9.92
N VAL A 53 -6.58 4.01 -9.48
CA VAL A 53 -5.24 3.55 -9.92
C VAL A 53 -5.17 2.01 -9.85
N GLU A 54 -4.24 1.43 -10.61
CA GLU A 54 -3.97 -0.01 -10.56
C GLU A 54 -3.10 -0.32 -9.32
N CYS A 55 -3.70 -1.04 -8.36
CA CYS A 55 -3.01 -1.47 -7.14
C CYS A 55 -2.30 -2.81 -7.38
N ARG A 56 -0.97 -2.84 -7.22
CA ARG A 56 -0.15 -4.06 -7.44
C ARG A 56 0.61 -4.47 -6.18
N GLU A 57 0.65 -5.79 -5.97
CA GLU A 57 1.43 -6.44 -4.91
C GLU A 57 2.33 -7.51 -5.55
N LEU A 58 3.33 -7.96 -4.77
CA LEU A 58 4.22 -9.05 -5.16
C LEU A 58 3.55 -10.40 -4.91
N ARG A 59 3.99 -11.45 -5.64
CA ARG A 59 3.48 -12.83 -5.45
C ARG A 59 3.82 -13.36 -4.04
N PRO A 60 3.12 -14.42 -3.53
CA PRO A 60 3.36 -14.97 -2.17
C PRO A 60 4.81 -15.48 -2.00
N ASP A 61 5.53 -14.78 -1.13
CA ASP A 61 6.95 -15.08 -0.79
C ASP A 61 7.02 -16.38 0.04
N VAL A 62 6.77 -16.28 1.35
CA VAL A 62 6.58 -17.45 2.23
C VAL A 62 5.10 -17.55 2.65
N PHE A 63 4.24 -16.91 1.83
CA PHE A 63 2.79 -16.94 1.98
C PHE A 63 2.22 -18.05 1.07
N GLY A 64 0.90 -18.22 1.08
CA GLY A 64 0.21 -19.19 0.23
C GLY A 64 -1.10 -19.68 0.83
N ALA A 65 -1.27 -19.44 2.14
CA ALA A 65 -2.47 -19.81 2.90
C ALA A 65 -3.76 -19.18 2.29
N MET A 1 1.59 8.81 -10.17
CA MET A 1 1.35 8.47 -8.74
C MET A 1 1.05 6.98 -8.61
N ASN A 2 1.53 6.37 -7.51
CA ASN A 2 1.25 4.95 -7.22
C ASN A 2 -0.04 4.82 -6.43
N ALA A 3 -0.61 3.61 -6.44
CA ALA A 3 -1.80 3.25 -5.66
C ALA A 3 -1.57 3.47 -4.17
N ILE A 4 -0.37 3.13 -3.72
CA ILE A 4 0.05 3.32 -2.31
C ILE A 4 0.00 4.82 -1.98
N ASP A 5 0.49 5.66 -2.93
CA ASP A 5 0.53 7.14 -2.81
C ASP A 5 -0.89 7.73 -2.75
N ILE A 6 -1.78 7.16 -3.57
CA ILE A 6 -3.19 7.59 -3.64
C ILE A 6 -3.90 7.26 -2.31
N ALA A 7 -3.55 6.11 -1.73
CA ALA A 7 -4.08 5.64 -0.43
C ALA A 7 -3.56 6.50 0.74
N ILE A 8 -2.33 7.02 0.59
CA ILE A 8 -1.75 8.01 1.53
C ILE A 8 -2.64 9.25 1.62
N ASN A 9 -2.92 9.82 0.44
CA ASN A 9 -3.72 11.04 0.30
C ASN A 9 -5.21 10.78 0.57
N LYS A 10 -5.64 9.49 0.42
CA LYS A 10 -7.03 9.07 0.67
C LYS A 10 -7.29 8.99 2.18
N LEU A 11 -6.34 8.41 2.94
CA LEU A 11 -6.43 8.35 4.41
C LEU A 11 -5.93 9.65 5.05
N GLY A 12 -5.42 10.58 4.22
CA GLY A 12 -5.03 11.93 4.66
C GLY A 12 -3.53 12.08 4.85
N SER A 13 -2.85 10.98 5.25
CA SER A 13 -1.41 10.99 5.55
C SER A 13 -0.81 9.57 5.53
N VAL A 14 0.53 9.50 5.62
CA VAL A 14 1.28 8.24 5.74
C VAL A 14 1.16 7.68 7.15
N SER A 15 1.03 8.56 8.15
CA SER A 15 0.80 8.16 9.55
C SER A 15 -0.54 7.42 9.67
N ALA A 16 -1.55 7.95 8.95
CA ALA A 16 -2.90 7.37 8.90
C ALA A 16 -2.91 6.07 8.09
N LEU A 17 -2.17 6.06 6.95
CA LEU A 17 -2.11 4.88 6.07
C LEU A 17 -1.39 3.70 6.74
N ALA A 18 -0.30 4.01 7.44
CA ALA A 18 0.59 3.02 8.05
C ALA A 18 -0.08 2.36 9.27
N ALA A 19 -0.84 3.16 10.03
CA ALA A 19 -1.62 2.67 11.17
C ALA A 19 -2.72 1.70 10.71
N ALA A 20 -3.27 1.97 9.51
CA ALA A 20 -4.33 1.15 8.89
C ALA A 20 -3.77 -0.14 8.26
N LEU A 21 -2.57 -0.05 7.67
CA LEU A 21 -1.89 -1.18 7.01
C LEU A 21 -1.03 -1.98 8.00
N GLY A 22 -0.90 -1.48 9.24
CA GLY A 22 -0.19 -2.16 10.32
C GLY A 22 1.33 -2.15 10.15
N VAL A 23 1.84 -1.17 9.40
CA VAL A 23 3.28 -1.01 9.11
C VAL A 23 3.80 0.34 9.62
N ASN A 24 5.09 0.59 9.39
CA ASN A 24 5.75 1.85 9.75
C ASN A 24 5.46 2.94 8.72
N GLN A 25 5.78 4.17 9.13
CA GLN A 25 5.68 5.35 8.28
C GLN A 25 6.83 5.33 7.24
N SER A 26 7.98 4.77 7.66
CA SER A 26 9.13 4.56 6.78
C SER A 26 8.82 3.45 5.75
N ALA A 27 7.96 2.48 6.14
CA ALA A 27 7.55 1.35 5.29
C ALA A 27 6.65 1.82 4.13
N ILE A 28 5.70 2.72 4.44
CA ILE A 28 4.79 3.30 3.42
C ILE A 28 5.57 4.17 2.42
N SER A 29 6.44 5.03 2.97
CA SER A 29 7.32 5.91 2.18
C SER A 29 8.26 5.07 1.27
N GLN A 30 8.66 3.90 1.79
CA GLN A 30 9.42 2.88 1.06
C GLN A 30 8.59 2.33 -0.11
N TRP A 31 7.31 2.01 0.15
CA TRP A 31 6.37 1.44 -0.85
C TRP A 31 5.99 2.46 -1.93
N ARG A 32 6.07 3.77 -1.57
CA ARG A 32 5.85 4.88 -2.51
C ARG A 32 7.03 4.96 -3.49
N ALA A 33 8.26 4.80 -2.97
CA ALA A 33 9.49 4.87 -3.77
C ALA A 33 9.83 3.51 -4.41
N ARG A 34 9.11 2.46 -3.99
CA ARG A 34 9.23 1.12 -4.56
C ARG A 34 8.22 0.95 -5.70
N GLY A 35 7.07 1.62 -5.54
CA GLY A 35 5.97 1.60 -6.50
C GLY A 35 5.02 0.43 -6.31
N ARG A 36 5.38 -0.49 -5.41
CA ARG A 36 4.64 -1.75 -5.17
C ARG A 36 4.78 -2.15 -3.70
N VAL A 37 3.89 -3.03 -3.23
CA VAL A 37 3.92 -3.56 -1.85
C VAL A 37 4.25 -5.06 -1.84
N PRO A 38 4.73 -5.59 -0.68
CA PRO A 38 4.79 -7.04 -0.38
C PRO A 38 3.41 -7.75 -0.50
N ALA A 39 3.43 -9.07 -0.47
CA ALA A 39 2.24 -9.93 -0.64
C ALA A 39 1.14 -9.66 0.41
N GLY A 40 -0.11 -9.54 -0.06
CA GLY A 40 -1.28 -9.39 0.80
C GLY A 40 -1.33 -8.03 1.51
N ARG A 41 -1.46 -6.94 0.73
CA ARG A 41 -1.55 -5.57 1.28
C ARG A 41 -2.29 -4.62 0.33
N CYS A 42 -2.16 -4.87 -0.98
CA CYS A 42 -2.87 -4.10 -2.02
C CYS A 42 -4.40 -4.28 -1.94
N ILE A 43 -4.83 -5.34 -1.22
CA ILE A 43 -6.24 -5.56 -0.87
C ILE A 43 -6.84 -4.28 -0.25
N ASP A 44 -6.22 -3.83 0.85
CA ASP A 44 -6.67 -2.67 1.63
C ASP A 44 -6.54 -1.41 0.80
N ILE A 45 -5.39 -1.30 0.12
CA ILE A 45 -5.03 -0.13 -0.69
C ILE A 45 -6.02 0.08 -1.85
N GLU A 46 -6.60 -1.01 -2.41
CA GLU A 46 -7.62 -0.90 -3.49
C GLU A 46 -8.98 -0.42 -2.95
N LEU A 47 -9.28 -0.66 -1.65
CA LEU A 47 -10.42 0.00 -0.99
C LEU A 47 -10.20 1.52 -0.86
N TYR A 48 -8.92 1.94 -0.84
CA TYR A 48 -8.54 3.36 -0.79
C TYR A 48 -8.38 3.94 -2.21
N THR A 49 -8.13 3.06 -3.19
CA THR A 49 -7.97 3.45 -4.60
C THR A 49 -9.11 2.85 -5.44
N ASP A 50 -10.33 2.90 -4.83
CA ASP A 50 -11.59 2.20 -5.24
C ASP A 50 -11.76 2.03 -6.77
N GLY A 51 -11.72 3.16 -7.50
CA GLY A 51 -11.78 3.16 -8.97
C GLY A 51 -10.77 4.15 -9.55
N ARG A 52 -9.74 4.46 -8.77
CA ARG A 52 -8.69 5.42 -9.15
C ARG A 52 -7.53 4.71 -9.86
N VAL A 53 -6.96 3.70 -9.18
CA VAL A 53 -5.79 2.96 -9.67
C VAL A 53 -5.78 1.54 -9.07
N GLU A 54 -5.45 0.55 -9.91
CA GLU A 54 -5.24 -0.84 -9.51
C GLU A 54 -3.95 -0.93 -8.67
N CYS A 55 -4.03 -1.46 -7.44
CA CYS A 55 -2.83 -1.61 -6.60
C CYS A 55 -2.07 -2.88 -7.00
N ARG A 56 -0.74 -2.84 -6.89
CA ARG A 56 0.15 -3.91 -7.36
C ARG A 56 1.02 -4.43 -6.21
N GLU A 57 0.79 -5.70 -5.83
CA GLU A 57 1.55 -6.39 -4.78
C GLU A 57 2.32 -7.55 -5.36
N LEU A 58 3.31 -8.04 -4.61
CA LEU A 58 4.15 -9.17 -5.00
C LEU A 58 3.50 -10.48 -4.56
N ARG A 59 3.85 -11.58 -5.24
CA ARG A 59 3.25 -12.92 -4.97
C ARG A 59 3.71 -13.46 -3.60
N PRO A 60 2.96 -14.43 -3.00
CA PRO A 60 3.33 -15.03 -1.71
C PRO A 60 4.56 -15.95 -1.85
N ASP A 61 5.55 -15.69 -1.01
CA ASP A 61 6.84 -16.42 -0.98
C ASP A 61 6.62 -17.88 -0.61
N VAL A 62 6.14 -18.12 0.63
CA VAL A 62 5.91 -19.48 1.18
C VAL A 62 4.49 -19.62 1.72
N PHE A 63 3.65 -18.57 1.56
CA PHE A 63 2.24 -18.60 1.99
C PHE A 63 1.40 -19.42 0.98
N GLY A 64 0.68 -20.43 1.48
CA GLY A 64 -0.14 -21.32 0.64
C GLY A 64 -1.07 -22.18 1.47
N ALA A 65 -0.49 -22.97 2.39
CA ALA A 65 -1.22 -23.83 3.33
C ALA A 65 -0.43 -23.94 4.66
N MET A 1 1.18 8.94 -9.91
CA MET A 1 0.59 8.61 -8.60
C MET A 1 0.45 7.08 -8.48
N ASN A 2 1.37 6.41 -7.76
CA ASN A 2 1.22 4.98 -7.42
C ASN A 2 0.11 4.81 -6.39
N ALA A 3 -0.37 3.56 -6.28
CA ALA A 3 -1.45 3.15 -5.39
C ALA A 3 -1.23 3.60 -3.95
N ILE A 4 0.00 3.43 -3.47
CA ILE A 4 0.38 3.71 -2.08
C ILE A 4 0.22 5.22 -1.81
N ASP A 5 0.61 6.02 -2.83
CA ASP A 5 0.57 7.49 -2.81
C ASP A 5 -0.88 8.03 -2.78
N ILE A 6 -1.75 7.37 -3.56
CA ILE A 6 -3.18 7.72 -3.65
C ILE A 6 -3.92 7.35 -2.37
N ALA A 7 -3.49 6.27 -1.71
CA ALA A 7 -4.06 5.82 -0.43
C ALA A 7 -3.70 6.80 0.72
N ILE A 8 -2.56 7.48 0.59
CA ILE A 8 -2.16 8.59 1.49
C ILE A 8 -3.19 9.73 1.39
N ASN A 9 -3.56 10.06 0.14
CA ASN A 9 -4.52 11.13 -0.18
C ASN A 9 -5.93 10.80 0.34
N LYS A 10 -6.30 9.52 0.18
CA LYS A 10 -7.65 9.01 0.51
C LYS A 10 -7.86 9.03 2.04
N LEU A 11 -6.88 8.49 2.79
CA LEU A 11 -6.95 8.42 4.26
C LEU A 11 -6.56 9.77 4.90
N GLY A 12 -5.80 10.58 4.14
CA GLY A 12 -5.37 11.91 4.60
C GLY A 12 -3.88 11.98 4.92
N SER A 13 -3.25 10.83 5.27
CA SER A 13 -1.84 10.81 5.74
C SER A 13 -1.21 9.41 5.64
N VAL A 14 0.12 9.37 5.84
CA VAL A 14 0.92 8.14 5.92
C VAL A 14 0.85 7.56 7.33
N SER A 15 0.63 8.43 8.33
CA SER A 15 0.47 8.01 9.72
C SER A 15 -0.83 7.19 9.88
N ALA A 16 -1.87 7.62 9.15
CA ALA A 16 -3.15 6.88 9.04
C ALA A 16 -2.99 5.62 8.16
N LEU A 17 -2.28 5.78 7.02
CA LEU A 17 -2.11 4.69 6.02
C LEU A 17 -1.36 3.49 6.62
N ALA A 18 -0.21 3.79 7.22
CA ALA A 18 0.67 2.80 7.83
C ALA A 18 0.03 2.12 9.04
N ALA A 19 -0.75 2.90 9.82
CA ALA A 19 -1.52 2.37 10.97
C ALA A 19 -2.57 1.34 10.49
N ALA A 20 -3.22 1.64 9.36
CA ALA A 20 -4.23 0.75 8.74
C ALA A 20 -3.57 -0.51 8.14
N LEU A 21 -2.36 -0.33 7.59
CA LEU A 21 -1.58 -1.41 6.95
C LEU A 21 -0.72 -2.18 7.99
N GLY A 22 -0.71 -1.69 9.24
CA GLY A 22 -0.03 -2.36 10.36
C GLY A 22 1.49 -2.35 10.23
N VAL A 23 2.02 -1.34 9.53
CA VAL A 23 3.48 -1.10 9.37
C VAL A 23 3.83 0.31 9.85
N ASN A 24 5.14 0.64 9.83
CA ASN A 24 5.60 1.99 10.17
C ASN A 24 5.56 2.90 8.94
N GLN A 25 5.65 4.21 9.20
CA GLN A 25 5.57 5.27 8.18
C GLN A 25 6.77 5.20 7.21
N SER A 26 7.90 4.67 7.71
CA SER A 26 9.14 4.48 6.94
C SER A 26 8.94 3.42 5.82
N ALA A 27 8.21 2.34 6.15
CA ALA A 27 7.92 1.23 5.21
C ALA A 27 7.09 1.71 4.03
N ILE A 28 6.10 2.58 4.31
CA ILE A 28 5.19 3.16 3.31
C ILE A 28 5.98 4.00 2.29
N SER A 29 6.95 4.77 2.79
CA SER A 29 7.83 5.59 1.95
C SER A 29 8.67 4.72 0.99
N GLN A 30 9.06 3.52 1.46
CA GLN A 30 9.78 2.53 0.64
C GLN A 30 8.84 1.92 -0.41
N TRP A 31 7.61 1.58 0.04
CA TRP A 31 6.58 0.94 -0.80
C TRP A 31 6.11 1.86 -1.94
N ARG A 32 6.10 3.17 -1.64
CA ARG A 32 5.64 4.21 -2.55
C ARG A 32 6.72 4.52 -3.60
N ALA A 33 7.97 4.61 -3.12
CA ALA A 33 9.14 4.81 -4.01
C ALA A 33 9.34 3.59 -4.92
N ARG A 34 8.98 2.41 -4.39
CA ARG A 34 8.99 1.13 -5.12
C ARG A 34 7.81 1.07 -6.12
N GLY A 35 6.69 1.70 -5.71
CA GLY A 35 5.45 1.76 -6.49
C GLY A 35 4.68 0.44 -6.45
N ARG A 36 5.03 -0.44 -5.49
CA ARG A 36 4.45 -1.78 -5.33
C ARG A 36 4.79 -2.32 -3.94
N VAL A 37 3.80 -2.92 -3.28
CA VAL A 37 3.91 -3.41 -1.89
C VAL A 37 4.16 -4.93 -1.84
N PRO A 38 4.73 -5.45 -0.71
CA PRO A 38 4.69 -6.91 -0.37
C PRO A 38 3.25 -7.47 -0.25
N ALA A 39 3.16 -8.80 -0.19
CA ALA A 39 1.87 -9.55 -0.19
C ALA A 39 0.92 -9.11 0.96
N GLY A 40 -0.40 -9.09 0.66
CA GLY A 40 -1.46 -8.87 1.66
C GLY A 40 -1.86 -7.42 1.88
N ARG A 41 -1.06 -6.45 1.37
CA ARG A 41 -1.22 -5.02 1.74
C ARG A 41 -1.77 -4.13 0.62
N CYS A 42 -1.72 -4.61 -0.64
CA CYS A 42 -2.38 -3.89 -1.75
C CYS A 42 -3.87 -4.01 -1.61
N ILE A 43 -4.33 -5.14 -1.01
CA ILE A 43 -5.75 -5.42 -0.75
C ILE A 43 -6.43 -4.21 -0.06
N ASP A 44 -5.76 -3.71 0.99
CA ASP A 44 -6.25 -2.54 1.75
C ASP A 44 -6.09 -1.25 0.93
N ILE A 45 -4.94 -1.10 0.26
CA ILE A 45 -4.65 0.07 -0.58
C ILE A 45 -5.66 0.18 -1.76
N GLU A 46 -6.23 -0.96 -2.20
CA GLU A 46 -7.27 -1.03 -3.28
C GLU A 46 -8.60 -0.50 -2.77
N LEU A 47 -8.87 -0.72 -1.47
CA LEU A 47 -10.01 -0.10 -0.75
C LEU A 47 -9.90 1.44 -0.85
N TYR A 48 -8.64 1.93 -0.80
CA TYR A 48 -8.33 3.38 -0.74
C TYR A 48 -7.99 3.95 -2.15
N THR A 49 -7.95 3.08 -3.18
CA THR A 49 -7.68 3.51 -4.58
C THR A 49 -8.74 2.92 -5.53
N ASP A 50 -9.97 2.81 -4.98
CA ASP A 50 -11.12 2.06 -5.56
C ASP A 50 -11.30 2.28 -7.08
N GLY A 51 -11.46 3.54 -7.49
CA GLY A 51 -11.63 3.91 -8.91
C GLY A 51 -10.50 4.78 -9.44
N ARG A 52 -9.40 4.88 -8.67
CA ARG A 52 -8.25 5.74 -9.00
C ARG A 52 -7.17 4.99 -9.80
N VAL A 53 -6.71 3.85 -9.27
CA VAL A 53 -5.61 3.08 -9.90
C VAL A 53 -5.78 1.58 -9.59
N GLU A 54 -5.38 0.74 -10.55
CA GLU A 54 -5.36 -0.71 -10.39
C GLU A 54 -4.05 -1.07 -9.65
N CYS A 55 -4.18 -1.25 -8.32
CA CYS A 55 -3.06 -1.54 -7.41
C CYS A 55 -2.59 -3.01 -7.50
N ARG A 56 -1.27 -3.25 -7.33
CA ARG A 56 -0.69 -4.60 -7.30
C ARG A 56 0.22 -4.80 -6.07
N GLU A 57 0.21 -6.03 -5.54
CA GLU A 57 1.13 -6.49 -4.47
C GLU A 57 2.03 -7.60 -5.00
N LEU A 58 3.08 -7.88 -4.23
CA LEU A 58 4.08 -8.88 -4.56
C LEU A 58 3.64 -10.22 -4.00
N ARG A 59 3.46 -11.21 -4.88
CA ARG A 59 2.98 -12.57 -4.52
C ARG A 59 3.91 -13.24 -3.48
N PRO A 60 3.43 -14.32 -2.77
CA PRO A 60 4.22 -15.01 -1.70
C PRO A 60 5.65 -15.43 -2.14
N ASP A 61 5.84 -15.55 -3.47
CA ASP A 61 7.16 -15.79 -4.09
C ASP A 61 8.09 -14.59 -3.86
N VAL A 62 7.63 -13.39 -4.24
CA VAL A 62 8.38 -12.12 -4.05
C VAL A 62 7.96 -11.50 -2.69
N PHE A 63 8.23 -12.25 -1.61
CA PHE A 63 7.85 -11.85 -0.24
C PHE A 63 8.98 -12.25 0.75
N GLY A 64 10.10 -12.75 0.20
CA GLY A 64 11.24 -13.21 0.99
C GLY A 64 12.07 -14.22 0.21
N ALA A 65 12.59 -13.78 -0.94
CA ALA A 65 13.36 -14.61 -1.87
C ALA A 65 14.55 -13.78 -2.42
N MET A 1 2.89 9.00 -9.41
CA MET A 1 2.00 8.74 -8.26
C MET A 1 1.40 7.32 -8.36
N ASN A 2 1.89 6.44 -7.49
CA ASN A 2 1.47 5.02 -7.39
C ASN A 2 0.22 4.88 -6.50
N ALA A 3 -0.37 3.67 -6.53
CA ALA A 3 -1.52 3.27 -5.70
C ALA A 3 -1.31 3.54 -4.20
N ILE A 4 -0.07 3.33 -3.71
CA ILE A 4 0.28 3.52 -2.30
C ILE A 4 0.15 5.03 -1.96
N ASP A 5 0.65 5.86 -2.91
CA ASP A 5 0.67 7.33 -2.79
C ASP A 5 -0.75 7.91 -2.93
N ILE A 6 -1.60 7.22 -3.69
CA ILE A 6 -3.03 7.56 -3.81
C ILE A 6 -3.74 7.33 -2.47
N ALA A 7 -3.37 6.22 -1.78
CA ALA A 7 -3.93 5.86 -0.47
C ALA A 7 -3.43 6.79 0.65
N ILE A 8 -2.20 7.32 0.48
CA ILE A 8 -1.62 8.37 1.36
C ILE A 8 -2.48 9.65 1.26
N ASN A 9 -2.81 10.02 0.01
CA ASN A 9 -3.64 11.19 -0.31
C ASN A 9 -5.09 10.98 0.16
N LYS A 10 -5.55 9.72 0.05
CA LYS A 10 -6.97 9.35 0.29
C LYS A 10 -7.27 9.41 1.81
N LEU A 11 -6.39 8.79 2.62
CA LEU A 11 -6.53 8.84 4.09
C LEU A 11 -5.99 10.17 4.66
N GLY A 12 -5.25 10.91 3.81
CA GLY A 12 -4.77 12.25 4.14
C GLY A 12 -3.39 12.26 4.79
N SER A 13 -2.84 11.06 5.11
CA SER A 13 -1.54 10.94 5.81
C SER A 13 -1.00 9.51 5.74
N VAL A 14 0.32 9.40 5.98
CA VAL A 14 1.06 8.14 6.11
C VAL A 14 0.91 7.60 7.53
N SER A 15 0.73 8.50 8.51
CA SER A 15 0.48 8.11 9.91
C SER A 15 -0.83 7.30 10.01
N ALA A 16 -1.88 7.79 9.30
CA ALA A 16 -3.17 7.09 9.20
C ALA A 16 -3.04 5.83 8.34
N LEU A 17 -2.37 5.96 7.16
CA LEU A 17 -2.26 4.87 6.18
C LEU A 17 -1.56 3.64 6.80
N ALA A 18 -0.36 3.87 7.34
CA ALA A 18 0.48 2.83 7.95
C ALA A 18 -0.19 2.18 9.16
N ALA A 19 -0.95 2.98 9.92
CA ALA A 19 -1.71 2.51 11.09
C ALA A 19 -2.80 1.49 10.66
N ALA A 20 -3.39 1.73 9.47
CA ALA A 20 -4.43 0.84 8.89
C ALA A 20 -3.80 -0.37 8.18
N LEU A 21 -2.58 -0.18 7.66
CA LEU A 21 -1.83 -1.23 6.92
C LEU A 21 -0.99 -2.09 7.88
N GLY A 22 -0.92 -1.67 9.16
CA GLY A 22 -0.23 -2.42 10.21
C GLY A 22 1.28 -2.48 10.02
N VAL A 23 1.82 -1.42 9.41
CA VAL A 23 3.26 -1.28 9.09
C VAL A 23 3.79 0.05 9.65
N ASN A 24 5.09 0.31 9.40
CA ASN A 24 5.74 1.56 9.80
C ASN A 24 5.37 2.70 8.83
N GLN A 25 5.59 3.92 9.29
CA GLN A 25 5.44 5.14 8.48
C GLN A 25 6.63 5.24 7.49
N SER A 26 7.81 4.73 7.95
CA SER A 26 9.01 4.63 7.13
C SER A 26 8.83 3.56 6.02
N ALA A 27 8.04 2.50 6.34
CA ALA A 27 7.73 1.41 5.39
C ALA A 27 6.91 1.93 4.19
N ILE A 28 5.94 2.82 4.47
CA ILE A 28 5.07 3.41 3.44
C ILE A 28 5.86 4.31 2.49
N SER A 29 6.82 5.06 3.04
CA SER A 29 7.74 5.91 2.27
C SER A 29 8.50 5.07 1.21
N GLN A 30 8.93 3.87 1.64
CA GLN A 30 9.67 2.92 0.79
C GLN A 30 8.75 2.31 -0.30
N TRP A 31 7.48 2.03 0.06
CA TRP A 31 6.47 1.52 -0.90
C TRP A 31 6.08 2.60 -1.91
N ARG A 32 6.12 3.87 -1.46
CA ARG A 32 5.78 5.05 -2.29
C ARG A 32 6.89 5.26 -3.33
N ALA A 33 8.13 4.92 -2.95
CA ALA A 33 9.29 5.05 -3.84
C ALA A 33 9.40 3.84 -4.78
N ARG A 34 8.98 2.67 -4.27
CA ARG A 34 9.00 1.41 -5.03
C ARG A 34 7.88 1.37 -6.07
N GLY A 35 6.76 2.05 -5.74
CA GLY A 35 5.56 2.03 -6.56
C GLY A 35 4.81 0.70 -6.52
N ARG A 36 5.15 -0.16 -5.52
CA ARG A 36 4.59 -1.52 -5.42
C ARG A 36 4.60 -1.98 -3.95
N VAL A 37 3.59 -2.78 -3.57
CA VAL A 37 3.45 -3.32 -2.19
C VAL A 37 3.90 -4.79 -2.13
N PRO A 38 4.25 -5.31 -0.89
CA PRO A 38 4.45 -6.74 -0.66
C PRO A 38 3.10 -7.50 -0.64
N ALA A 39 3.20 -8.84 -0.63
CA ALA A 39 2.06 -9.77 -0.70
C ALA A 39 0.97 -9.46 0.37
N GLY A 40 -0.30 -9.47 -0.07
CA GLY A 40 -1.48 -9.38 0.82
C GLY A 40 -1.97 -7.95 1.08
N ARG A 41 -1.08 -6.96 0.87
CA ARG A 41 -1.31 -5.57 1.32
C ARG A 41 -2.13 -4.74 0.30
N CYS A 42 -2.16 -5.20 -0.97
CA CYS A 42 -2.92 -4.50 -2.05
C CYS A 42 -4.41 -4.47 -1.73
N ILE A 43 -4.91 -5.49 -0.99
CA ILE A 43 -6.33 -5.57 -0.52
C ILE A 43 -6.78 -4.24 0.15
N ASP A 44 -5.95 -3.75 1.06
CA ASP A 44 -6.29 -2.61 1.94
C ASP A 44 -6.14 -1.29 1.17
N ILE A 45 -5.01 -1.17 0.45
CA ILE A 45 -4.75 -0.01 -0.41
C ILE A 45 -5.80 0.08 -1.54
N GLU A 46 -6.35 -1.08 -1.97
CA GLU A 46 -7.42 -1.17 -2.99
C GLU A 46 -8.73 -0.53 -2.45
N LEU A 47 -8.98 -0.72 -1.13
CA LEU A 47 -10.10 -0.04 -0.43
C LEU A 47 -10.04 1.48 -0.66
N TYR A 48 -8.82 2.02 -0.60
CA TYR A 48 -8.58 3.49 -0.70
C TYR A 48 -8.36 3.91 -2.17
N THR A 49 -8.04 2.94 -3.04
CA THR A 49 -7.89 3.15 -4.49
C THR A 49 -9.07 2.46 -5.21
N ASP A 50 -10.29 2.88 -4.81
CA ASP A 50 -11.59 2.26 -5.20
C ASP A 50 -12.04 2.58 -6.66
N GLY A 51 -11.10 2.48 -7.62
CA GLY A 51 -11.40 2.71 -9.04
C GLY A 51 -10.42 3.67 -9.69
N ARG A 52 -9.71 4.45 -8.86
CA ARG A 52 -8.75 5.46 -9.31
C ARG A 52 -7.51 4.80 -9.96
N VAL A 53 -6.97 3.80 -9.24
CA VAL A 53 -5.83 2.99 -9.71
C VAL A 53 -5.92 1.59 -9.06
N GLU A 54 -5.42 0.57 -9.76
CA GLU A 54 -5.28 -0.78 -9.24
C GLU A 54 -3.89 -0.94 -8.59
N CYS A 55 -3.86 -1.45 -7.35
CA CYS A 55 -2.61 -1.80 -6.66
C CYS A 55 -2.13 -3.18 -7.13
N ARG A 56 -0.81 -3.36 -7.20
CA ARG A 56 -0.18 -4.66 -7.52
C ARG A 56 0.70 -5.07 -6.35
N GLU A 57 0.37 -6.22 -5.75
CA GLU A 57 1.17 -6.84 -4.68
C GLU A 57 2.08 -7.91 -5.26
N LEU A 58 3.20 -8.13 -4.57
CA LEU A 58 4.18 -9.16 -4.92
C LEU A 58 3.63 -10.54 -4.56
N ARG A 59 4.22 -11.61 -5.14
CA ARG A 59 3.78 -13.00 -4.88
C ARG A 59 3.87 -13.36 -3.38
N PRO A 60 3.16 -14.44 -2.91
CA PRO A 60 3.26 -14.88 -1.51
C PRO A 60 4.69 -15.36 -1.21
N ASP A 61 5.09 -15.20 0.04
CA ASP A 61 6.46 -15.50 0.52
C ASP A 61 6.35 -16.44 1.71
N VAL A 62 5.69 -15.95 2.77
CA VAL A 62 5.40 -16.73 3.98
C VAL A 62 3.91 -16.59 4.32
N PHE A 63 3.08 -17.45 3.69
CA PHE A 63 1.62 -17.39 3.78
C PHE A 63 1.07 -18.73 4.30
N GLY A 64 0.79 -18.79 5.61
CA GLY A 64 0.25 -19.98 6.27
C GLY A 64 -1.04 -19.65 7.02
N ALA A 65 -2.04 -19.20 6.27
CA ALA A 65 -3.37 -18.85 6.80
C ALA A 65 -4.13 -20.13 7.25
N MET A 1 0.35 9.25 -7.83
CA MET A 1 1.54 8.72 -8.54
C MET A 1 1.39 7.20 -8.74
N ASN A 2 1.11 6.51 -7.64
CA ASN A 2 0.84 5.05 -7.62
C ASN A 2 -0.20 4.75 -6.55
N ALA A 3 -0.65 3.48 -6.51
CA ALA A 3 -1.63 2.98 -5.52
C ALA A 3 -1.31 3.43 -4.09
N ILE A 4 -0.06 3.27 -3.68
CA ILE A 4 0.38 3.54 -2.30
C ILE A 4 0.21 5.05 -2.00
N ASP A 5 0.57 5.88 -3.00
CA ASP A 5 0.52 7.36 -2.93
C ASP A 5 -0.93 7.88 -2.84
N ILE A 6 -1.80 7.25 -3.62
CA ILE A 6 -3.22 7.64 -3.73
C ILE A 6 -3.99 7.28 -2.44
N ALA A 7 -3.53 6.20 -1.77
CA ALA A 7 -4.09 5.79 -0.46
C ALA A 7 -3.64 6.75 0.66
N ILE A 8 -2.42 7.31 0.52
CA ILE A 8 -1.93 8.40 1.41
C ILE A 8 -2.87 9.60 1.35
N ASN A 9 -3.22 9.98 0.12
CA ASN A 9 -4.11 11.15 -0.14
C ASN A 9 -5.53 10.86 0.39
N LYS A 10 -6.00 9.63 0.15
CA LYS A 10 -7.39 9.21 0.45
C LYS A 10 -7.65 9.22 1.97
N LEU A 11 -6.64 8.81 2.76
CA LEU A 11 -6.74 8.83 4.24
C LEU A 11 -6.27 10.19 4.79
N GLY A 12 -5.45 10.91 4.01
CA GLY A 12 -4.92 12.21 4.42
C GLY A 12 -3.44 12.16 4.79
N SER A 13 -3.00 11.05 5.42
CA SER A 13 -1.62 10.91 5.91
C SER A 13 -1.09 9.47 5.81
N VAL A 14 0.25 9.37 5.92
CA VAL A 14 0.99 8.10 5.96
C VAL A 14 0.91 7.50 7.36
N SER A 15 0.73 8.36 8.38
CA SER A 15 0.48 7.93 9.76
C SER A 15 -0.87 7.19 9.86
N ALA A 16 -1.89 7.70 9.15
CA ALA A 16 -3.20 7.04 9.05
C ALA A 16 -3.09 5.76 8.19
N LEU A 17 -2.35 5.86 7.07
CA LEU A 17 -2.22 4.75 6.10
C LEU A 17 -1.50 3.54 6.73
N ALA A 18 -0.41 3.80 7.43
CA ALA A 18 0.45 2.77 8.01
C ALA A 18 -0.18 2.15 9.26
N ALA A 19 -1.00 2.93 10.00
CA ALA A 19 -1.80 2.42 11.12
C ALA A 19 -2.83 1.38 10.62
N ALA A 20 -3.42 1.69 9.46
CA ALA A 20 -4.42 0.83 8.80
C ALA A 20 -3.76 -0.40 8.13
N LEU A 21 -2.48 -0.24 7.73
CA LEU A 21 -1.68 -1.31 7.07
C LEU A 21 -0.81 -2.10 8.07
N GLY A 22 -0.79 -1.65 9.34
CA GLY A 22 -0.09 -2.36 10.44
C GLY A 22 1.43 -2.26 10.38
N VAL A 23 1.94 -1.30 9.57
CA VAL A 23 3.38 -1.02 9.39
C VAL A 23 3.73 0.37 9.94
N ASN A 24 5.00 0.80 9.79
CA ASN A 24 5.42 2.17 10.15
C ASN A 24 5.35 3.09 8.93
N GLN A 25 5.56 4.38 9.18
CA GLN A 25 5.44 5.45 8.18
C GLN A 25 6.55 5.34 7.11
N SER A 26 7.72 4.85 7.53
CA SER A 26 8.89 4.66 6.66
C SER A 26 8.66 3.52 5.64
N ALA A 27 7.87 2.49 6.05
CA ALA A 27 7.54 1.34 5.16
C ALA A 27 6.68 1.76 3.98
N ILE A 28 5.73 2.67 4.25
CA ILE A 28 4.81 3.21 3.22
C ILE A 28 5.59 4.01 2.17
N SER A 29 6.44 4.91 2.66
CA SER A 29 7.32 5.74 1.83
C SER A 29 8.27 4.86 0.98
N GLN A 30 8.64 3.71 1.55
CA GLN A 30 9.47 2.68 0.88
C GLN A 30 8.69 1.98 -0.23
N TRP A 31 7.44 1.58 0.05
CA TRP A 31 6.58 0.84 -0.91
C TRP A 31 6.17 1.74 -2.08
N ARG A 32 6.05 3.04 -1.78
CA ARG A 32 5.67 4.06 -2.75
C ARG A 32 6.85 4.37 -3.67
N ALA A 33 8.05 4.41 -3.10
CA ALA A 33 9.29 4.63 -3.87
C ALA A 33 9.61 3.38 -4.72
N ARG A 34 9.20 2.22 -4.21
CA ARG A 34 9.33 0.91 -4.87
C ARG A 34 8.28 0.77 -6.00
N GLY A 35 7.12 1.40 -5.79
CA GLY A 35 5.98 1.34 -6.72
C GLY A 35 5.24 0.02 -6.63
N ARG A 36 5.55 -0.76 -5.58
CA ARG A 36 5.06 -2.14 -5.39
C ARG A 36 5.03 -2.43 -3.88
N VAL A 37 3.97 -3.07 -3.40
CA VAL A 37 3.87 -3.50 -1.99
C VAL A 37 4.17 -5.00 -1.85
N PRO A 38 4.66 -5.46 -0.67
CA PRO A 38 4.67 -6.90 -0.28
C PRO A 38 3.27 -7.56 -0.38
N ALA A 39 3.26 -8.88 -0.57
CA ALA A 39 2.03 -9.66 -0.78
C ALA A 39 1.04 -9.50 0.40
N GLY A 40 -0.14 -8.91 0.14
CA GLY A 40 -1.20 -8.81 1.15
C GLY A 40 -1.79 -7.41 1.28
N ARG A 41 -0.92 -6.38 1.30
CA ARG A 41 -1.32 -4.99 1.61
C ARG A 41 -1.96 -4.27 0.43
N CYS A 42 -1.92 -4.87 -0.75
CA CYS A 42 -2.57 -4.30 -1.94
C CYS A 42 -4.10 -4.33 -1.79
N ILE A 43 -4.61 -5.28 -0.99
CA ILE A 43 -6.06 -5.38 -0.68
C ILE A 43 -6.57 -4.07 -0.05
N ASP A 44 -5.87 -3.63 1.02
CA ASP A 44 -6.28 -2.48 1.82
C ASP A 44 -6.04 -1.18 1.06
N ILE A 45 -4.87 -1.07 0.43
CA ILE A 45 -4.50 0.08 -0.39
C ILE A 45 -5.51 0.25 -1.56
N GLU A 46 -5.94 -0.88 -2.17
CA GLU A 46 -6.90 -0.87 -3.29
C GLU A 46 -8.32 -0.51 -2.80
N LEU A 47 -8.60 -0.76 -1.51
CA LEU A 47 -9.85 -0.35 -0.86
C LEU A 47 -9.91 1.19 -0.82
N TYR A 48 -8.74 1.84 -0.68
CA TYR A 48 -8.63 3.31 -0.67
C TYR A 48 -8.51 3.85 -2.11
N THR A 49 -7.96 3.04 -3.03
CA THR A 49 -7.77 3.43 -4.46
C THR A 49 -8.79 2.71 -5.35
N ASP A 50 -10.00 2.55 -4.77
CA ASP A 50 -11.10 1.68 -5.26
C ASP A 50 -11.39 1.84 -6.76
N GLY A 51 -11.55 3.09 -7.20
CA GLY A 51 -11.71 3.41 -8.62
C GLY A 51 -10.81 4.56 -9.01
N ARG A 52 -9.74 4.76 -8.22
CA ARG A 52 -8.76 5.83 -8.42
C ARG A 52 -7.58 5.35 -9.28
N VAL A 53 -6.97 4.21 -8.87
CA VAL A 53 -5.81 3.62 -9.59
C VAL A 53 -5.74 2.10 -9.33
N GLU A 54 -5.11 1.37 -10.27
CA GLU A 54 -4.85 -0.07 -10.15
C GLU A 54 -3.76 -0.31 -9.08
N CYS A 55 -4.06 -1.15 -8.08
CA CYS A 55 -3.09 -1.56 -7.06
C CYS A 55 -2.48 -2.93 -7.41
N ARG A 56 -1.21 -3.13 -6.99
CA ARG A 56 -0.46 -4.38 -7.24
C ARG A 56 0.49 -4.71 -6.08
N GLU A 57 0.53 -6.00 -5.73
CA GLU A 57 1.43 -6.56 -4.69
C GLU A 57 2.37 -7.60 -5.30
N LEU A 58 3.40 -7.96 -4.54
CA LEU A 58 4.28 -9.09 -4.89
C LEU A 58 3.54 -10.41 -4.68
N ARG A 59 4.01 -11.48 -5.32
CA ARG A 59 3.36 -12.80 -5.27
C ARG A 59 3.89 -13.62 -4.06
N PRO A 60 3.14 -14.66 -3.59
CA PRO A 60 3.60 -15.56 -2.48
C PRO A 60 4.85 -16.34 -2.90
N ASP A 61 4.93 -16.64 -4.20
CA ASP A 61 6.07 -17.30 -4.81
C ASP A 61 7.14 -16.25 -5.13
N VAL A 62 7.91 -15.89 -4.09
CA VAL A 62 9.14 -15.10 -4.22
C VAL A 62 10.37 -16.02 -4.02
N PHE A 63 10.13 -17.22 -3.46
CA PHE A 63 11.19 -18.19 -3.12
C PHE A 63 11.54 -19.09 -4.33
N GLY A 64 10.59 -19.19 -5.30
CA GLY A 64 10.78 -20.05 -6.49
C GLY A 64 10.13 -21.40 -6.31
N ALA A 65 10.45 -22.06 -5.19
CA ALA A 65 9.82 -23.32 -4.76
C ALA A 65 9.26 -23.13 -3.33
#